data_4J3F
#
_entry.id   4J3F
#
_cell.length_a   85.421
_cell.length_b   123.360
_cell.length_c   202.717
_cell.angle_alpha   90.00
_cell.angle_beta   90.00
_cell.angle_gamma   90.00
#
_symmetry.space_group_name_H-M   'P 21 21 21'
#
loop_
_entity.id
_entity.type
_entity.pdbx_description
1 polymer 'Enoyl-[acyl-carrier-protein] reductase [NADH]'
2 non-polymer 1-(4-methoxy-3-methylbenzyl)-5,6,7,8-tetrahydro-1H-naphtho[2,3-d]imidazole
3 non-polymer NICOTINAMIDE-ADENINE-DINUCLEOTIDE
4 non-polymer GLYCEROL
5 non-polymer 'ACETATE ION'
6 non-polymer 'SODIUM ION'
7 water water
#
_entity_poly.entity_id   1
_entity_poly.type   'polypeptide(L)'
_entity_poly.pdbx_seq_one_letter_code
;MGSSHHHHHHSSGLVPRGSHMGFLAGKKILITGLLSNKSIAYGIAKAMHREGAELAFTYVGQFKDRVEKLCAEFNPAAVL
PCDVISDQEIKDLFVELGKVWDGLDAIVHSIAFAPRDQLEGNFIDCVTREGFSIAHDISAYSFAALAKEGRSMMKNRNAS
MVALTYIGAEKAMPSYNTMGVAKASLEATVRYTALALGEDGIKVNAVSAGPIKTLAASGISNFKKMLDYNAMVSPLKKNV
DIMEVGNTVAFLCSDMATGITGEVVHVDAGYHCVSMGNVL
;
_entity_poly.pdbx_strand_id   A,B,C,D,E,F,G,H
#
loop_
_chem_comp.id
_chem_comp.type
_chem_comp.name
_chem_comp.formula
1JT non-polymer 1-(4-methoxy-3-methylbenzyl)-5,6,7,8-tetrahydro-1H-naphtho[2,3-d]imidazole 'C20 H22 N2 O'
ACT non-polymer 'ACETATE ION' 'C2 H3 O2 -1'
GOL non-polymer GLYCEROL 'C3 H8 O3'
NA non-polymer 'SODIUM ION' 'Na 1'
NAD non-polymer NICOTINAMIDE-ADENINE-DINUCLEOTIDE 'C21 H27 N7 O14 P2'
#
# COMPACT_ATOMS: atom_id res chain seq x y z
N GLY A 22 -21.99 -25.82 -29.52
CA GLY A 22 -21.65 -24.59 -28.73
C GLY A 22 -22.91 -23.98 -28.15
N PHE A 23 -22.79 -23.29 -27.00
CA PHE A 23 -23.98 -22.75 -26.32
C PHE A 23 -24.60 -21.49 -26.95
N LEU A 24 -23.98 -20.99 -28.02
CA LEU A 24 -24.56 -19.90 -28.82
C LEU A 24 -24.85 -20.32 -30.27
N ALA A 25 -24.89 -21.63 -30.51
CA ALA A 25 -25.04 -22.14 -31.88
C ALA A 25 -26.25 -21.53 -32.58
N GLY A 26 -26.00 -20.92 -33.73
CA GLY A 26 -27.08 -20.34 -34.54
C GLY A 26 -27.56 -18.96 -34.10
N LYS A 27 -27.10 -18.48 -32.96
CA LYS A 27 -27.49 -17.13 -32.52
C LYS A 27 -26.79 -16.05 -33.34
N LYS A 28 -27.55 -15.03 -33.73
CA LYS A 28 -27.03 -13.91 -34.53
C LYS A 28 -26.73 -12.75 -33.58
N ILE A 29 -25.46 -12.36 -33.50
CA ILE A 29 -25.02 -11.40 -32.47
C ILE A 29 -24.20 -10.29 -33.10
N LEU A 30 -24.55 -9.06 -32.74
CA LEU A 30 -23.86 -7.86 -33.20
C LEU A 30 -22.84 -7.44 -32.15
N ILE A 31 -21.58 -7.27 -32.57
CA ILE A 31 -20.53 -6.86 -31.63
C ILE A 31 -20.02 -5.49 -32.02
N THR A 32 -20.15 -4.53 -31.10
CA THR A 32 -19.56 -3.21 -31.27
C THR A 32 -18.21 -3.16 -30.56
N GLY A 33 -17.38 -2.19 -30.95
CA GLY A 33 -16.19 -1.86 -30.17
C GLY A 33 -14.93 -2.64 -30.48
N LEU A 34 -14.93 -3.44 -31.54
CA LEU A 34 -13.70 -4.15 -31.91
C LEU A 34 -12.74 -3.18 -32.61
N LEU A 35 -11.60 -2.92 -31.99
CA LEU A 35 -10.66 -1.94 -32.52
C LEU A 35 -9.24 -2.50 -32.69
N SER A 36 -8.82 -3.39 -31.79
CA SER A 36 -7.53 -4.11 -31.96
C SER A 36 -7.67 -5.52 -31.42
N ASN A 37 -6.66 -6.38 -31.63
CA ASN A 37 -6.69 -7.72 -31.01
C ASN A 37 -6.52 -7.68 -29.51
N LYS A 38 -6.37 -6.48 -28.94
CA LYS A 38 -6.38 -6.35 -27.47
C LYS A 38 -7.75 -5.92 -26.92
N SER A 39 -8.65 -5.48 -27.79
CA SER A 39 -10.00 -5.01 -27.38
C SER A 39 -10.76 -6.06 -26.57
N ILE A 40 -11.53 -5.61 -25.58
CA ILE A 40 -12.47 -6.52 -24.90
C ILE A 40 -13.39 -7.19 -25.93
N ALA A 41 -13.85 -6.41 -26.91
CA ALA A 41 -14.74 -6.96 -27.95
C ALA A 41 -14.06 -8.09 -28.74
N TYR A 42 -12.74 -8.05 -28.85
CA TYR A 42 -12.02 -9.17 -29.48
C TYR A 42 -12.19 -10.47 -28.69
N GLY A 43 -12.03 -10.40 -27.36
CA GLY A 43 -12.20 -11.58 -26.50
C GLY A 43 -13.63 -12.06 -26.55
N ILE A 44 -14.56 -11.12 -26.58
CA ILE A 44 -15.96 -11.47 -26.72
C ILE A 44 -16.19 -12.24 -28.05
N ALA A 45 -15.66 -11.69 -29.14
CA ALA A 45 -15.82 -12.33 -30.45
C ALA A 45 -15.24 -13.73 -30.44
N LYS A 46 -14.05 -13.88 -29.88
CA LYS A 46 -13.42 -15.19 -29.83
C LYS A 46 -14.28 -16.20 -29.07
N ALA A 47 -14.77 -15.80 -27.91
CA ALA A 47 -15.64 -16.67 -27.10
C ALA A 47 -16.92 -17.02 -27.84
N MET A 48 -17.53 -16.02 -28.46
CA MET A 48 -18.83 -16.26 -29.11
C MET A 48 -18.67 -17.09 -30.39
N HIS A 49 -17.59 -16.83 -31.11
CA HIS A 49 -17.29 -17.64 -32.30
C HIS A 49 -17.08 -19.09 -31.91
N ARG A 50 -16.31 -19.32 -30.85
CA ARG A 50 -16.07 -20.68 -30.32
C ARG A 50 -17.38 -21.39 -29.98
N GLU A 51 -18.34 -20.66 -29.42
CA GLU A 51 -19.63 -21.20 -29.01
C GLU A 51 -20.68 -21.23 -30.15
N GLY A 52 -20.24 -20.95 -31.38
CA GLY A 52 -21.06 -21.19 -32.56
C GLY A 52 -21.96 -20.04 -33.00
N ALA A 53 -21.79 -18.86 -32.41
CA ALA A 53 -22.53 -17.67 -32.80
C ALA A 53 -22.22 -17.23 -34.23
N GLU A 54 -23.22 -16.67 -34.90
CA GLU A 54 -23.00 -15.96 -36.16
C GLU A 54 -22.85 -14.48 -35.80
N LEU A 55 -21.75 -13.87 -36.28
CA LEU A 55 -21.38 -12.53 -35.83
C LEU A 55 -21.41 -11.43 -36.88
N ALA A 56 -21.72 -10.22 -36.44
CA ALA A 56 -21.62 -9.02 -37.26
C ALA A 56 -20.91 -7.98 -36.41
N PHE A 57 -20.22 -7.04 -37.06
CA PHE A 57 -19.37 -6.08 -36.38
C PHE A 57 -19.59 -4.67 -36.91
N THR A 58 -19.39 -3.70 -36.03
CA THR A 58 -19.43 -2.29 -36.42
C THR A 58 -18.06 -1.64 -36.29
N TYR A 59 -17.86 -0.51 -36.98
CA TYR A 59 -16.63 0.25 -36.87
C TYR A 59 -16.97 1.72 -36.96
N VAL A 60 -16.10 2.58 -36.45
CA VAL A 60 -16.29 4.02 -36.62
C VAL A 60 -15.48 4.50 -37.81
N GLY A 61 -16.13 5.31 -38.62
CA GLY A 61 -15.59 5.93 -39.83
C GLY A 61 -14.30 5.41 -40.41
N GLN A 62 -13.17 5.94 -39.96
CA GLN A 62 -11.87 5.68 -40.62
C GLN A 62 -11.33 4.25 -40.46
N PHE A 63 -11.85 3.53 -39.49
CA PHE A 63 -11.30 2.23 -39.12
C PHE A 63 -11.86 1.03 -39.91
N LYS A 64 -12.61 1.28 -40.99
CA LYS A 64 -13.18 0.19 -41.80
C LYS A 64 -12.18 -0.94 -42.13
N ASP A 65 -11.06 -0.61 -42.78
CA ASP A 65 -10.07 -1.62 -43.20
C ASP A 65 -9.47 -2.39 -42.01
N ARG A 66 -9.13 -1.67 -40.94
CA ARG A 66 -8.55 -2.27 -39.74
C ARG A 66 -9.49 -3.30 -39.11
N VAL A 67 -10.77 -2.95 -38.99
CA VAL A 67 -11.74 -3.84 -38.38
C VAL A 67 -12.06 -5.03 -39.28
N GLU A 68 -12.25 -4.79 -40.57
CA GLU A 68 -12.37 -5.87 -41.55
C GLU A 68 -11.28 -6.91 -41.37
N LYS A 69 -10.04 -6.45 -41.24
CA LYS A 69 -8.90 -7.35 -41.12
C LYS A 69 -8.98 -8.11 -39.80
N LEU A 70 -9.40 -7.42 -38.75
CA LEU A 70 -9.47 -8.03 -37.43
C LEU A 70 -10.54 -9.07 -37.29
N CYS A 71 -11.71 -8.86 -37.89
CA CYS A 71 -12.77 -9.83 -37.70
C CYS A 71 -12.89 -10.89 -38.77
N ALA A 72 -12.01 -10.86 -39.78
CA ALA A 72 -12.08 -11.86 -40.86
C ALA A 72 -12.11 -13.32 -40.35
N GLU A 73 -11.35 -13.60 -39.30
CA GLU A 73 -11.28 -14.94 -38.72
C GLU A 73 -12.62 -15.41 -38.11
N PHE A 74 -13.58 -14.50 -37.93
CA PHE A 74 -14.88 -14.89 -37.36
C PHE A 74 -15.93 -15.11 -38.43
N ASN A 75 -15.53 -15.03 -39.70
CA ASN A 75 -16.45 -15.20 -40.82
C ASN A 75 -17.71 -14.34 -40.61
N PRO A 76 -17.54 -13.02 -40.46
CA PRO A 76 -18.70 -12.19 -40.11
C PRO A 76 -19.74 -12.11 -41.20
N ALA A 77 -21.01 -12.04 -40.79
CA ALA A 77 -22.11 -11.86 -41.72
C ALA A 77 -22.18 -10.43 -42.26
N ALA A 78 -21.65 -9.47 -41.50
CA ALA A 78 -21.67 -8.05 -41.90
C ALA A 78 -20.62 -7.30 -41.12
N VAL A 79 -20.06 -6.26 -41.73
CA VAL A 79 -19.16 -5.35 -41.03
C VAL A 79 -19.60 -3.98 -41.49
N LEU A 80 -20.22 -3.24 -40.59
CA LEU A 80 -20.97 -2.05 -40.96
C LEU A 80 -20.53 -0.82 -40.16
N PRO A 81 -20.63 0.38 -40.79
CA PRO A 81 -20.23 1.61 -40.09
C PRO A 81 -21.25 1.93 -39.03
N CYS A 82 -20.80 2.28 -37.83
CA CYS A 82 -21.71 2.87 -36.85
C CYS A 82 -20.98 3.77 -35.86
N ASP A 83 -21.02 5.08 -36.09
CA ASP A 83 -20.53 6.03 -35.13
C ASP A 83 -21.75 6.40 -34.28
N VAL A 84 -21.73 6.03 -32.99
CA VAL A 84 -22.93 6.15 -32.18
C VAL A 84 -23.28 7.58 -31.80
N ILE A 85 -22.50 8.56 -32.25
CA ILE A 85 -22.93 9.97 -32.14
C ILE A 85 -24.12 10.24 -33.07
N SER A 86 -24.34 9.35 -34.04
CA SER A 86 -25.31 9.59 -35.09
C SER A 86 -26.55 8.71 -35.00
N ASP A 87 -27.71 9.33 -34.77
CA ASP A 87 -28.96 8.56 -34.83
C ASP A 87 -29.14 7.91 -36.18
N GLN A 88 -28.79 8.64 -37.25
CA GLN A 88 -29.02 8.09 -38.59
C GLN A 88 -28.16 6.84 -38.83
N GLU A 89 -26.91 6.88 -38.41
CA GLU A 89 -26.05 5.72 -38.58
C GLU A 89 -26.57 4.51 -37.79
N ILE A 90 -27.10 4.74 -36.60
CA ILE A 90 -27.68 3.65 -35.80
C ILE A 90 -28.91 3.07 -36.51
N LYS A 91 -29.78 3.95 -36.99
CA LYS A 91 -30.97 3.48 -37.72
C LYS A 91 -30.58 2.64 -38.95
N ASP A 92 -29.63 3.15 -39.73
CA ASP A 92 -29.18 2.46 -40.96
C ASP A 92 -28.41 1.18 -40.68
N LEU A 93 -27.80 1.06 -39.50
CA LEU A 93 -27.17 -0.20 -39.07
C LEU A 93 -28.20 -1.33 -39.07
N PHE A 94 -29.31 -1.09 -38.38
CA PHE A 94 -30.34 -2.13 -38.30
C PHE A 94 -31.10 -2.37 -39.59
N VAL A 95 -31.21 -1.35 -40.45
CA VAL A 95 -31.74 -1.58 -41.80
C VAL A 95 -30.84 -2.59 -42.54
N GLU A 96 -29.54 -2.35 -42.54
CA GLU A 96 -28.59 -3.23 -43.21
C GLU A 96 -28.49 -4.63 -42.60
N LEU A 97 -28.47 -4.70 -41.27
CA LEU A 97 -28.48 -5.99 -40.58
C LEU A 97 -29.74 -6.78 -40.92
N GLY A 98 -30.87 -6.08 -40.97
CA GLY A 98 -32.16 -6.67 -41.37
C GLY A 98 -32.18 -7.27 -42.77
N LYS A 99 -31.25 -6.86 -43.63
CA LYS A 99 -31.13 -7.43 -44.97
C LYS A 99 -30.40 -8.77 -44.99
N VAL A 100 -29.52 -9.01 -44.02
CA VAL A 100 -28.87 -10.33 -43.94
C VAL A 100 -29.53 -11.27 -42.94
N TRP A 101 -30.15 -10.72 -41.90
CA TRP A 101 -30.72 -11.52 -40.82
C TRP A 101 -32.19 -11.26 -40.62
N ASP A 102 -32.99 -12.30 -40.37
CA ASP A 102 -34.43 -12.11 -40.15
C ASP A 102 -34.82 -11.69 -38.73
N GLY A 103 -33.90 -11.85 -37.80
CA GLY A 103 -34.12 -11.52 -36.40
C GLY A 103 -32.72 -11.37 -35.82
N LEU A 104 -32.60 -10.78 -34.65
CA LEU A 104 -31.28 -10.55 -34.04
C LEU A 104 -31.33 -11.12 -32.63
N ASP A 105 -30.33 -11.91 -32.26
CA ASP A 105 -30.33 -12.51 -30.92
C ASP A 105 -29.74 -11.64 -29.84
N ALA A 106 -28.68 -10.90 -30.17
CA ALA A 106 -27.99 -10.10 -29.14
C ALA A 106 -27.22 -8.90 -29.69
N ILE A 107 -27.08 -7.88 -28.82
CA ILE A 107 -26.23 -6.72 -29.09
C ILE A 107 -25.23 -6.60 -27.95
N VAL A 108 -23.96 -6.54 -28.31
CA VAL A 108 -22.87 -6.34 -27.35
C VAL A 108 -22.37 -4.91 -27.51
N HIS A 109 -22.50 -4.13 -26.45
CA HIS A 109 -22.08 -2.73 -26.41
C HIS A 109 -20.74 -2.72 -25.71
N SER A 110 -19.69 -2.36 -26.44
CA SER A 110 -18.33 -2.36 -25.87
C SER A 110 -17.66 -1.10 -26.40
N ILE A 111 -18.28 0.03 -26.05
CA ILE A 111 -17.97 1.33 -26.60
C ILE A 111 -17.88 2.31 -25.45
N ALA A 112 -16.82 3.11 -25.42
CA ALA A 112 -16.77 4.26 -24.49
C ALA A 112 -15.92 5.36 -25.09
N PHE A 113 -16.24 6.59 -24.71
CA PHE A 113 -15.39 7.71 -25.04
C PHE A 113 -15.61 8.87 -24.07
N ALA A 114 -14.53 9.54 -23.69
CA ALA A 114 -14.61 10.89 -23.14
C ALA A 114 -13.41 11.65 -23.71
N PRO A 115 -13.53 12.99 -23.87
CA PRO A 115 -12.36 13.73 -24.36
C PRO A 115 -11.20 13.56 -23.39
N ARG A 116 -9.98 13.54 -23.91
CA ARG A 116 -8.77 13.31 -23.12
C ARG A 116 -8.71 14.15 -21.86
N ASP A 117 -9.14 15.41 -21.94
CA ASP A 117 -8.99 16.34 -20.80
C ASP A 117 -9.93 16.03 -19.62
N GLN A 118 -10.89 15.14 -19.86
CA GLN A 118 -11.80 14.71 -18.80
C GLN A 118 -11.13 13.73 -17.84
N LEU A 119 -10.14 12.99 -18.33
CA LEU A 119 -9.47 11.98 -17.51
C LEU A 119 -8.18 12.52 -16.95
N GLU A 120 -7.72 11.93 -15.86
CA GLU A 120 -6.53 12.39 -15.18
C GLU A 120 -6.73 13.79 -14.58
N GLY A 121 -6.00 14.05 -13.51
CA GLY A 121 -6.15 15.28 -12.76
C GLY A 121 -7.39 15.27 -11.88
N ASN A 122 -7.59 16.40 -11.21
CA ASN A 122 -8.67 16.54 -10.26
C ASN A 122 -9.99 16.61 -11.02
N PHE A 123 -10.99 15.86 -10.58
CA PHE A 123 -12.27 15.81 -11.31
C PHE A 123 -12.89 17.20 -11.49
N ILE A 124 -12.95 17.98 -10.40
CA ILE A 124 -13.60 19.30 -10.50
C ILE A 124 -12.77 20.29 -11.36
N ASP A 125 -11.44 20.24 -11.25
CA ASP A 125 -10.55 21.01 -12.14
C ASP A 125 -10.84 20.74 -13.62
N CYS A 126 -11.02 19.47 -13.95
CA CYS A 126 -11.01 19.01 -15.35
CA CYS A 126 -11.01 19.10 -15.36
C CYS A 126 -12.39 18.93 -16.00
N VAL A 127 -13.42 18.63 -15.20
CA VAL A 127 -14.75 18.42 -15.81
C VAL A 127 -15.22 19.68 -16.55
N THR A 128 -15.84 19.51 -17.72
CA THR A 128 -16.44 20.63 -18.46
C THR A 128 -17.82 20.19 -18.91
N ARG A 129 -18.67 21.17 -19.21
CA ARG A 129 -20.02 20.90 -19.67
C ARG A 129 -20.02 20.05 -20.95
N GLU A 130 -19.18 20.43 -21.90
CA GLU A 130 -19.13 19.71 -23.16
C GLU A 130 -18.52 18.31 -22.98
N GLY A 131 -17.46 18.21 -22.19
CA GLY A 131 -16.84 16.90 -21.92
C GLY A 131 -17.80 15.91 -21.28
N PHE A 132 -18.54 16.41 -20.30
CA PHE A 132 -19.58 15.66 -19.56
C PHE A 132 -20.64 15.17 -20.56
N SER A 133 -21.11 16.09 -21.39
CA SER A 133 -22.16 15.76 -22.38
C SER A 133 -21.70 14.70 -23.39
N ILE A 134 -20.52 14.89 -23.97
CA ILE A 134 -19.93 13.93 -24.92
C ILE A 134 -19.77 12.56 -24.27
N ALA A 135 -19.14 12.50 -23.10
CA ALA A 135 -18.92 11.25 -22.40
C ALA A 135 -20.23 10.47 -22.23
N HIS A 136 -21.27 11.18 -21.80
CA HIS A 136 -22.58 10.55 -21.56
C HIS A 136 -23.25 10.13 -22.86
N ASP A 137 -23.11 10.95 -23.89
CA ASP A 137 -23.73 10.65 -25.19
C ASP A 137 -23.17 9.33 -25.76
N ILE A 138 -21.85 9.25 -25.85
CA ILE A 138 -21.21 8.09 -26.46
C ILE A 138 -21.14 6.90 -25.51
N SER A 139 -20.89 7.16 -24.22
CA SER A 139 -20.70 6.04 -23.30
C SER A 139 -21.94 5.46 -22.66
N ALA A 140 -23.04 6.23 -22.64
CA ALA A 140 -24.26 5.76 -21.97
C ALA A 140 -25.48 5.80 -22.87
N TYR A 141 -25.77 6.95 -23.47
CA TYR A 141 -26.98 7.11 -24.27
C TYR A 141 -26.96 6.09 -25.43
N SER A 142 -25.78 5.88 -26.01
CA SER A 142 -25.65 4.95 -27.15
C SER A 142 -26.20 3.54 -26.85
N PHE A 143 -26.16 3.10 -25.59
CA PHE A 143 -26.76 1.84 -25.22
C PHE A 143 -28.29 1.85 -25.46
N ALA A 144 -28.96 2.89 -24.97
CA ALA A 144 -30.40 3.04 -25.21
C ALA A 144 -30.69 3.20 -26.71
N ALA A 145 -29.84 3.92 -27.42
CA ALA A 145 -30.03 4.17 -28.85
C ALA A 145 -30.01 2.84 -29.65
N LEU A 146 -29.04 1.97 -29.34
CA LEU A 146 -29.01 0.62 -29.95
C LEU A 146 -30.23 -0.20 -29.61
N ALA A 147 -30.67 -0.14 -28.34
CA ALA A 147 -31.89 -0.84 -27.91
C ALA A 147 -33.11 -0.35 -28.67
N LYS A 148 -33.23 0.96 -28.82
CA LYS A 148 -34.37 1.57 -29.51
C LYS A 148 -34.48 1.09 -30.96
N GLU A 149 -33.35 1.06 -31.67
CA GLU A 149 -33.37 0.67 -33.08
C GLU A 149 -33.30 -0.84 -33.29
N GLY A 150 -32.78 -1.56 -32.31
CA GLY A 150 -32.66 -3.02 -32.44
C GLY A 150 -33.84 -3.80 -31.91
N ARG A 151 -34.69 -3.13 -31.14
CA ARG A 151 -35.77 -3.81 -30.42
C ARG A 151 -36.63 -4.66 -31.36
N SER A 152 -37.00 -4.11 -32.51
CA SER A 152 -37.93 -4.84 -33.38
C SER A 152 -37.31 -6.16 -33.88
N MET A 153 -36.00 -6.19 -34.09
CA MET A 153 -35.35 -7.41 -34.55
C MET A 153 -35.16 -8.42 -33.43
N MET A 154 -35.15 -7.94 -32.18
CA MET A 154 -34.85 -8.76 -31.00
C MET A 154 -36.10 -9.30 -30.31
N LYS A 155 -37.28 -8.86 -30.73
CA LYS A 155 -38.54 -9.29 -30.11
C LYS A 155 -38.71 -10.80 -30.02
N ASN A 156 -39.15 -11.28 -28.86
CA ASN A 156 -39.67 -12.65 -28.67
C ASN A 156 -38.78 -13.77 -29.20
N ARG A 157 -37.51 -13.77 -28.81
CA ARG A 157 -36.61 -14.82 -29.20
C ARG A 157 -35.52 -15.03 -28.12
N ASN A 158 -35.88 -14.70 -26.88
CA ASN A 158 -34.95 -14.78 -25.74
C ASN A 158 -33.68 -14.01 -26.09
N ALA A 159 -33.85 -12.78 -26.56
CA ALA A 159 -32.71 -11.98 -27.01
C ALA A 159 -31.97 -11.36 -25.81
N SER A 160 -30.79 -10.79 -26.09
CA SER A 160 -29.91 -10.30 -25.03
C SER A 160 -29.19 -9.02 -25.43
N MET A 161 -28.88 -8.19 -24.42
CA MET A 161 -27.94 -7.09 -24.59
C MET A 161 -26.96 -7.16 -23.46
N VAL A 162 -25.70 -6.82 -23.73
CA VAL A 162 -24.70 -6.73 -22.68
C VAL A 162 -23.88 -5.47 -22.93
N ALA A 163 -23.68 -4.68 -21.87
CA ALA A 163 -22.80 -3.51 -21.90
C ALA A 163 -21.55 -3.80 -21.08
N LEU A 164 -20.43 -3.21 -21.46
CA LEU A 164 -19.22 -3.25 -20.63
C LEU A 164 -19.14 -2.05 -19.71
N THR A 165 -18.88 -2.28 -18.43
CA THR A 165 -18.78 -1.19 -17.47
C THR A 165 -17.58 -1.36 -16.54
N TYR A 166 -17.43 -0.46 -15.58
CA TYR A 166 -16.25 -0.47 -14.71
C TYR A 166 -16.69 0.03 -13.34
N ILE A 167 -16.01 -0.47 -12.31
CA ILE A 167 -16.30 -0.13 -10.90
C ILE A 167 -16.24 1.38 -10.58
N GLY A 168 -15.57 2.16 -11.42
CA GLY A 168 -15.59 3.62 -11.30
C GLY A 168 -17.00 4.22 -11.40
N ALA A 169 -17.95 3.46 -11.92
CA ALA A 169 -19.37 3.83 -11.82
C ALA A 169 -19.85 3.90 -10.37
N GLU A 170 -19.35 2.98 -9.53
CA GLU A 170 -19.86 2.78 -8.16
C GLU A 170 -19.12 3.58 -7.10
N LYS A 171 -17.83 3.79 -7.35
CA LYS A 171 -16.95 4.43 -6.40
C LYS A 171 -16.23 5.59 -7.07
N ALA A 172 -15.88 6.61 -6.29
CA ALA A 172 -15.00 7.67 -6.76
C ALA A 172 -13.58 7.13 -6.87
N MET A 173 -12.93 7.33 -8.01
CA MET A 173 -11.58 6.80 -8.22
C MET A 173 -10.70 7.90 -8.80
N PRO A 174 -9.38 7.88 -8.49
CA PRO A 174 -8.53 8.89 -9.14
C PRO A 174 -8.57 8.71 -10.66
N SER A 175 -8.46 9.81 -11.38
CA SER A 175 -8.33 9.85 -12.86
C SER A 175 -9.55 9.51 -13.68
N TYR A 176 -10.33 8.52 -13.25
CA TYR A 176 -11.41 8.02 -14.09
C TYR A 176 -12.47 9.09 -14.33
N ASN A 177 -12.66 9.95 -13.32
CA ASN A 177 -13.30 11.27 -13.48
C ASN A 177 -14.62 11.20 -14.24
N THR A 178 -14.74 11.93 -15.34
CA THR A 178 -16.01 11.99 -16.08
C THR A 178 -16.49 10.64 -16.60
N MET A 179 -15.54 9.76 -16.93
CA MET A 179 -15.91 8.40 -17.35
C MET A 179 -16.62 7.64 -16.22
N GLY A 180 -16.28 7.89 -14.96
CA GLY A 180 -16.92 7.18 -13.85
C GLY A 180 -18.38 7.61 -13.79
N VAL A 181 -18.61 8.91 -13.93
CA VAL A 181 -19.96 9.45 -13.93
C VAL A 181 -20.76 8.85 -15.10
N ALA A 182 -20.15 8.84 -16.29
CA ALA A 182 -20.82 8.29 -17.48
C ALA A 182 -21.13 6.79 -17.31
N LYS A 183 -20.24 6.03 -16.66
CA LYS A 183 -20.54 4.61 -16.39
C LYS A 183 -21.70 4.43 -15.42
N ALA A 184 -21.86 5.35 -14.46
CA ALA A 184 -23.00 5.24 -13.54
C ALA A 184 -24.29 5.46 -14.33
N SER A 185 -24.25 6.42 -15.25
CA SER A 185 -25.35 6.68 -16.16
C SER A 185 -25.59 5.43 -17.02
N LEU A 186 -24.54 4.85 -17.58
CA LEU A 186 -24.69 3.60 -18.34
C LEU A 186 -25.38 2.51 -17.51
N GLU A 187 -24.93 2.30 -16.27
CA GLU A 187 -25.55 1.23 -15.45
C GLU A 187 -27.03 1.47 -15.17
N ALA A 188 -27.42 2.73 -14.95
CA ALA A 188 -28.85 3.02 -14.76
C ALA A 188 -29.57 2.80 -16.07
N THR A 189 -28.92 3.15 -17.17
CA THR A 189 -29.52 2.95 -18.51
C THR A 189 -29.79 1.46 -18.77
N VAL A 190 -28.85 0.62 -18.34
CA VAL A 190 -29.02 -0.86 -18.41
C VAL A 190 -30.24 -1.33 -17.61
N ARG A 191 -30.38 -0.83 -16.38
CA ARG A 191 -31.55 -1.18 -15.56
C ARG A 191 -32.85 -0.73 -16.20
N TYR A 192 -32.92 0.53 -16.64
CA TYR A 192 -34.16 1.01 -17.29
C TYR A 192 -34.47 0.29 -18.61
N THR A 193 -33.41 -0.09 -19.32
CA THR A 193 -33.57 -0.83 -20.57
C THR A 193 -34.03 -2.24 -20.28
N ALA A 194 -33.50 -2.86 -19.21
CA ALA A 194 -33.99 -4.17 -18.78
C ALA A 194 -35.50 -4.12 -18.50
N LEU A 195 -35.92 -3.07 -17.82
CA LEU A 195 -37.34 -2.89 -17.53
C LEU A 195 -38.14 -2.69 -18.81
N ALA A 196 -37.65 -1.80 -19.68
CA ALA A 196 -38.37 -1.45 -20.91
C ALA A 196 -38.50 -2.60 -21.91
N LEU A 197 -37.49 -3.48 -21.94
CA LEU A 197 -37.44 -4.54 -22.95
C LEU A 197 -37.85 -5.93 -22.46
N GLY A 198 -38.04 -6.09 -21.15
CA GLY A 198 -38.30 -7.42 -20.58
C GLY A 198 -39.61 -8.03 -21.08
N GLU A 199 -40.58 -7.18 -21.41
CA GLU A 199 -41.88 -7.62 -21.93
C GLU A 199 -41.70 -8.30 -23.30
N ASP A 200 -40.60 -8.00 -23.97
CA ASP A 200 -40.28 -8.63 -25.26
C ASP A 200 -39.35 -9.82 -25.10
N GLY A 201 -39.14 -10.26 -23.86
CA GLY A 201 -38.27 -11.38 -23.55
C GLY A 201 -36.78 -11.05 -23.69
N ILE A 202 -36.42 -9.76 -23.78
CA ILE A 202 -35.01 -9.37 -24.01
C ILE A 202 -34.35 -9.14 -22.65
N LYS A 203 -33.27 -9.85 -22.35
CA LYS A 203 -32.55 -9.69 -21.08
C LYS A 203 -31.40 -8.72 -21.29
N VAL A 204 -31.05 -7.93 -20.28
CA VAL A 204 -30.21 -6.75 -20.52
C VAL A 204 -29.27 -6.62 -19.32
N ASN A 205 -27.97 -6.83 -19.52
CA ASN A 205 -27.06 -6.94 -18.36
C ASN A 205 -25.77 -6.22 -18.67
N ALA A 206 -24.90 -6.07 -17.67
CA ALA A 206 -23.58 -5.47 -17.90
C ALA A 206 -22.52 -6.33 -17.27
N VAL A 207 -21.33 -6.28 -17.85
CA VAL A 207 -20.16 -6.95 -17.26
C VAL A 207 -19.20 -5.84 -16.81
N SER A 208 -18.88 -5.83 -15.51
CA SER A 208 -17.96 -4.84 -14.96
C SER A 208 -16.57 -5.46 -14.89
N ALA A 209 -15.73 -5.09 -15.84
CA ALA A 209 -14.41 -5.72 -16.01
C ALA A 209 -13.38 -5.05 -15.13
N GLY A 210 -12.44 -5.83 -14.64
CA GLY A 210 -11.19 -5.27 -14.07
C GLY A 210 -10.40 -4.60 -15.19
N PRO A 211 -9.38 -3.80 -14.82
CA PRO A 211 -8.57 -3.10 -15.82
C PRO A 211 -7.82 -4.07 -16.71
N ILE A 212 -7.77 -3.73 -18.00
CA ILE A 212 -7.13 -4.54 -19.02
C ILE A 212 -6.39 -3.56 -19.94
N LYS A 213 -5.16 -3.90 -20.31
CA LYS A 213 -4.35 -3.00 -21.14
C LYS A 213 -4.83 -3.07 -22.59
N THR A 214 -5.81 -2.22 -22.92
CA THR A 214 -6.33 -2.13 -24.27
C THR A 214 -5.95 -0.76 -24.84
N LEU A 215 -6.46 -0.42 -26.02
CA LEU A 215 -6.22 0.92 -26.59
C LEU A 215 -6.80 2.03 -25.70
N ALA A 216 -7.92 1.75 -25.05
CA ALA A 216 -8.50 2.71 -24.09
C ALA A 216 -7.50 3.08 -22.97
N ALA A 217 -6.67 2.12 -22.58
CA ALA A 217 -5.62 2.33 -21.57
C ALA A 217 -4.43 3.15 -22.03
N SER A 218 -4.17 3.19 -23.34
CA SER A 218 -2.93 3.83 -23.85
C SER A 218 -2.75 5.31 -23.48
N GLY A 219 -3.86 6.05 -23.39
CA GLY A 219 -3.79 7.46 -23.00
C GLY A 219 -3.52 7.69 -21.51
N ILE A 220 -3.64 6.62 -20.71
CA ILE A 220 -3.55 6.76 -19.24
C ILE A 220 -2.13 6.53 -18.70
N SER A 221 -1.54 7.58 -18.15
CA SER A 221 -0.12 7.57 -17.72
C SER A 221 0.30 6.39 -16.84
N ASN A 222 -0.43 6.19 -15.76
CA ASN A 222 0.00 5.23 -14.75
C ASN A 222 -0.68 3.85 -14.88
N PHE A 223 -1.08 3.48 -16.10
CA PHE A 223 -2.02 2.35 -16.21
C PHE A 223 -1.48 1.08 -15.61
N LYS A 224 -0.19 0.82 -15.84
CA LYS A 224 0.43 -0.40 -15.39
C LYS A 224 0.32 -0.48 -13.88
N LYS A 225 0.28 0.66 -13.20
CA LYS A 225 0.29 0.66 -11.74
CA LYS A 225 0.29 0.66 -11.74
C LYS A 225 -1.09 0.30 -11.22
N MET A 226 -2.12 0.69 -11.96
CA MET A 226 -3.47 0.26 -11.65
C MET A 226 -3.63 -1.24 -11.80
N LEU A 227 -3.00 -1.81 -12.84
CA LEU A 227 -2.96 -3.25 -13.00
C LEU A 227 -2.20 -3.89 -11.85
N ASP A 228 -1.05 -3.33 -11.49
CA ASP A 228 -0.28 -3.89 -10.40
C ASP A 228 -1.12 -3.90 -9.12
N TYR A 229 -1.82 -2.80 -8.86
CA TYR A 229 -2.65 -2.74 -7.67
C TYR A 229 -3.73 -3.79 -7.69
N ASN A 230 -4.40 -3.95 -8.84
CA ASN A 230 -5.46 -4.95 -8.93
C ASN A 230 -4.93 -6.36 -8.64
N ALA A 231 -3.75 -6.70 -9.17
CA ALA A 231 -3.21 -8.04 -8.98
C ALA A 231 -2.80 -8.26 -7.54
N MET A 232 -2.46 -7.18 -6.82
CA MET A 232 -2.03 -7.34 -5.43
C MET A 232 -3.21 -7.50 -4.47
N VAL A 233 -4.25 -6.69 -4.67
CA VAL A 233 -5.31 -6.57 -3.69
C VAL A 233 -6.49 -7.51 -3.95
N SER A 234 -6.67 -7.95 -5.19
CA SER A 234 -7.81 -8.83 -5.49
C SER A 234 -7.64 -10.21 -4.84
N PRO A 235 -8.75 -10.83 -4.39
CA PRO A 235 -8.70 -12.15 -3.78
C PRO A 235 -7.96 -13.17 -4.65
N LEU A 236 -8.14 -13.13 -5.97
CA LEU A 236 -7.48 -14.10 -6.84
C LEU A 236 -6.03 -13.74 -7.24
N LYS A 237 -5.56 -12.58 -6.82
CA LYS A 237 -4.14 -12.20 -7.02
C LYS A 237 -3.70 -12.25 -8.49
N LYS A 238 -4.53 -11.74 -9.38
CA LYS A 238 -4.22 -11.73 -10.81
C LYS A 238 -5.02 -10.63 -11.50
N ASN A 239 -4.64 -10.33 -12.74
CA ASN A 239 -5.39 -9.44 -13.60
C ASN A 239 -6.28 -10.30 -14.50
N VAL A 240 -7.46 -9.80 -14.85
CA VAL A 240 -8.33 -10.53 -15.73
C VAL A 240 -7.91 -10.33 -17.19
N ASP A 241 -8.35 -11.20 -18.07
CA ASP A 241 -8.01 -11.06 -19.47
C ASP A 241 -9.27 -11.02 -20.30
N ILE A 242 -9.12 -10.71 -21.58
CA ILE A 242 -10.31 -10.52 -22.42
C ILE A 242 -11.10 -11.79 -22.60
N MET A 243 -10.46 -12.95 -22.44
CA MET A 243 -11.19 -14.22 -22.55
C MET A 243 -12.09 -14.47 -21.34
N GLU A 244 -11.61 -14.11 -20.15
CA GLU A 244 -12.46 -14.19 -18.95
C GLU A 244 -13.66 -13.27 -19.07
N VAL A 245 -13.43 -12.06 -19.58
CA VAL A 245 -14.55 -11.13 -19.82
C VAL A 245 -15.44 -11.65 -20.95
N GLY A 246 -14.80 -12.04 -22.06
CA GLY A 246 -15.52 -12.54 -23.23
C GLY A 246 -16.44 -13.72 -22.92
N ASN A 247 -15.92 -14.68 -22.15
CA ASN A 247 -16.70 -15.88 -21.83
C ASN A 247 -17.94 -15.54 -21.02
N THR A 248 -17.81 -14.54 -20.15
CA THR A 248 -18.95 -14.12 -19.33
C THR A 248 -20.00 -13.38 -20.16
N VAL A 249 -19.55 -12.51 -21.07
CA VAL A 249 -20.46 -11.84 -22.00
C VAL A 249 -21.18 -12.91 -22.83
N ALA A 250 -20.43 -13.88 -23.34
CA ALA A 250 -21.02 -15.02 -24.08
C ALA A 250 -22.11 -15.74 -23.29
N PHE A 251 -21.82 -16.06 -22.03
CA PHE A 251 -22.80 -16.70 -21.17
C PHE A 251 -24.07 -15.87 -21.05
N LEU A 252 -23.90 -14.56 -20.92
CA LEU A 252 -25.04 -13.67 -20.73
C LEU A 252 -25.87 -13.46 -22.01
N CYS A 253 -25.40 -14.00 -23.14
CA CYS A 253 -26.21 -14.02 -24.36
C CYS A 253 -26.76 -15.41 -24.67
N SER A 254 -26.70 -16.31 -23.70
CA SER A 254 -27.13 -17.69 -23.93
C SER A 254 -28.48 -17.96 -23.29
N ASP A 255 -29.11 -19.06 -23.71
CA ASP A 255 -30.38 -19.50 -23.13
C ASP A 255 -30.21 -19.96 -21.68
N MET A 256 -28.97 -20.23 -21.26
CA MET A 256 -28.70 -20.57 -19.87
C MET A 256 -28.94 -19.38 -18.94
N ALA A 257 -28.79 -18.16 -19.45
CA ALA A 257 -28.85 -16.96 -18.62
C ALA A 257 -30.23 -16.31 -18.62
N THR A 258 -31.26 -17.04 -19.07
CA THR A 258 -32.56 -16.38 -19.25
C THR A 258 -33.24 -15.95 -17.96
N GLY A 259 -32.71 -16.34 -16.80
CA GLY A 259 -33.23 -15.83 -15.51
C GLY A 259 -32.55 -14.54 -15.03
N ILE A 260 -31.59 -14.04 -15.81
CA ILE A 260 -30.73 -12.91 -15.38
C ILE A 260 -31.00 -11.64 -16.20
N THR A 261 -31.45 -10.58 -15.53
CA THR A 261 -31.57 -9.28 -16.20
C THR A 261 -31.37 -8.10 -15.23
N GLY A 262 -30.93 -6.96 -15.78
CA GLY A 262 -30.64 -5.76 -15.00
C GLY A 262 -29.46 -5.96 -14.07
N GLU A 263 -28.63 -6.97 -14.36
CA GLU A 263 -27.56 -7.35 -13.43
C GLU A 263 -26.22 -6.78 -13.88
N VAL A 264 -25.32 -6.52 -12.93
CA VAL A 264 -23.95 -6.16 -13.24
C VAL A 264 -23.08 -7.27 -12.66
N VAL A 265 -22.37 -7.99 -13.54
CA VAL A 265 -21.53 -9.09 -13.10
C VAL A 265 -20.08 -8.62 -13.12
N HIS A 266 -19.39 -8.63 -11.97
CA HIS A 266 -17.96 -8.20 -11.95
C HIS A 266 -17.05 -9.30 -12.37
N VAL A 267 -16.20 -9.01 -13.35
CA VAL A 267 -15.20 -9.95 -13.83
C VAL A 267 -13.86 -9.22 -13.59
N ASP A 268 -13.37 -9.32 -12.36
CA ASP A 268 -12.31 -8.44 -11.89
C ASP A 268 -11.44 -9.13 -10.85
N ALA A 269 -11.42 -10.46 -10.88
CA ALA A 269 -10.67 -11.27 -9.92
C ALA A 269 -11.07 -11.02 -8.45
N GLY A 270 -12.28 -10.49 -8.25
CA GLY A 270 -12.77 -10.20 -6.90
C GLY A 270 -12.44 -8.83 -6.35
N TYR A 271 -11.84 -7.97 -7.16
CA TYR A 271 -11.47 -6.61 -6.69
C TYR A 271 -12.67 -5.93 -5.98
N HIS A 272 -13.86 -6.08 -6.55
CA HIS A 272 -15.04 -5.37 -6.03
C HIS A 272 -15.46 -5.74 -4.62
N CYS A 273 -15.04 -6.90 -4.11
CA CYS A 273 -15.54 -7.39 -2.84
C CYS A 273 -14.63 -7.12 -1.64
N VAL A 274 -13.44 -6.59 -1.88
CA VAL A 274 -12.45 -6.35 -0.81
C VAL A 274 -12.31 -4.89 -0.42
N SER A 275 -11.75 -4.65 0.76
CA SER A 275 -11.34 -3.30 1.13
C SER A 275 -10.01 -3.37 1.89
N MET A 276 -9.12 -2.44 1.56
CA MET A 276 -7.80 -2.26 2.18
CA MET A 276 -7.82 -2.27 2.25
C MET A 276 -6.79 -3.36 1.88
N GLY A 277 -7.08 -4.60 2.28
CA GLY A 277 -6.11 -5.69 2.10
C GLY A 277 -4.98 -5.60 3.12
N ASN A 278 -4.08 -6.59 3.09
CA ASN A 278 -3.00 -6.68 4.06
C ASN A 278 -1.80 -5.79 3.74
N VAL A 279 -1.73 -5.37 2.49
CA VAL A 279 -0.61 -4.58 2.00
C VAL A 279 -1.11 -3.16 1.80
N LEU A 280 -0.83 -2.32 2.78
CA LEU A 280 -1.33 -0.94 2.79
C LEU A 280 -0.52 -0.02 1.89
N GLY B 22 -18.76 -31.07 -22.81
CA GLY B 22 -19.44 -30.14 -21.84
C GLY B 22 -18.44 -29.25 -21.13
N PHE B 23 -18.90 -28.07 -20.66
CA PHE B 23 -17.95 -27.12 -20.07
C PHE B 23 -17.48 -27.44 -18.65
N LEU B 24 -17.98 -28.54 -18.06
CA LEU B 24 -17.49 -29.03 -16.77
C LEU B 24 -16.89 -30.45 -16.91
N ALA B 25 -16.52 -30.84 -18.14
CA ALA B 25 -16.03 -32.20 -18.38
C ALA B 25 -14.91 -32.56 -17.42
N GLY B 26 -15.11 -33.65 -16.70
CA GLY B 26 -14.09 -34.20 -15.81
C GLY B 26 -13.95 -33.49 -14.47
N LYS B 27 -14.68 -32.40 -14.24
CA LYS B 27 -14.59 -31.70 -12.95
C LYS B 27 -15.34 -32.46 -11.85
N LYS B 28 -14.75 -32.55 -10.66
CA LYS B 28 -15.33 -33.30 -9.57
C LYS B 28 -16.02 -32.35 -8.61
N ILE B 29 -17.34 -32.46 -8.49
CA ILE B 29 -18.14 -31.48 -7.79
C ILE B 29 -19.06 -32.14 -6.78
N LEU B 30 -18.98 -31.64 -5.54
CA LEU B 30 -19.85 -32.05 -4.43
C LEU B 30 -21.06 -31.13 -4.35
N ILE B 31 -22.26 -31.73 -4.37
CA ILE B 31 -23.51 -30.98 -4.34
C ILE B 31 -24.22 -31.35 -3.04
N THR B 32 -24.46 -30.35 -2.19
CA THR B 32 -25.27 -30.54 -0.99
C THR B 32 -26.71 -30.10 -1.27
N GLY B 33 -27.64 -30.52 -0.40
CA GLY B 33 -29.01 -30.00 -0.48
C GLY B 33 -30.01 -30.58 -1.45
N LEU B 34 -29.68 -31.69 -2.12
CA LEU B 34 -30.65 -32.32 -3.01
C LEU B 34 -31.62 -33.13 -2.15
N LEU B 35 -32.88 -32.69 -2.10
CA LEU B 35 -33.87 -33.37 -1.27
C LEU B 35 -35.05 -33.93 -2.06
N SER B 36 -35.51 -33.20 -3.07
CA SER B 36 -36.53 -33.73 -3.98
C SER B 36 -36.20 -33.30 -5.42
N ASN B 37 -36.97 -33.79 -6.39
CA ASN B 37 -36.80 -33.36 -7.78
C ASN B 37 -37.23 -31.90 -8.04
N LYS B 38 -37.74 -31.26 -6.98
CA LYS B 38 -38.03 -29.83 -7.02
C LYS B 38 -36.90 -28.96 -6.45
N SER B 39 -35.96 -29.58 -5.73
CA SER B 39 -34.85 -28.85 -5.07
C SER B 39 -34.06 -28.04 -6.07
N ILE B 40 -33.59 -26.87 -5.64
CA ILE B 40 -32.68 -26.11 -6.48
C ILE B 40 -31.47 -27.00 -6.83
N ALA B 41 -30.98 -27.77 -5.86
CA ALA B 41 -29.81 -28.64 -6.10
C ALA B 41 -30.08 -29.69 -7.18
N TYR B 42 -31.36 -30.02 -7.41
CA TYR B 42 -31.70 -30.96 -8.49
C TYR B 42 -31.45 -30.29 -9.83
N GLY B 43 -31.84 -29.02 -9.98
CA GLY B 43 -31.55 -28.26 -11.20
C GLY B 43 -30.04 -28.10 -11.39
N ILE B 44 -29.34 -27.84 -10.28
CA ILE B 44 -27.87 -27.73 -10.35
C ILE B 44 -27.28 -29.07 -10.86
N ALA B 45 -27.73 -30.17 -10.27
CA ALA B 45 -27.26 -31.51 -10.67
C ALA B 45 -27.51 -31.77 -12.16
N LYS B 46 -28.73 -31.51 -12.63
CA LYS B 46 -29.04 -31.75 -14.05
C LYS B 46 -28.13 -30.95 -14.97
N ALA B 47 -27.95 -29.66 -14.67
CA ALA B 47 -27.11 -28.79 -15.49
C ALA B 47 -25.67 -29.29 -15.49
N MET B 48 -25.16 -29.62 -14.31
CA MET B 48 -23.76 -30.05 -14.17
C MET B 48 -23.52 -31.42 -14.82
N HIS B 49 -24.47 -32.34 -14.65
CA HIS B 49 -24.40 -33.66 -15.31
C HIS B 49 -24.40 -33.49 -16.82
N ARG B 50 -25.24 -32.58 -17.31
CA ARG B 50 -25.29 -32.30 -18.76
C ARG B 50 -23.94 -31.77 -19.27
N GLU B 51 -23.27 -30.96 -18.44
CA GLU B 51 -22.00 -30.36 -18.82
C GLU B 51 -20.77 -31.23 -18.50
N GLY B 52 -21.01 -32.48 -18.12
CA GLY B 52 -19.94 -33.48 -18.04
C GLY B 52 -19.23 -33.63 -16.68
N ALA B 53 -19.77 -33.00 -15.64
CA ALA B 53 -19.16 -33.07 -14.30
C ALA B 53 -19.32 -34.45 -13.70
N GLU B 54 -18.37 -34.84 -12.85
CA GLU B 54 -18.51 -36.05 -12.01
C GLU B 54 -19.00 -35.57 -10.66
N LEU B 55 -20.12 -36.12 -10.20
CA LEU B 55 -20.84 -35.53 -9.07
C LEU B 55 -20.86 -36.43 -7.85
N ALA B 56 -20.82 -35.83 -6.67
CA ALA B 56 -21.09 -36.54 -5.41
C ALA B 56 -22.15 -35.74 -4.67
N PHE B 57 -22.87 -36.39 -3.77
CA PHE B 57 -24.00 -35.77 -3.10
C PHE B 57 -23.96 -36.05 -1.62
N THR B 58 -24.53 -35.14 -0.83
CA THR B 58 -24.71 -35.37 0.59
C THR B 58 -26.19 -35.40 0.96
N TYR B 59 -26.50 -35.97 2.13
CA TYR B 59 -27.86 -35.99 2.65
C TYR B 59 -27.81 -35.85 4.17
N VAL B 60 -28.88 -35.32 4.77
CA VAL B 60 -29.05 -35.37 6.23
C VAL B 60 -29.64 -36.72 6.63
N GLY B 61 -29.04 -37.34 7.65
CA GLY B 61 -29.34 -38.71 8.09
C GLY B 61 -30.60 -39.42 7.63
N GLN B 62 -31.74 -38.96 8.13
CA GLN B 62 -33.05 -39.57 7.87
C GLN B 62 -33.42 -39.74 6.38
N PHE B 63 -32.83 -38.92 5.50
CA PHE B 63 -33.23 -38.88 4.09
C PHE B 63 -32.35 -39.73 3.16
N LYS B 64 -31.47 -40.55 3.74
CA LYS B 64 -30.57 -41.46 3.01
C LYS B 64 -31.22 -42.12 1.78
N ASP B 65 -32.31 -42.87 2.00
CA ASP B 65 -32.92 -43.68 0.92
C ASP B 65 -33.49 -42.84 -0.20
N ARG B 66 -34.20 -41.78 0.17
CA ARG B 66 -34.84 -40.83 -0.75
C ARG B 66 -33.80 -40.17 -1.66
N VAL B 67 -32.71 -39.73 -1.05
CA VAL B 67 -31.70 -39.00 -1.79
C VAL B 67 -30.91 -39.96 -2.69
N GLU B 68 -30.58 -41.13 -2.15
CA GLU B 68 -29.84 -42.12 -2.93
C GLU B 68 -30.55 -42.43 -4.23
N LYS B 69 -31.86 -42.66 -4.14
CA LYS B 69 -32.67 -42.94 -5.33
C LYS B 69 -32.69 -41.78 -6.31
N LEU B 70 -32.91 -40.57 -5.78
CA LEU B 70 -32.96 -39.36 -6.59
C LEU B 70 -31.67 -39.05 -7.32
N CYS B 71 -30.52 -39.18 -6.64
CA CYS B 71 -29.29 -38.79 -7.34
C CYS B 71 -28.66 -39.88 -8.17
N ALA B 72 -29.19 -41.10 -8.08
CA ALA B 72 -28.73 -42.22 -8.92
C ALA B 72 -28.75 -41.84 -10.42
N GLU B 73 -29.69 -41.01 -10.86
CA GLU B 73 -29.72 -40.63 -12.29
C GLU B 73 -28.49 -39.81 -12.74
N PHE B 74 -27.71 -39.32 -11.79
CA PHE B 74 -26.53 -38.52 -12.09
C PHE B 74 -25.22 -39.30 -12.01
N ASN B 75 -25.32 -40.64 -11.90
CA ASN B 75 -24.14 -41.51 -11.79
C ASN B 75 -23.13 -41.03 -10.75
N PRO B 76 -23.57 -40.82 -9.50
CA PRO B 76 -22.71 -40.20 -8.49
C PRO B 76 -21.52 -41.07 -8.10
N ALA B 77 -20.40 -40.40 -7.82
CA ALA B 77 -19.18 -41.05 -7.35
C ALA B 77 -19.33 -41.50 -5.90
N ALA B 78 -20.18 -40.81 -5.15
CA ALA B 78 -20.48 -41.12 -3.74
C ALA B 78 -21.75 -40.41 -3.35
N VAL B 79 -22.45 -40.98 -2.37
CA VAL B 79 -23.62 -40.35 -1.74
C VAL B 79 -23.41 -40.52 -0.24
N LEU B 80 -23.12 -39.40 0.45
CA LEU B 80 -22.58 -39.46 1.78
C LEU B 80 -23.38 -38.61 2.76
N PRO B 81 -23.47 -39.06 4.03
CA PRO B 81 -24.23 -38.30 5.02
C PRO B 81 -23.46 -37.04 5.39
N CYS B 82 -24.18 -35.94 5.58
CA CYS B 82 -23.57 -34.74 6.15
C CYS B 82 -24.64 -33.84 6.71
N ASP B 83 -24.85 -33.93 8.02
CA ASP B 83 -25.64 -32.94 8.75
C ASP B 83 -24.68 -31.82 9.20
N VAL B 84 -24.86 -30.62 8.65
CA VAL B 84 -23.86 -29.56 8.87
C VAL B 84 -23.90 -28.96 10.27
N ILE B 85 -24.81 -29.42 11.13
CA ILE B 85 -24.73 -29.07 12.56
C ILE B 85 -23.51 -29.70 13.22
N SER B 86 -22.97 -30.75 12.61
CA SER B 86 -21.91 -31.57 13.21
C SER B 86 -20.54 -31.34 12.58
N ASP B 87 -19.59 -30.82 13.35
CA ASP B 87 -18.20 -30.71 12.89
C ASP B 87 -17.63 -32.08 12.46
N GLN B 88 -17.97 -33.12 13.21
CA GLN B 88 -17.47 -34.47 12.93
C GLN B 88 -17.97 -35.02 11.59
N GLU B 89 -19.25 -34.84 11.31
CA GLU B 89 -19.81 -35.29 10.05
C GLU B 89 -19.19 -34.56 8.87
N ILE B 90 -18.93 -33.27 9.02
CA ILE B 90 -18.26 -32.52 7.94
C ILE B 90 -16.83 -33.03 7.74
N LYS B 91 -16.13 -33.27 8.84
CA LYS B 91 -14.79 -33.84 8.77
C LYS B 91 -14.82 -35.20 8.04
N ASP B 92 -15.73 -36.07 8.46
CA ASP B 92 -15.82 -37.42 7.89
C ASP B 92 -16.29 -37.42 6.44
N LEU B 93 -17.04 -36.39 6.05
CA LEU B 93 -17.42 -36.24 4.65
C LEU B 93 -16.20 -36.15 3.74
N PHE B 94 -15.26 -35.29 4.11
CA PHE B 94 -14.08 -35.12 3.28
C PHE B 94 -13.09 -36.28 3.37
N VAL B 95 -13.05 -36.95 4.53
CA VAL B 95 -12.28 -38.21 4.62
C VAL B 95 -12.80 -39.23 3.62
N GLU B 96 -14.10 -39.49 3.64
CA GLU B 96 -14.73 -40.44 2.71
C GLU B 96 -14.64 -40.02 1.25
N LEU B 97 -14.86 -38.74 0.97
CA LEU B 97 -14.73 -38.23 -0.39
C LEU B 97 -13.31 -38.41 -0.90
N GLY B 98 -12.33 -38.20 -0.03
CA GLY B 98 -10.91 -38.35 -0.38
C GLY B 98 -10.53 -39.79 -0.71
N LYS B 99 -11.36 -40.74 -0.30
CA LYS B 99 -11.10 -42.15 -0.64
C LYS B 99 -11.54 -42.43 -2.07
N VAL B 100 -12.47 -41.65 -2.59
CA VAL B 100 -12.92 -41.86 -3.97
C VAL B 100 -12.28 -40.87 -4.96
N TRP B 101 -11.92 -39.66 -4.49
CA TRP B 101 -11.34 -38.60 -5.34
C TRP B 101 -10.00 -38.10 -4.85
N ASP B 102 -9.07 -37.89 -5.76
CA ASP B 102 -7.73 -37.37 -5.43
C ASP B 102 -7.71 -35.85 -5.22
N GLY B 103 -8.82 -35.20 -5.53
CA GLY B 103 -8.94 -33.74 -5.47
C GLY B 103 -10.40 -33.40 -5.73
N LEU B 104 -10.75 -32.13 -5.50
CA LEU B 104 -12.13 -31.70 -5.59
C LEU B 104 -12.15 -30.38 -6.35
N ASP B 105 -12.98 -30.30 -7.37
CA ASP B 105 -13.08 -29.05 -8.14
C ASP B 105 -14.07 -28.02 -7.59
N ALA B 106 -15.21 -28.46 -7.06
CA ALA B 106 -16.16 -27.50 -6.53
C ALA B 106 -17.04 -28.04 -5.40
N ILE B 107 -17.53 -27.13 -4.57
CA ILE B 107 -18.54 -27.44 -3.58
C ILE B 107 -19.73 -26.52 -3.83
N VAL B 108 -20.92 -27.11 -3.96
CA VAL B 108 -22.16 -26.35 -4.07
C VAL B 108 -22.91 -26.44 -2.73
N HIS B 109 -23.17 -25.27 -2.13
CA HIS B 109 -23.90 -25.14 -0.88
C HIS B 109 -25.30 -24.73 -1.22
N SER B 110 -26.26 -25.62 -0.99
CA SER B 110 -27.66 -25.36 -1.28
C SER B 110 -28.44 -25.83 -0.07
N ILE B 111 -28.12 -25.22 1.08
CA ILE B 111 -28.60 -25.68 2.38
C ILE B 111 -29.08 -24.44 3.15
N ALA B 112 -30.26 -24.52 3.76
CA ALA B 112 -30.75 -23.48 4.66
C ALA B 112 -31.70 -24.07 5.68
N PHE B 113 -31.75 -23.50 6.87
CA PHE B 113 -32.75 -23.85 7.87
C PHE B 113 -32.92 -22.75 8.90
N ALA B 114 -34.18 -22.51 9.26
CA ALA B 114 -34.50 -21.78 10.48
C ALA B 114 -35.70 -22.49 11.08
N PRO B 115 -35.81 -22.51 12.44
CA PRO B 115 -37.01 -23.08 13.04
C PRO B 115 -38.24 -22.37 12.48
N ARG B 116 -39.33 -23.13 12.29
CA ARG B 116 -40.59 -22.59 11.73
C ARG B 116 -41.03 -21.29 12.37
N ASP B 117 -40.88 -21.17 13.69
CA ASP B 117 -41.39 -20.00 14.43
C ASP B 117 -40.64 -18.71 14.12
N GLN B 118 -39.54 -18.83 13.40
CA GLN B 118 -38.75 -17.66 13.07
C GLN B 118 -39.40 -16.90 11.92
N LEU B 119 -40.01 -17.67 11.00
CA LEU B 119 -40.59 -17.17 9.78
C LEU B 119 -42.04 -16.84 9.99
N GLU B 120 -42.58 -16.00 9.12
CA GLU B 120 -43.94 -15.47 9.26
C GLU B 120 -44.14 -14.70 10.60
N GLY B 121 -45.08 -13.78 10.61
CA GLY B 121 -45.24 -12.89 11.76
C GLY B 121 -44.22 -11.77 11.77
N ASN B 122 -44.41 -10.87 12.73
CA ASN B 122 -43.54 -9.71 12.91
C ASN B 122 -42.15 -10.20 13.34
N PHE B 123 -41.09 -9.67 12.72
CA PHE B 123 -39.72 -10.11 13.02
C PHE B 123 -39.36 -10.04 14.51
N ILE B 124 -39.61 -8.89 15.12
CA ILE B 124 -39.26 -8.71 16.53
C ILE B 124 -40.14 -9.57 17.46
N ASP B 125 -41.43 -9.70 17.15
CA ASP B 125 -42.28 -10.67 17.87
C ASP B 125 -41.72 -12.08 17.88
N CYS B 126 -41.29 -12.54 16.69
CA CYS B 126 -40.98 -13.93 16.45
C CYS B 126 -39.51 -14.33 16.73
N VAL B 127 -38.58 -13.40 16.55
CA VAL B 127 -37.14 -13.76 16.65
C VAL B 127 -36.80 -14.22 18.07
N THR B 128 -35.97 -15.25 18.20
CA THR B 128 -35.50 -15.69 19.51
C THR B 128 -34.01 -15.90 19.42
N ARG B 129 -33.33 -15.86 20.56
CA ARG B 129 -31.87 -16.04 20.58
C ARG B 129 -31.47 -17.40 19.99
N GLU B 130 -32.18 -18.46 20.40
CA GLU B 130 -31.82 -19.79 19.89
C GLU B 130 -32.15 -19.93 18.40
N GLY B 131 -33.30 -19.41 17.99
CA GLY B 131 -33.73 -19.42 16.58
C GLY B 131 -32.72 -18.73 15.67
N PHE B 132 -32.26 -17.56 16.11
CA PHE B 132 -31.29 -16.75 15.39
C PHE B 132 -30.00 -17.57 15.27
N SER B 133 -29.58 -18.19 16.38
CA SER B 133 -28.32 -18.96 16.45
C SER B 133 -28.32 -20.17 15.49
N ILE B 134 -29.41 -20.94 15.52
CA ILE B 134 -29.59 -22.11 14.68
C ILE B 134 -29.62 -21.69 13.20
N ALA B 135 -30.41 -20.67 12.89
CA ALA B 135 -30.51 -20.20 11.50
C ALA B 135 -29.13 -19.83 10.94
N HIS B 136 -28.34 -19.14 11.75
CA HIS B 136 -27.00 -18.72 11.33
C HIS B 136 -26.06 -19.89 11.22
N ASP B 137 -26.14 -20.83 12.16
CA ASP B 137 -25.29 -22.02 12.20
C ASP B 137 -25.47 -22.86 10.92
N ILE B 138 -26.72 -23.21 10.62
CA ILE B 138 -26.99 -24.08 9.48
C ILE B 138 -26.92 -23.33 8.14
N SER B 139 -27.39 -22.09 8.13
CA SER B 139 -27.52 -21.37 6.86
C SER B 139 -26.30 -20.59 6.45
N ALA B 140 -25.41 -20.26 7.39
CA ALA B 140 -24.26 -19.41 7.09
C ALA B 140 -22.92 -20.02 7.51
N TYR B 141 -22.75 -20.30 8.80
CA TYR B 141 -21.51 -20.93 9.27
C TYR B 141 -21.14 -22.17 8.43
N SER B 142 -22.15 -22.95 8.08
CA SER B 142 -21.88 -24.22 7.37
C SER B 142 -21.13 -24.03 6.06
N PHE B 143 -21.30 -22.86 5.43
CA PHE B 143 -20.53 -22.57 4.21
C PHE B 143 -19.03 -22.47 4.54
N ALA B 144 -18.69 -21.74 5.59
CA ALA B 144 -17.30 -21.64 6.04
C ALA B 144 -16.77 -23.02 6.46
N ALA B 145 -17.64 -23.81 7.11
CA ALA B 145 -17.27 -25.15 7.60
C ALA B 145 -16.84 -26.08 6.47
N LEU B 146 -17.61 -26.06 5.38
CA LEU B 146 -17.30 -26.87 4.21
C LEU B 146 -16.02 -26.37 3.54
N ALA B 147 -15.85 -25.04 3.53
CA ALA B 147 -14.64 -24.43 2.96
C ALA B 147 -13.43 -24.85 3.78
N LYS B 148 -13.54 -24.74 5.10
CA LYS B 148 -12.45 -25.18 5.99
C LYS B 148 -12.02 -26.63 5.77
N GLU B 149 -12.99 -27.54 5.65
CA GLU B 149 -12.66 -28.96 5.56
C GLU B 149 -12.36 -29.44 4.14
N GLY B 150 -12.91 -28.73 3.14
CA GLY B 150 -12.67 -29.05 1.74
C GLY B 150 -11.44 -28.40 1.13
N ARG B 151 -10.90 -27.39 1.79
CA ARG B 151 -9.84 -26.58 1.20
C ARG B 151 -8.65 -27.38 0.70
N SER B 152 -8.22 -28.37 1.49
CA SER B 152 -7.00 -29.12 1.11
C SER B 152 -7.18 -29.90 -0.20
N MET B 153 -8.40 -30.37 -0.46
CA MET B 153 -8.71 -31.06 -1.72
C MET B 153 -8.88 -30.13 -2.92
N MET B 154 -9.17 -28.86 -2.63
CA MET B 154 -9.51 -27.88 -3.65
C MET B 154 -8.33 -27.02 -4.10
N LYS B 155 -7.19 -27.14 -3.42
CA LYS B 155 -6.00 -26.31 -3.72
C LYS B 155 -5.52 -26.39 -5.16
N ASN B 156 -5.21 -25.23 -5.73
CA ASN B 156 -4.45 -25.13 -6.97
C ASN B 156 -5.00 -25.93 -8.16
N ARG B 157 -6.31 -25.81 -8.39
CA ARG B 157 -6.95 -26.43 -9.56
C ARG B 157 -8.10 -25.60 -10.11
N ASN B 158 -8.00 -24.27 -9.96
CA ASN B 158 -9.08 -23.37 -10.36
C ASN B 158 -10.41 -23.88 -9.79
N ALA B 159 -10.41 -24.19 -8.49
CA ALA B 159 -11.59 -24.77 -7.85
C ALA B 159 -12.65 -23.70 -7.57
N SER B 160 -13.85 -24.12 -7.16
CA SER B 160 -14.99 -23.19 -7.02
C SER B 160 -15.89 -23.56 -5.84
N MET B 161 -16.53 -22.56 -5.25
CA MET B 161 -17.65 -22.80 -4.34
C MET B 161 -18.78 -21.87 -4.76
N VAL B 162 -20.01 -22.35 -4.63
CA VAL B 162 -21.16 -21.50 -4.90
C VAL B 162 -22.16 -21.72 -3.77
N ALA B 163 -22.71 -20.63 -3.22
CA ALA B 163 -23.80 -20.74 -2.24
C ALA B 163 -25.09 -20.19 -2.86
N LEU B 164 -26.23 -20.70 -2.41
CA LEU B 164 -27.54 -20.15 -2.81
C LEU B 164 -28.04 -19.15 -1.78
N THR B 165 -28.50 -18.00 -2.26
CA THR B 165 -28.95 -16.97 -1.34
C THR B 165 -30.21 -16.36 -1.88
N TYR B 166 -30.71 -15.33 -1.20
CA TYR B 166 -31.99 -14.71 -1.55
C TYR B 166 -31.94 -13.23 -1.17
N ILE B 167 -32.66 -12.41 -1.94
CA ILE B 167 -32.68 -10.95 -1.82
C ILE B 167 -33.11 -10.47 -0.41
N GLY B 168 -33.71 -11.36 0.37
CA GLY B 168 -34.05 -11.03 1.78
C GLY B 168 -32.82 -10.74 2.62
N ALA B 169 -31.66 -11.11 2.09
CA ALA B 169 -30.37 -10.76 2.69
C ALA B 169 -30.16 -9.26 2.63
N GLU B 170 -30.64 -8.63 1.54
CA GLU B 170 -30.33 -7.25 1.22
C GLU B 170 -31.37 -6.25 1.70
N LYS B 171 -32.61 -6.72 1.76
CA LYS B 171 -33.74 -5.84 2.05
C LYS B 171 -34.59 -6.51 3.13
N ALA B 172 -35.29 -5.70 3.92
CA ALA B 172 -36.24 -6.26 4.89
C ALA B 172 -37.48 -6.69 4.12
N MET B 173 -37.97 -7.89 4.38
CA MET B 173 -39.15 -8.39 3.63
C MET B 173 -40.11 -9.01 4.63
N PRO B 174 -41.41 -9.03 4.33
CA PRO B 174 -42.31 -9.70 5.26
C PRO B 174 -41.97 -11.20 5.36
N SER B 175 -42.22 -11.80 6.53
CA SER B 175 -42.10 -13.25 6.75
C SER B 175 -40.68 -13.83 6.79
N TYR B 176 -39.80 -13.37 5.90
CA TYR B 176 -38.48 -14.01 5.73
C TYR B 176 -37.62 -13.89 6.98
N ASN B 177 -37.78 -12.75 7.70
CA ASN B 177 -37.38 -12.62 9.11
C ASN B 177 -35.98 -13.12 9.39
N THR B 178 -35.85 -14.11 10.28
CA THR B 178 -34.54 -14.56 10.72
C THR B 178 -33.71 -15.13 9.56
N MET B 179 -34.41 -15.69 8.57
CA MET B 179 -33.70 -16.22 7.40
C MET B 179 -33.04 -15.12 6.58
N GLY B 180 -33.66 -13.94 6.52
CA GLY B 180 -33.03 -12.80 5.83
C GLY B 180 -31.73 -12.40 6.48
N VAL B 181 -31.77 -12.36 7.82
CA VAL B 181 -30.57 -12.01 8.59
C VAL B 181 -29.50 -13.07 8.35
N ALA B 182 -29.88 -14.36 8.40
CA ALA B 182 -28.93 -15.44 8.16
C ALA B 182 -28.31 -15.40 6.75
N LYS B 183 -29.11 -15.02 5.76
CA LYS B 183 -28.60 -14.88 4.40
C LYS B 183 -27.64 -13.69 4.28
N ALA B 184 -27.90 -12.59 5.00
CA ALA B 184 -26.92 -11.51 5.02
C ALA B 184 -25.60 -12.03 5.59
N SER B 185 -25.68 -12.83 6.65
CA SER B 185 -24.47 -13.44 7.25
C SER B 185 -23.77 -14.36 6.22
N LEU B 186 -24.56 -15.17 5.53
CA LEU B 186 -24.03 -16.01 4.45
C LEU B 186 -23.32 -15.22 3.34
N GLU B 187 -23.93 -14.13 2.87
CA GLU B 187 -23.28 -13.34 1.80
C GLU B 187 -21.93 -12.75 2.25
N ALA B 188 -21.86 -12.25 3.50
CA ALA B 188 -20.56 -11.81 4.06
C ALA B 188 -19.59 -12.96 4.16
N THR B 189 -20.09 -14.13 4.57
CA THR B 189 -19.24 -15.33 4.71
C THR B 189 -18.65 -15.68 3.34
N VAL B 190 -19.47 -15.57 2.29
CA VAL B 190 -18.99 -15.78 0.91
C VAL B 190 -17.85 -14.81 0.54
N ARG B 191 -18.02 -13.52 0.84
CA ARG B 191 -16.93 -12.55 0.57
C ARG B 191 -15.65 -12.84 1.36
N TYR B 192 -15.78 -13.09 2.66
CA TYR B 192 -14.57 -13.39 3.48
C TYR B 192 -13.93 -14.72 3.06
N THR B 193 -14.74 -15.67 2.61
CA THR B 193 -14.24 -16.94 2.08
C THR B 193 -13.52 -16.73 0.76
N ALA B 194 -14.09 -15.89 -0.12
CA ALA B 194 -13.41 -15.53 -1.37
C ALA B 194 -12.01 -14.96 -1.09
N LEU B 195 -11.93 -14.04 -0.13
CA LEU B 195 -10.63 -13.46 0.30
C LEU B 195 -9.71 -14.55 0.85
N ALA B 196 -10.24 -15.38 1.74
CA ALA B 196 -9.44 -16.42 2.41
C ALA B 196 -8.89 -17.49 1.47
N LEU B 197 -9.66 -17.83 0.43
CA LEU B 197 -9.31 -18.97 -0.41
C LEU B 197 -8.70 -18.60 -1.75
N GLY B 198 -8.69 -17.31 -2.06
CA GLY B 198 -8.27 -16.82 -3.39
C GLY B 198 -6.80 -17.08 -3.66
N GLU B 199 -5.99 -17.04 -2.61
CA GLU B 199 -4.57 -17.39 -2.72
C GLU B 199 -4.33 -18.82 -3.27
N ASP B 200 -5.32 -19.71 -3.08
CA ASP B 200 -5.26 -21.12 -3.54
C ASP B 200 -5.97 -21.33 -4.87
N GLY B 201 -6.37 -20.22 -5.50
CA GLY B 201 -7.00 -20.20 -6.82
C GLY B 201 -8.47 -20.59 -6.75
N ILE B 202 -9.04 -20.59 -5.56
CA ILE B 202 -10.44 -21.02 -5.38
C ILE B 202 -11.33 -19.78 -5.50
N LYS B 203 -12.29 -19.79 -6.44
CA LYS B 203 -13.26 -18.69 -6.57
C LYS B 203 -14.55 -19.04 -5.82
N VAL B 204 -15.21 -18.03 -5.29
CA VAL B 204 -16.24 -18.26 -4.27
C VAL B 204 -17.35 -17.25 -4.51
N ASN B 205 -18.54 -17.74 -4.92
CA ASN B 205 -19.62 -16.85 -5.36
C ASN B 205 -20.96 -17.31 -4.80
N ALA B 206 -21.99 -16.48 -5.00
CA ALA B 206 -23.36 -16.82 -4.61
C ALA B 206 -24.30 -16.53 -5.77
N VAL B 207 -25.38 -17.31 -5.81
CA VAL B 207 -26.47 -17.07 -6.75
C VAL B 207 -27.68 -16.73 -5.89
N SER B 208 -28.25 -15.55 -6.15
CA SER B 208 -29.42 -15.11 -5.43
C SER B 208 -30.63 -15.45 -6.29
N ALA B 209 -31.33 -16.53 -5.95
CA ALA B 209 -32.42 -17.04 -6.78
C ALA B 209 -33.71 -16.31 -6.45
N GLY B 210 -34.54 -16.09 -7.45
CA GLY B 210 -35.94 -15.67 -7.14
C GLY B 210 -36.68 -16.84 -6.47
N PRO B 211 -37.89 -16.59 -5.94
CA PRO B 211 -38.61 -17.68 -5.25
C PRO B 211 -38.96 -18.84 -6.19
N ILE B 212 -38.85 -20.04 -5.67
CA ILE B 212 -39.15 -21.26 -6.41
C ILE B 212 -39.90 -22.20 -5.45
N LYS B 213 -40.96 -22.84 -5.93
CA LYS B 213 -41.80 -23.70 -5.08
C LYS B 213 -41.13 -25.04 -4.83
N THR B 214 -40.27 -25.07 -3.83
CA THR B 214 -39.54 -26.27 -3.45
C THR B 214 -40.10 -26.70 -2.11
N LEU B 215 -39.50 -27.71 -1.50
CA LEU B 215 -39.92 -28.13 -0.16
C LEU B 215 -39.73 -27.04 0.91
N ALA B 216 -38.73 -26.19 0.72
CA ALA B 216 -38.55 -24.99 1.55
C ALA B 216 -39.80 -24.09 1.56
N ALA B 217 -40.51 -24.02 0.44
CA ALA B 217 -41.75 -23.24 0.32
C ALA B 217 -42.94 -23.82 1.08
N SER B 218 -42.91 -25.12 1.33
CA SER B 218 -44.11 -25.80 1.80
C SER B 218 -44.58 -25.35 3.20
N GLY B 219 -43.68 -24.78 4.00
CA GLY B 219 -44.10 -24.20 5.28
C GLY B 219 -44.81 -22.85 5.18
N ILE B 220 -44.71 -22.20 4.02
CA ILE B 220 -45.04 -20.79 3.89
C ILE B 220 -46.44 -20.61 3.29
N SER B 221 -47.37 -20.13 4.11
CA SER B 221 -48.80 -20.07 3.74
C SER B 221 -49.13 -19.35 2.41
N ASN B 222 -48.64 -18.13 2.20
CA ASN B 222 -48.98 -17.43 0.94
C ASN B 222 -47.86 -17.45 -0.11
N PHE B 223 -47.15 -18.57 -0.18
CA PHE B 223 -45.97 -18.63 -1.04
C PHE B 223 -46.31 -18.36 -2.49
N LYS B 224 -47.41 -18.95 -2.96
CA LYS B 224 -47.85 -18.81 -4.34
CA LYS B 224 -47.80 -18.81 -4.34
C LYS B 224 -48.03 -17.33 -4.66
N LYS B 225 -48.38 -16.55 -3.63
CA LYS B 225 -48.63 -15.11 -3.80
C LYS B 225 -47.32 -14.34 -3.99
N MET B 226 -46.26 -14.80 -3.35
CA MET B 226 -44.92 -14.26 -3.59
C MET B 226 -44.45 -14.53 -5.02
N LEU B 227 -44.67 -15.76 -5.49
CA LEU B 227 -44.52 -16.11 -6.90
C LEU B 227 -45.32 -15.19 -7.82
N ASP B 228 -46.61 -15.00 -7.51
CA ASP B 228 -47.46 -14.14 -8.35
C ASP B 228 -46.88 -12.71 -8.41
N TYR B 229 -46.44 -12.19 -7.28
CA TYR B 229 -45.88 -10.85 -7.27
C TYR B 229 -44.63 -10.79 -8.12
N ASN B 230 -43.73 -11.75 -7.91
CA ASN B 230 -42.49 -11.81 -8.69
C ASN B 230 -42.75 -11.82 -10.20
N ALA B 231 -43.71 -12.62 -10.65
CA ALA B 231 -44.01 -12.73 -12.09
C ALA B 231 -44.61 -11.41 -12.61
N MET B 232 -45.30 -10.67 -11.74
CA MET B 232 -45.92 -9.42 -12.17
C MET B 232 -44.92 -8.28 -12.25
N VAL B 233 -44.06 -8.16 -11.24
CA VAL B 233 -43.23 -6.97 -11.07
C VAL B 233 -41.87 -7.11 -11.78
N SER B 234 -41.41 -8.34 -12.00
CA SER B 234 -40.07 -8.53 -12.62
C SER B 234 -40.05 -8.07 -14.10
N PRO B 235 -38.92 -7.52 -14.59
CA PRO B 235 -38.82 -7.10 -15.96
C PRO B 235 -39.24 -8.20 -16.94
N LEU B 236 -38.83 -9.44 -16.67
CA LEU B 236 -39.06 -10.53 -17.60
C LEU B 236 -40.45 -11.19 -17.45
N LYS B 237 -41.21 -10.71 -16.47
CA LYS B 237 -42.64 -11.11 -16.30
C LYS B 237 -42.80 -12.62 -16.21
N LYS B 238 -41.93 -13.27 -15.43
CA LYS B 238 -42.00 -14.69 -15.20
C LYS B 238 -41.38 -15.05 -13.86
N ASN B 239 -41.55 -16.29 -13.45
CA ASN B 239 -40.83 -16.85 -12.34
C ASN B 239 -39.66 -17.67 -12.89
N VAL B 240 -38.53 -17.68 -12.18
CA VAL B 240 -37.39 -18.49 -12.62
C VAL B 240 -37.62 -19.96 -12.30
N ASP B 241 -36.81 -20.82 -12.89
CA ASP B 241 -36.89 -22.24 -12.58
C ASP B 241 -35.54 -22.80 -12.17
N ILE B 242 -35.54 -24.05 -11.70
CA ILE B 242 -34.30 -24.62 -11.16
C ILE B 242 -33.23 -24.78 -12.20
N MET B 243 -33.61 -24.86 -13.48
CA MET B 243 -32.62 -24.96 -14.57
C MET B 243 -31.94 -23.63 -14.83
N GLU B 244 -32.69 -22.53 -14.82
CA GLU B 244 -32.07 -21.20 -14.93
C GLU B 244 -31.06 -21.00 -13.78
N VAL B 245 -31.48 -21.41 -12.58
CA VAL B 245 -30.58 -21.31 -11.41
C VAL B 245 -29.39 -22.28 -11.56
N GLY B 246 -29.69 -23.54 -11.88
CA GLY B 246 -28.67 -24.58 -12.05
C GLY B 246 -27.63 -24.26 -13.10
N ASN B 247 -28.08 -23.73 -14.24
CA ASN B 247 -27.15 -23.38 -15.32
C ASN B 247 -26.18 -22.29 -14.89
N THR B 248 -26.69 -21.34 -14.11
CA THR B 248 -25.82 -20.26 -13.59
C THR B 248 -24.81 -20.81 -12.58
N VAL B 249 -25.26 -21.65 -11.65
CA VAL B 249 -24.34 -22.31 -10.70
C VAL B 249 -23.28 -23.10 -11.48
N ALA B 250 -23.72 -23.84 -12.50
CA ALA B 250 -22.77 -24.60 -13.35
C ALA B 250 -21.73 -23.70 -13.99
N PHE B 251 -22.17 -22.60 -14.58
CA PHE B 251 -21.24 -21.62 -15.17
C PHE B 251 -20.21 -21.13 -14.14
N LEU B 252 -20.68 -20.84 -12.93
CA LEU B 252 -19.78 -20.37 -11.86
C LEU B 252 -18.80 -21.40 -11.30
N CYS B 253 -18.91 -22.66 -11.74
CA CYS B 253 -17.89 -23.65 -11.40
C CYS B 253 -17.03 -24.02 -12.60
N SER B 254 -17.11 -23.23 -13.69
CA SER B 254 -16.37 -23.55 -14.93
C SER B 254 -15.12 -22.69 -15.07
N ASP B 255 -14.22 -23.12 -15.96
CA ASP B 255 -13.03 -22.32 -16.24
C ASP B 255 -13.37 -20.99 -16.92
N MET B 256 -14.55 -20.93 -17.53
CA MET B 256 -14.99 -19.66 -18.09
C MET B 256 -15.14 -18.58 -17.02
N ALA B 257 -15.42 -18.97 -15.77
CA ALA B 257 -15.77 -17.99 -14.73
C ALA B 257 -14.59 -17.63 -13.83
N THR B 258 -13.36 -17.92 -14.26
CA THR B 258 -12.20 -17.74 -13.39
C THR B 258 -11.86 -16.30 -13.00
N GLY B 259 -12.45 -15.32 -13.68
CA GLY B 259 -12.29 -13.92 -13.24
C GLY B 259 -13.35 -13.41 -12.27
N ILE B 260 -14.27 -14.30 -11.84
CA ILE B 260 -15.38 -13.92 -10.96
C ILE B 260 -15.24 -14.55 -9.56
N THR B 261 -15.14 -13.70 -8.53
CA THR B 261 -15.18 -14.19 -7.15
C THR B 261 -15.77 -13.13 -6.23
N GLY B 262 -16.38 -13.57 -5.13
CA GLY B 262 -16.98 -12.68 -4.16
C GLY B 262 -18.28 -12.05 -4.63
N GLU B 263 -18.82 -12.57 -5.74
CA GLU B 263 -19.96 -11.98 -6.43
C GLU B 263 -21.28 -12.67 -6.08
N VAL B 264 -22.38 -11.90 -6.07
CA VAL B 264 -23.74 -12.43 -5.94
C VAL B 264 -24.42 -12.15 -7.28
N VAL B 265 -24.83 -13.19 -7.98
CA VAL B 265 -25.46 -13.08 -9.30
C VAL B 265 -26.93 -13.37 -9.07
N HIS B 266 -27.78 -12.40 -9.37
CA HIS B 266 -29.24 -12.60 -9.21
C HIS B 266 -29.80 -13.35 -10.37
N VAL B 267 -30.51 -14.45 -10.09
CA VAL B 267 -31.22 -15.22 -11.11
C VAL B 267 -32.68 -15.16 -10.69
N ASP B 268 -33.36 -14.09 -11.05
CA ASP B 268 -34.65 -13.77 -10.43
C ASP B 268 -35.55 -13.02 -11.42
N ALA B 269 -35.27 -13.20 -12.72
CA ALA B 269 -36.00 -12.52 -13.76
C ALA B 269 -35.92 -10.98 -13.72
N GLY B 270 -34.92 -10.44 -13.00
CA GLY B 270 -34.75 -9.00 -12.87
C GLY B 270 -35.41 -8.34 -11.67
N TYR B 271 -36.04 -9.13 -10.80
CA TYR B 271 -36.72 -8.61 -9.62
C TYR B 271 -35.83 -7.61 -8.85
N HIS B 272 -34.55 -7.95 -8.66
CA HIS B 272 -33.64 -7.12 -7.87
C HIS B 272 -33.45 -5.70 -8.38
N CYS B 273 -33.70 -5.45 -9.67
CA CYS B 273 -33.35 -4.16 -10.27
C CYS B 273 -34.50 -3.14 -10.35
N VAL B 274 -35.72 -3.53 -9.95
CA VAL B 274 -36.88 -2.65 -10.11
C VAL B 274 -37.40 -2.15 -8.77
N SER B 275 -38.19 -1.08 -8.81
CA SER B 275 -38.95 -0.64 -7.65
C SER B 275 -40.33 -0.18 -8.07
N MET B 276 -41.33 -0.58 -7.29
CA MET B 276 -42.74 -0.19 -7.46
C MET B 276 -43.47 -0.81 -8.64
N GLY B 277 -43.05 -0.50 -9.86
CA GLY B 277 -43.71 -1.03 -11.06
C GLY B 277 -45.02 -0.29 -11.35
N ASN B 278 -45.72 -0.71 -12.38
CA ASN B 278 -46.91 0.04 -12.83
C ASN B 278 -48.15 -0.41 -12.10
N VAL B 279 -48.10 -1.59 -11.53
CA VAL B 279 -49.26 -2.17 -10.87
C VAL B 279 -49.00 -2.08 -9.37
N LEU B 280 -49.61 -1.09 -8.73
CA LEU B 280 -49.37 -0.81 -7.31
C LEU B 280 -50.12 -1.72 -6.37
N GLY C 22 -28.36 28.21 17.35
CA GLY C 22 -28.65 27.20 16.29
C GLY C 22 -27.39 26.54 15.76
N PHE C 23 -27.53 25.33 15.21
CA PHE C 23 -26.35 24.58 14.79
C PHE C 23 -25.71 25.00 13.45
N LEU C 24 -26.30 26.00 12.77
CA LEU C 24 -25.69 26.61 11.58
C LEU C 24 -25.39 28.11 11.80
N ALA C 25 -25.34 28.53 13.07
CA ALA C 25 -25.14 29.93 13.43
C ALA C 25 -23.99 30.55 12.64
N GLY C 26 -24.31 31.60 11.89
CA GLY C 26 -23.28 32.34 11.16
C GLY C 26 -22.77 31.69 9.88
N LYS C 27 -23.22 30.48 9.56
CA LYS C 27 -22.82 29.86 8.29
C LYS C 27 -23.48 30.51 7.08
N LYS C 28 -22.71 30.75 6.03
CA LYS C 28 -23.22 31.42 4.84
C LYS C 28 -23.56 30.35 3.80
N ILE C 29 -24.85 30.19 3.50
CA ILE C 29 -25.28 29.06 2.70
C ILE C 29 -26.09 29.55 1.51
N LEU C 30 -25.77 29.02 0.32
CA LEU C 30 -26.45 29.33 -0.92
C LEU C 30 -27.46 28.21 -1.24
N ILE C 31 -28.72 28.59 -1.42
CA ILE C 31 -29.78 27.63 -1.70
C ILE C 31 -30.31 27.85 -3.13
N THR C 32 -30.24 26.79 -3.95
CA THR C 32 -30.82 26.80 -5.30
C THR C 32 -32.19 26.13 -5.25
N GLY C 33 -33.02 26.36 -6.25
CA GLY C 33 -34.23 25.56 -6.41
C GLY C 33 -35.48 25.97 -5.63
N LEU C 34 -35.46 27.13 -4.96
CA LEU C 34 -36.67 27.55 -4.24
C LEU C 34 -37.62 28.16 -5.25
N LEU C 35 -38.75 27.51 -5.49
CA LEU C 35 -39.69 28.00 -6.49
C LEU C 35 -41.07 28.32 -5.88
N SER C 36 -41.51 27.51 -4.93
CA SER C 36 -42.75 27.78 -4.21
C SER C 36 -42.59 27.39 -2.76
N ASN C 37 -43.60 27.71 -1.94
CA ASN C 37 -43.60 27.26 -0.56
C ASN C 37 -43.78 25.75 -0.41
N LYS C 38 -43.93 25.04 -1.53
CA LYS C 38 -43.96 23.58 -1.51
C LYS C 38 -42.60 22.92 -1.87
N SER C 39 -41.68 23.72 -2.40
CA SER C 39 -40.36 23.26 -2.86
C SER C 39 -39.59 22.59 -1.72
N ILE C 40 -38.84 21.54 -2.04
CA ILE C 40 -37.95 20.97 -1.04
C ILE C 40 -37.02 22.06 -0.52
N ALA C 41 -36.57 22.96 -1.40
CA ALA C 41 -35.65 24.05 -0.98
C ALA C 41 -36.33 24.99 0.03
N TYR C 42 -37.66 25.05 -0.01
CA TYR C 42 -38.36 25.87 0.98
C TYR C 42 -38.22 25.24 2.37
N GLY C 43 -38.35 23.91 2.46
CA GLY C 43 -38.13 23.24 3.75
C GLY C 43 -36.69 23.39 4.20
N ILE C 44 -35.77 23.31 3.24
CA ILE C 44 -34.34 23.46 3.56
C ILE C 44 -34.09 24.86 4.13
N ALA C 45 -34.62 25.88 3.46
CA ALA C 45 -34.53 27.27 3.92
C ALA C 45 -35.09 27.46 5.32
N LYS C 46 -36.30 26.94 5.55
CA LYS C 46 -36.90 27.05 6.89
C LYS C 46 -36.00 26.47 7.98
N ALA C 47 -35.53 25.24 7.75
CA ALA C 47 -34.65 24.55 8.70
C ALA C 47 -33.34 25.31 8.92
N MET C 48 -32.71 25.75 7.84
CA MET C 48 -31.44 26.47 7.97
C MET C 48 -31.60 27.82 8.68
N HIS C 49 -32.70 28.50 8.39
CA HIS C 49 -32.99 29.79 9.01
C HIS C 49 -33.20 29.60 10.49
N ARG C 50 -33.96 28.57 10.85
CA ARG C 50 -34.21 28.25 12.26
C ARG C 50 -32.88 28.00 13.01
N GLU C 51 -31.96 27.35 12.31
CA GLU C 51 -30.65 27.03 12.90
C GLU C 51 -29.60 28.14 12.76
N GLY C 52 -30.02 29.34 12.37
CA GLY C 52 -29.13 30.52 12.43
C GLY C 52 -28.28 30.79 11.20
N ALA C 53 -28.50 30.04 10.11
CA ALA C 53 -27.70 30.29 8.89
C ALA C 53 -28.04 31.62 8.23
N GLU C 54 -27.05 32.19 7.55
CA GLU C 54 -27.28 33.35 6.68
C GLU C 54 -27.40 32.81 5.26
N LEU C 55 -28.51 33.12 4.62
CA LEU C 55 -28.91 32.44 3.38
C LEU C 55 -28.89 33.35 2.16
N ALA C 56 -28.50 32.80 1.02
CA ALA C 56 -28.66 33.46 -0.25
C ALA C 56 -29.40 32.49 -1.16
N PHE C 57 -30.10 33.02 -2.14
CA PHE C 57 -30.99 32.23 -3.01
C PHE C 57 -30.73 32.53 -4.47
N THR C 58 -30.97 31.54 -5.34
CA THR C 58 -30.89 31.76 -6.77
C THR C 58 -32.27 31.53 -7.42
N TYR C 59 -32.42 31.99 -8.65
CA TYR C 59 -33.66 31.76 -9.37
C TYR C 59 -33.33 31.67 -10.86
N VAL C 60 -34.18 30.95 -11.59
CA VAL C 60 -34.14 30.96 -13.05
C VAL C 60 -34.83 32.24 -13.51
N GLY C 61 -34.19 32.96 -14.44
CA GLY C 61 -34.67 34.23 -15.01
C GLY C 61 -36.11 34.65 -14.79
N GLN C 62 -37.05 33.94 -15.43
CA GLN C 62 -38.46 34.37 -15.44
C GLN C 62 -39.09 34.50 -14.04
N PHE C 63 -38.54 33.78 -13.06
CA PHE C 63 -39.17 33.65 -11.77
C PHE C 63 -38.65 34.63 -10.72
N LYS C 64 -37.89 35.65 -11.15
CA LYS C 64 -37.29 36.63 -10.27
C LYS C 64 -38.25 37.17 -9.19
N ASP C 65 -39.38 37.72 -9.63
CA ASP C 65 -40.35 38.35 -8.71
C ASP C 65 -40.92 37.39 -7.70
N ARG C 66 -41.30 36.21 -8.18
CA ARG C 66 -41.89 35.17 -7.36
C ARG C 66 -40.91 34.75 -6.27
N VAL C 67 -39.67 34.51 -6.66
CA VAL C 67 -38.65 34.00 -5.73
C VAL C 67 -38.22 35.08 -4.74
N GLU C 68 -38.04 36.31 -5.24
CA GLU C 68 -37.67 37.41 -4.35
C GLU C 68 -38.66 37.57 -3.22
N LYS C 69 -39.94 37.43 -3.55
CA LYS C 69 -41.00 37.61 -2.58
C LYS C 69 -41.03 36.45 -1.60
N LEU C 70 -40.91 35.23 -2.13
CA LEU C 70 -40.91 34.02 -1.32
C LEU C 70 -39.77 33.94 -0.32
N CYS C 71 -38.55 34.31 -0.73
CA CYS C 71 -37.45 34.13 0.22
C CYS C 71 -37.18 35.32 1.12
N ALA C 72 -37.96 36.40 0.94
CA ALA C 72 -37.85 37.56 1.83
C ALA C 72 -37.99 37.17 3.30
N GLU C 73 -38.81 36.16 3.61
CA GLU C 73 -39.02 35.79 5.01
C GLU C 73 -37.76 35.24 5.68
N PHE C 74 -36.74 34.92 4.88
CA PHE C 74 -35.50 34.32 5.39
C PHE C 74 -34.37 35.33 5.52
N ASN C 75 -34.70 36.61 5.38
CA ASN C 75 -33.70 37.69 5.47
C ASN C 75 -32.46 37.41 4.63
N PRO C 76 -32.66 37.17 3.33
CA PRO C 76 -31.54 36.77 2.46
C PRO C 76 -30.45 37.81 2.30
N ALA C 77 -29.20 37.33 2.23
CA ALA C 77 -28.06 38.19 1.99
C ALA C 77 -28.00 38.62 0.51
N ALA C 78 -28.57 37.78 -0.36
CA ALA C 78 -28.64 38.08 -1.79
C ALA C 78 -29.65 37.16 -2.42
N VAL C 79 -30.26 37.62 -3.51
CA VAL C 79 -31.14 36.78 -4.33
C VAL C 79 -30.74 37.03 -5.77
N LEU C 80 -30.14 36.02 -6.41
CA LEU C 80 -29.41 36.22 -7.67
C LEU C 80 -29.87 35.27 -8.78
N PRO C 81 -29.79 35.72 -10.04
CA PRO C 81 -30.22 34.81 -11.11
C PRO C 81 -29.19 33.71 -11.32
N CYS C 82 -29.66 32.50 -11.61
CA CYS C 82 -28.75 31.44 -12.06
C CYS C 82 -29.50 30.34 -12.79
N ASP C 83 -29.49 30.41 -14.11
CA ASP C 83 -29.96 29.31 -14.94
C ASP C 83 -28.74 28.42 -15.24
N VAL C 84 -28.77 27.19 -14.73
CA VAL C 84 -27.58 26.32 -14.76
C VAL C 84 -27.25 25.78 -16.14
N ILE C 85 -28.07 26.08 -17.15
CA ILE C 85 -27.68 25.77 -18.55
C ILE C 85 -26.51 26.64 -19.03
N SER C 86 -26.27 27.74 -18.31
CA SER C 86 -25.35 28.78 -18.73
C SER C 86 -24.10 28.85 -17.87
N ASP C 87 -22.95 28.55 -18.47
CA ASP C 87 -21.66 28.71 -17.78
C ASP C 87 -21.45 30.15 -17.28
N GLN C 88 -21.82 31.12 -18.10
CA GLN C 88 -21.65 32.52 -17.74
C GLN C 88 -22.49 32.90 -16.54
N GLU C 89 -23.75 32.48 -16.50
CA GLU C 89 -24.57 32.75 -15.34
C GLU C 89 -24.02 32.13 -14.06
N ILE C 90 -23.46 30.93 -14.14
CA ILE C 90 -22.90 30.30 -12.94
C ILE C 90 -21.64 31.05 -12.48
N LYS C 91 -20.79 31.43 -13.42
CA LYS C 91 -19.61 32.24 -13.10
C LYS C 91 -20.03 33.58 -12.46
N ASP C 92 -20.98 34.28 -13.08
CA ASP C 92 -21.43 35.58 -12.58
C ASP C 92 -22.11 35.49 -11.22
N LEU C 93 -22.78 34.36 -10.97
CA LEU C 93 -23.35 34.09 -9.64
C LEU C 93 -22.33 34.23 -8.53
N PHE C 94 -21.18 33.60 -8.70
CA PHE C 94 -20.16 33.64 -7.64
C PHE C 94 -19.36 34.95 -7.60
N VAL C 95 -19.22 35.60 -8.75
CA VAL C 95 -18.69 36.99 -8.78
C VAL C 95 -19.57 37.89 -7.89
N GLU C 96 -20.88 37.82 -8.10
CA GLU C 96 -21.79 38.66 -7.34
C GLU C 96 -21.88 38.27 -5.90
N LEU C 97 -21.91 36.96 -5.63
CA LEU C 97 -21.92 36.48 -4.26
C LEU C 97 -20.67 36.87 -3.48
N GLY C 98 -19.53 36.89 -4.17
CA GLY C 98 -18.23 37.28 -3.57
C GLY C 98 -18.15 38.77 -3.17
N LYS C 99 -19.02 39.60 -3.73
CA LYS C 99 -19.11 41.00 -3.35
C LYS C 99 -19.87 41.20 -2.05
N VAL C 100 -20.65 40.19 -1.69
CA VAL C 100 -21.52 40.26 -0.52
C VAL C 100 -20.91 39.47 0.67
N TRP C 101 -20.30 38.33 0.35
CA TRP C 101 -19.67 37.45 1.32
C TRP C 101 -18.22 37.23 1.03
N ASP C 102 -17.40 37.17 2.07
CA ASP C 102 -15.95 36.91 1.92
C ASP C 102 -15.61 35.44 1.69
N GLY C 103 -16.52 34.54 2.03
CA GLY C 103 -16.34 33.11 1.79
C GLY C 103 -17.72 32.48 1.85
N LEU C 104 -17.77 31.18 1.61
CA LEU C 104 -19.07 30.50 1.48
C LEU C 104 -18.97 29.20 2.25
N ASP C 105 -19.96 28.93 3.09
CA ASP C 105 -19.96 27.69 3.87
C ASP C 105 -20.59 26.49 3.17
N ALA C 106 -21.66 26.72 2.42
CA ALA C 106 -22.34 25.58 1.75
C ALA C 106 -23.12 25.95 0.51
N ILE C 107 -23.28 24.95 -0.37
CA ILE C 107 -24.17 25.08 -1.53
C ILE C 107 -25.18 23.96 -1.47
N VAL C 108 -26.47 24.32 -1.56
CA VAL C 108 -27.53 23.33 -1.64
C VAL C 108 -28.02 23.31 -3.09
N HIS C 109 -27.91 22.14 -3.72
CA HIS C 109 -28.34 21.89 -5.07
C HIS C 109 -29.67 21.19 -4.97
N SER C 110 -30.73 21.87 -5.42
CA SER C 110 -32.08 21.32 -5.36
C SER C 110 -32.76 21.63 -6.71
N ILE C 111 -32.14 21.14 -7.77
CA ILE C 111 -32.49 21.52 -9.15
C ILE C 111 -32.60 20.25 -9.95
N ALA C 112 -33.67 20.12 -10.74
CA ALA C 112 -33.75 19.01 -11.68
C ALA C 112 -34.61 19.42 -12.87
N PHE C 113 -34.32 18.86 -14.05
CA PHE C 113 -35.20 19.03 -15.20
C PHE C 113 -34.96 17.94 -16.22
N ALA C 114 -36.06 17.44 -16.81
CA ALA C 114 -36.01 16.69 -18.07
C ALA C 114 -37.24 17.12 -18.87
N PRO C 115 -37.14 17.09 -20.21
CA PRO C 115 -38.33 17.46 -21.00
C PRO C 115 -39.48 16.51 -20.66
N ARG C 116 -40.72 17.00 -20.75
CA ARG C 116 -41.90 16.20 -20.39
C ARG C 116 -41.95 14.80 -21.03
N ASP C 117 -41.52 14.71 -22.29
CA ASP C 117 -41.64 13.44 -23.03
C ASP C 117 -40.65 12.38 -22.55
N GLN C 118 -39.71 12.80 -21.71
CA GLN C 118 -38.75 11.87 -21.08
C GLN C 118 -39.29 11.21 -19.82
N LEU C 119 -40.51 11.56 -19.43
CA LEU C 119 -41.11 10.97 -18.26
C LEU C 119 -42.38 10.29 -18.74
N GLU C 120 -42.86 9.31 -17.99
CA GLU C 120 -44.00 8.48 -18.41
C GLU C 120 -43.78 7.67 -19.72
N GLY C 121 -44.50 6.58 -19.85
CA GLY C 121 -44.30 5.68 -20.97
C GLY C 121 -43.08 4.78 -20.80
N ASN C 122 -42.88 3.91 -21.79
CA ASN C 122 -41.80 2.96 -21.83
C ASN C 122 -40.48 3.73 -22.03
N PHE C 123 -39.49 3.42 -21.20
CA PHE C 123 -38.22 4.13 -21.23
C PHE C 123 -37.60 4.12 -22.62
N ILE C 124 -37.55 2.95 -23.26
CA ILE C 124 -36.92 2.86 -24.57
C ILE C 124 -37.74 3.58 -25.67
N ASP C 125 -39.06 3.48 -25.59
CA ASP C 125 -39.94 4.20 -26.52
C ASP C 125 -39.70 5.70 -26.46
N CYS C 126 -39.58 6.21 -25.24
CA CYS C 126 -39.63 7.66 -25.04
CA CYS C 126 -39.63 7.66 -25.01
C CYS C 126 -38.28 8.38 -24.95
N VAL C 127 -37.22 7.66 -24.57
CA VAL C 127 -35.91 8.31 -24.42
C VAL C 127 -35.43 8.89 -25.77
N THR C 128 -34.82 10.06 -25.73
CA THR C 128 -34.23 10.64 -26.94
C THR C 128 -32.85 11.15 -26.60
N ARG C 129 -32.00 11.25 -27.62
CA ARG C 129 -30.63 11.69 -27.40
C ARG C 129 -30.61 13.07 -26.78
N GLU C 130 -31.42 13.99 -27.33
CA GLU C 130 -31.45 15.35 -26.83
C GLU C 130 -32.04 15.44 -25.43
N GLY C 131 -33.14 14.73 -25.17
CA GLY C 131 -33.75 14.72 -23.82
C GLY C 131 -32.79 14.15 -22.77
N PHE C 132 -32.07 13.09 -23.14
CA PHE C 132 -31.07 12.47 -22.27
C PHE C 132 -29.99 13.52 -21.96
N SER C 133 -29.56 14.22 -23.00
CA SER C 133 -28.49 15.20 -22.83
C SER C 133 -28.88 16.39 -21.92
N ILE C 134 -30.08 16.92 -22.17
CA ILE C 134 -30.63 18.03 -21.37
C ILE C 134 -30.79 17.60 -19.91
N ALA C 135 -31.37 16.41 -19.71
CA ALA C 135 -31.66 15.93 -18.36
C ALA C 135 -30.36 15.85 -17.56
N HIS C 136 -29.31 15.34 -18.19
CA HIS C 136 -28.03 15.19 -17.53
C HIS C 136 -27.36 16.53 -17.29
N ASP C 137 -27.45 17.43 -18.28
CA ASP C 137 -26.86 18.77 -18.17
C ASP C 137 -27.41 19.53 -16.95
N ILE C 138 -28.74 19.62 -16.85
CA ILE C 138 -29.37 20.41 -15.77
C ILE C 138 -29.41 19.67 -14.44
N SER C 139 -29.60 18.34 -14.49
CA SER C 139 -29.84 17.58 -13.27
C SER C 139 -28.58 17.05 -12.63
N ALA C 140 -27.49 16.91 -13.40
CA ALA C 140 -26.27 16.26 -12.91
C ALA C 140 -25.02 17.14 -13.09
N TYR C 141 -24.75 17.54 -14.34
CA TYR C 141 -23.53 18.33 -14.59
C TYR C 141 -23.56 19.62 -13.74
N SER C 142 -24.73 20.22 -13.59
CA SER C 142 -24.83 21.49 -12.87
C SER C 142 -24.29 21.41 -11.44
N PHE C 143 -24.36 20.22 -10.81
CA PHE C 143 -23.75 20.07 -9.49
C PHE C 143 -22.24 20.30 -9.55
N ALA C 144 -21.59 19.67 -10.50
CA ALA C 144 -20.16 19.83 -10.70
C ALA C 144 -19.83 21.29 -11.11
N ALA C 145 -20.67 21.91 -11.94
CA ALA C 145 -20.46 23.31 -12.35
C ALA C 145 -20.48 24.27 -11.14
N LEU C 146 -21.46 24.08 -10.25
CA LEU C 146 -21.52 24.87 -9.02
C LEU C 146 -20.30 24.63 -8.13
N ALA C 147 -19.89 23.37 -8.01
CA ALA C 147 -18.66 23.05 -7.26
C ALA C 147 -17.44 23.73 -7.88
N LYS C 148 -17.34 23.70 -9.21
CA LYS C 148 -16.18 24.29 -9.88
C LYS C 148 -16.10 25.79 -9.62
N GLU C 149 -17.23 26.50 -9.74
CA GLU C 149 -17.19 27.96 -9.62
C GLU C 149 -17.25 28.44 -8.17
N GLY C 150 -17.71 27.57 -7.27
CA GLY C 150 -17.83 27.95 -5.87
C GLY C 150 -16.66 27.53 -5.00
N ARG C 151 -15.78 26.70 -5.55
CA ARG C 151 -14.71 26.07 -4.78
C ARG C 151 -13.82 27.07 -4.05
N SER C 152 -13.42 28.14 -4.76
CA SER C 152 -12.49 29.12 -4.20
CA SER C 152 -12.49 29.13 -4.19
C SER C 152 -13.07 29.76 -2.93
N MET C 153 -14.38 30.01 -2.92
CA MET C 153 -15.03 30.61 -1.75
C MET C 153 -15.20 29.64 -0.58
N MET C 154 -15.23 28.34 -0.90
CA MET C 154 -15.54 27.29 0.07
C MET C 154 -14.29 26.69 0.73
N LYS C 155 -13.11 27.04 0.23
CA LYS C 155 -11.86 26.43 0.71
C LYS C 155 -11.62 26.57 2.20
N ASN C 156 -11.20 25.47 2.82
CA ASN C 156 -10.65 25.48 4.18
C ASN C 156 -11.55 26.14 5.25
N ARG C 157 -12.83 25.76 5.24
CA ARG C 157 -13.72 26.25 6.28
C ARG C 157 -14.79 25.24 6.69
N ASN C 158 -14.45 23.95 6.60
CA ASN C 158 -15.41 22.87 6.88
C ASN C 158 -16.68 23.14 6.07
N ALA C 159 -16.51 23.45 4.79
CA ALA C 159 -17.62 23.74 3.90
C ALA C 159 -18.36 22.46 3.48
N SER C 160 -19.53 22.63 2.86
CA SER C 160 -20.42 21.50 2.55
C SER C 160 -21.17 21.73 1.24
N MET C 161 -21.47 20.64 0.54
CA MET C 161 -22.46 20.67 -0.55
C MET C 161 -23.44 19.53 -0.35
N VAL C 162 -24.69 19.77 -0.70
CA VAL C 162 -25.71 18.71 -0.61
C VAL C 162 -26.54 18.80 -1.89
N ALA C 163 -26.77 17.65 -2.54
CA ALA C 163 -27.68 17.54 -3.69
C ALA C 163 -28.89 16.70 -3.29
N LEU C 164 -30.03 17.00 -3.91
CA LEU C 164 -31.25 16.18 -3.75
C LEU C 164 -31.34 15.14 -4.85
N THR C 165 -31.65 13.90 -4.46
CA THR C 165 -31.74 12.80 -5.42
C THR C 165 -32.94 11.92 -5.06
N TYR C 166 -33.14 10.89 -5.87
CA TYR C 166 -34.31 10.04 -5.74
C TYR C 166 -33.90 8.60 -6.07
N ILE C 167 -34.60 7.63 -5.46
CA ILE C 167 -34.29 6.20 -5.57
C ILE C 167 -34.42 5.64 -7.00
N GLY C 168 -35.10 6.39 -7.88
CA GLY C 168 -35.09 6.08 -9.33
C GLY C 168 -33.69 6.04 -9.94
N ALA C 169 -32.71 6.59 -9.21
CA ALA C 169 -31.29 6.45 -9.56
C ALA C 169 -30.85 4.99 -9.43
N GLU C 170 -31.39 4.29 -8.44
CA GLU C 170 -30.85 3.00 -8.00
C GLU C 170 -31.61 1.83 -8.61
N LYS C 171 -32.89 2.04 -8.88
CA LYS C 171 -33.77 0.99 -9.38
C LYS C 171 -34.56 1.51 -10.56
N ALA C 172 -34.96 0.61 -11.45
CA ALA C 172 -35.77 0.97 -12.62
C ALA C 172 -37.24 1.08 -12.18
N MET C 173 -37.80 2.24 -12.38
CA MET C 173 -39.13 2.53 -11.87
C MET C 173 -40.01 2.94 -13.04
N PRO C 174 -41.35 2.83 -12.87
CA PRO C 174 -42.18 3.38 -13.95
C PRO C 174 -42.02 4.90 -14.04
N SER C 175 -42.20 5.45 -15.23
CA SER C 175 -42.25 6.90 -15.49
C SER C 175 -40.98 7.71 -15.30
N TYR C 176 -40.23 7.44 -14.25
CA TYR C 176 -39.10 8.32 -13.89
C TYR C 176 -38.07 8.32 -15.03
N ASN C 177 -37.90 7.16 -15.68
CA ASN C 177 -37.26 7.08 -17.01
C ASN C 177 -35.94 7.82 -17.08
N THR C 178 -35.83 8.81 -17.98
CA THR C 178 -34.57 9.57 -18.16
C THR C 178 -34.07 10.30 -16.89
N MET C 179 -35.00 10.75 -16.06
CA MET C 179 -34.61 11.35 -14.77
C MET C 179 -33.91 10.35 -13.87
N GLY C 180 -34.34 9.09 -13.89
CA GLY C 180 -33.66 8.04 -13.11
C GLY C 180 -32.19 7.92 -13.53
N VAL C 181 -31.98 7.85 -14.83
CA VAL C 181 -30.61 7.81 -15.36
C VAL C 181 -29.80 9.04 -14.94
N ALA C 182 -30.40 10.22 -15.08
CA ALA C 182 -29.71 11.47 -14.70
C ALA C 182 -29.44 11.54 -13.21
N LYS C 183 -30.34 11.02 -12.37
CA LYS C 183 -30.05 10.93 -10.92
C LYS C 183 -28.90 9.99 -10.62
N ALA C 184 -28.75 8.90 -11.38
CA ALA C 184 -27.56 8.05 -11.16
C ALA C 184 -26.28 8.79 -11.50
N SER C 185 -26.31 9.57 -12.57
CA SER C 185 -25.18 10.40 -12.94
C SER C 185 -24.93 11.43 -11.82
N LEU C 186 -26.00 12.03 -11.30
CA LEU C 186 -25.84 12.98 -10.20
C LEU C 186 -25.17 12.33 -8.99
N GLU C 187 -25.63 11.14 -8.61
CA GLU C 187 -25.04 10.48 -7.43
C GLU C 187 -23.55 10.17 -7.65
N ALA C 188 -23.20 9.74 -8.87
CA ALA C 188 -21.76 9.52 -9.15
C ALA C 188 -20.97 10.83 -9.11
N THR C 189 -21.58 11.90 -9.62
CA THR C 189 -21.01 13.25 -9.62
C THR C 189 -20.76 13.70 -8.18
N VAL C 190 -21.72 13.42 -7.29
CA VAL C 190 -21.55 13.71 -5.85
C VAL C 190 -20.31 12.96 -5.29
N ARG C 191 -20.18 11.66 -5.59
CA ARG C 191 -19.00 10.90 -5.12
C ARG C 191 -17.68 11.46 -5.68
N TYR C 192 -17.63 11.74 -6.98
CA TYR C 192 -16.37 12.27 -7.59
C TYR C 192 -16.04 13.68 -7.08
N THR C 193 -17.08 14.47 -6.83
CA THR C 193 -16.91 15.81 -6.22
C THR C 193 -16.43 15.68 -4.78
N ALA C 194 -16.95 14.72 -4.03
CA ALA C 194 -16.45 14.45 -2.66
C ALA C 194 -14.93 14.18 -2.67
N LEU C 195 -14.51 13.32 -3.58
CA LEU C 195 -13.09 13.01 -3.76
C LEU C 195 -12.29 14.24 -4.18
N ALA C 196 -12.81 14.98 -5.15
CA ALA C 196 -12.14 16.16 -5.71
C ALA C 196 -12.00 17.30 -4.70
N LEU C 197 -12.98 17.47 -3.82
CA LEU C 197 -12.99 18.62 -2.95
C LEU C 197 -12.58 18.35 -1.50
N GLY C 198 -12.41 17.08 -1.14
CA GLY C 198 -12.14 16.72 0.24
C GLY C 198 -10.85 17.31 0.77
N GLU C 199 -9.85 17.49 -0.09
CA GLU C 199 -8.57 18.02 0.37
CA GLU C 199 -8.58 18.01 0.39
C GLU C 199 -8.71 19.48 0.82
N ASP C 200 -9.76 20.15 0.35
CA ASP C 200 -10.08 21.53 0.77
C ASP C 200 -11.05 21.57 1.94
N GLY C 201 -11.31 20.40 2.53
CA GLY C 201 -12.14 20.28 3.74
C GLY C 201 -13.63 20.36 3.41
N ILE C 202 -13.96 20.27 2.14
CA ILE C 202 -15.37 20.37 1.74
C ILE C 202 -15.99 18.98 1.70
N LYS C 203 -17.08 18.80 2.44
CA LYS C 203 -17.82 17.51 2.44
C LYS C 203 -18.99 17.64 1.45
N VAL C 204 -19.32 16.52 0.80
CA VAL C 204 -20.19 16.54 -0.38
C VAL C 204 -21.10 15.32 -0.30
N ASN C 205 -22.41 15.57 -0.14
CA ASN C 205 -23.35 14.48 0.12
C ASN C 205 -24.65 14.68 -0.64
N ALA C 206 -25.49 13.65 -0.62
CA ALA C 206 -26.82 13.73 -1.21
C ALA C 206 -27.89 13.22 -0.24
N VAL C 207 -29.10 13.75 -0.38
CA VAL C 207 -30.24 13.30 0.37
C VAL C 207 -31.20 12.75 -0.70
N SER C 208 -31.55 11.47 -0.57
CA SER C 208 -32.48 10.79 -1.46
C SER C 208 -33.87 10.85 -0.82
N ALA C 209 -34.67 11.79 -1.28
CA ALA C 209 -35.97 12.03 -0.65
C ALA C 209 -37.01 11.08 -1.19
N GLY C 210 -37.94 10.70 -0.32
CA GLY C 210 -39.16 10.05 -0.77
C GLY C 210 -39.99 11.05 -1.57
N PRO C 211 -40.98 10.55 -2.34
CA PRO C 211 -41.81 11.44 -3.14
C PRO C 211 -42.55 12.47 -2.27
N ILE C 212 -42.64 13.69 -2.78
CA ILE C 212 -43.28 14.81 -2.09
C ILE C 212 -44.05 15.60 -3.14
N LYS C 213 -45.26 16.04 -2.79
CA LYS C 213 -46.08 16.81 -3.72
C LYS C 213 -45.57 18.26 -3.86
N THR C 214 -44.71 18.47 -4.84
CA THR C 214 -44.13 19.77 -5.13
C THR C 214 -44.54 20.16 -6.55
N LEU C 215 -44.07 21.30 -7.02
CA LEU C 215 -44.29 21.68 -8.42
C LEU C 215 -43.78 20.64 -9.41
N ALA C 216 -42.67 19.99 -9.06
CA ALA C 216 -42.10 18.96 -9.91
C ALA C 216 -43.08 17.80 -10.11
N ALA C 217 -43.87 17.49 -9.09
CA ALA C 217 -44.87 16.42 -9.17
C ALA C 217 -46.08 16.76 -10.04
N SER C 218 -46.28 18.05 -10.29
CA SER C 218 -47.54 18.51 -10.85
C SER C 218 -47.79 18.01 -12.27
N GLY C 219 -46.73 17.76 -13.02
CA GLY C 219 -46.87 17.18 -14.35
C GLY C 219 -47.01 15.65 -14.40
N ILE C 220 -46.83 14.98 -13.26
CA ILE C 220 -46.77 13.52 -13.20
C ILE C 220 -48.16 12.94 -12.91
N SER C 221 -48.73 12.24 -13.89
CA SER C 221 -50.03 11.56 -13.72
C SER C 221 -49.96 10.61 -12.54
N ASN C 222 -51.03 10.60 -11.74
CA ASN C 222 -51.19 9.65 -10.63
C ASN C 222 -50.06 9.68 -9.61
N PHE C 223 -49.46 10.85 -9.45
CA PHE C 223 -48.45 11.01 -8.42
C PHE C 223 -49.05 10.68 -7.06
N LYS C 224 -50.32 11.01 -6.84
CA LYS C 224 -50.96 10.68 -5.57
C LYS C 224 -50.97 9.17 -5.29
N LYS C 225 -51.16 8.36 -6.34
CA LYS C 225 -51.10 6.90 -6.17
C LYS C 225 -49.69 6.46 -5.76
N MET C 226 -48.69 7.10 -6.36
CA MET C 226 -47.32 6.81 -5.97
C MET C 226 -47.06 7.15 -4.50
N LEU C 227 -47.54 8.31 -4.05
CA LEU C 227 -47.41 8.68 -2.63
C LEU C 227 -48.05 7.65 -1.73
N ASP C 228 -49.27 7.25 -2.08
CA ASP C 228 -50.03 6.32 -1.24
C ASP C 228 -49.40 4.94 -1.22
N TYR C 229 -48.85 4.50 -2.36
CA TYR C 229 -48.06 3.26 -2.42
C TYR C 229 -46.85 3.32 -1.48
N ASN C 230 -46.13 4.42 -1.54
CA ASN C 230 -44.99 4.64 -0.65
C ASN C 230 -45.35 4.52 0.81
N ALA C 231 -46.43 5.18 1.23
CA ALA C 231 -46.87 5.12 2.61
C ALA C 231 -47.30 3.72 2.99
N MET C 232 -47.90 2.98 2.04
CA MET C 232 -48.36 1.62 2.32
C MET C 232 -47.21 0.66 2.60
N VAL C 233 -46.14 0.78 1.83
CA VAL C 233 -45.08 -0.23 1.93
C VAL C 233 -43.91 0.17 2.84
N SER C 234 -43.72 1.47 3.11
CA SER C 234 -42.58 1.95 3.90
C SER C 234 -42.70 1.51 5.36
N PRO C 235 -41.56 1.23 6.03
CA PRO C 235 -41.62 0.84 7.45
C PRO C 235 -42.39 1.80 8.33
N LEU C 236 -42.23 3.11 8.10
CA LEU C 236 -42.88 4.11 8.96
C LEU C 236 -44.34 4.46 8.62
N LYS C 237 -44.85 3.89 7.54
CA LYS C 237 -46.28 4.02 7.18
CA LYS C 237 -46.26 4.01 7.16
C LYS C 237 -46.71 5.46 6.99
N LYS C 238 -45.85 6.29 6.41
CA LYS C 238 -46.16 7.70 6.17
C LYS C 238 -45.37 8.17 4.98
N ASN C 239 -45.73 9.34 4.45
CA ASN C 239 -44.91 10.03 3.49
C ASN C 239 -44.02 11.04 4.21
N VAL C 240 -42.90 11.39 3.62
CA VAL C 240 -42.03 12.38 4.24
C VAL C 240 -42.51 13.79 3.91
N ASP C 241 -42.00 14.78 4.62
CA ASP C 241 -42.36 16.17 4.30
C ASP C 241 -41.12 17.00 4.09
N ILE C 242 -41.29 18.22 3.59
CA ILE C 242 -40.12 19.06 3.28
C ILE C 242 -39.30 19.44 4.50
N MET C 243 -39.89 19.36 5.70
CA MET C 243 -39.11 19.66 6.91
C MET C 243 -38.21 18.48 7.33
N GLU C 244 -38.69 17.25 7.15
CA GLU C 244 -37.83 16.06 7.39
C GLU C 244 -36.64 16.10 6.43
N VAL C 245 -36.90 16.47 5.19
CA VAL C 245 -35.81 16.57 4.20
C VAL C 245 -34.94 17.78 4.51
N GLY C 246 -35.57 18.93 4.78
CA GLY C 246 -34.84 20.16 5.11
C GLY C 246 -33.90 20.03 6.30
N ASN C 247 -34.42 19.42 7.38
CA ASN C 247 -33.63 19.22 8.60
C ASN C 247 -32.40 18.35 8.34
N THR C 248 -32.56 17.34 7.46
CA THR C 248 -31.43 16.46 7.17
C THR C 248 -30.36 17.18 6.34
N VAL C 249 -30.80 17.97 5.35
CA VAL C 249 -29.88 18.80 4.57
C VAL C 249 -29.14 19.78 5.48
N ALA C 250 -29.91 20.43 6.38
CA ALA C 250 -29.33 21.32 7.39
C ALA C 250 -28.26 20.61 8.23
N PHE C 251 -28.58 19.42 8.74
CA PHE C 251 -27.58 18.63 9.47
C PHE C 251 -26.30 18.41 8.65
N LEU C 252 -26.46 18.06 7.38
CA LEU C 252 -25.32 17.74 6.49
C LEU C 252 -24.49 18.97 6.13
N CYS C 253 -24.92 20.16 6.54
CA CYS C 253 -24.11 21.36 6.34
C CYS C 253 -23.56 21.90 7.66
N SER C 254 -23.63 21.10 8.72
CA SER C 254 -23.17 21.53 10.04
C SER C 254 -21.84 20.91 10.37
N ASP C 255 -21.20 21.47 11.40
CA ASP C 255 -19.96 20.92 11.94
C ASP C 255 -20.17 19.56 12.60
N MET C 256 -21.41 19.22 12.92
CA MET C 256 -21.68 17.89 13.50
C MET C 256 -21.47 16.80 12.44
N ALA C 257 -21.60 17.17 11.16
CA ALA C 257 -21.51 16.21 10.06
C ALA C 257 -20.13 16.09 9.41
N THR C 258 -19.09 16.59 10.07
CA THR C 258 -17.78 16.67 9.41
C THR C 258 -17.08 15.34 9.14
N GLY C 259 -17.64 14.24 9.65
CA GLY C 259 -17.13 12.92 9.33
C GLY C 259 -17.82 12.27 8.14
N ILE C 260 -18.81 12.96 7.54
CA ILE C 260 -19.65 12.39 6.48
C ILE C 260 -19.39 13.01 5.10
N THR C 261 -18.99 12.20 4.14
CA THR C 261 -18.86 12.71 2.76
C THR C 261 -19.01 11.58 1.77
N GLY C 262 -19.46 11.93 0.57
CA GLY C 262 -19.74 10.95 -0.48
C GLY C 262 -20.93 10.06 -0.21
N GLU C 263 -21.80 10.48 0.69
CA GLU C 263 -22.86 9.61 1.20
C GLU C 263 -24.21 10.00 0.61
N VAL C 264 -25.12 9.03 0.47
CA VAL C 264 -26.52 9.32 0.12
C VAL C 264 -27.36 8.89 1.31
N VAL C 265 -28.05 9.84 1.93
CA VAL C 265 -28.87 9.55 3.10
C VAL C 265 -30.34 9.53 2.61
N HIS C 266 -31.01 8.40 2.81
CA HIS C 266 -32.42 8.29 2.38
C HIS C 266 -33.32 8.87 3.42
N VAL C 267 -34.15 9.82 3.00
CA VAL C 267 -35.14 10.41 3.88
C VAL C 267 -36.45 10.11 3.18
N ASP C 268 -36.95 8.90 3.40
CA ASP C 268 -38.02 8.35 2.57
C ASP C 268 -38.92 7.40 3.36
N ALA C 269 -38.96 7.59 4.69
CA ALA C 269 -39.74 6.76 5.60
C ALA C 269 -39.33 5.28 5.59
N GLY C 270 -38.13 4.98 5.09
CA GLY C 270 -37.66 3.60 5.05
C GLY C 270 -37.94 2.86 3.75
N TYR C 271 -38.57 3.53 2.78
CA TYR C 271 -38.90 2.89 1.48
C TYR C 271 -37.72 2.09 0.91
N HIS C 272 -36.53 2.70 0.91
CA HIS C 272 -35.35 2.09 0.30
C HIS C 272 -34.98 0.72 0.84
N CYS C 273 -35.27 0.46 2.11
CA CYS C 273 -34.77 -0.80 2.74
C CYS C 273 -35.69 -2.02 2.64
N VAL C 274 -36.91 -1.83 2.09
CA VAL C 274 -37.91 -2.92 2.06
C VAL C 274 -38.12 -3.50 0.69
N SER C 275 -38.43 -4.77 0.62
CA SER C 275 -38.83 -5.36 -0.64
C SER C 275 -40.08 -6.20 -0.38
N MET C 276 -40.96 -6.25 -1.36
CA MET C 276 -42.21 -7.01 -1.24
C MET C 276 -43.04 -6.56 -0.03
N GLY C 277 -42.97 -5.26 0.27
CA GLY C 277 -43.72 -4.69 1.38
C GLY C 277 -45.23 -4.65 1.15
N ASN C 278 -45.66 -4.97 -0.06
CA ASN C 278 -47.09 -4.93 -0.45
C ASN C 278 -47.82 -6.29 -0.40
N VAL C 279 -47.10 -7.36 -0.07
CA VAL C 279 -47.72 -8.69 -0.09
C VAL C 279 -48.22 -9.08 1.29
N LEU C 280 -49.49 -9.48 1.37
CA LEU C 280 -50.10 -9.97 2.63
C LEU C 280 -49.61 -11.37 2.97
N GLY D 22 -31.69 22.26 23.49
CA GLY D 22 -31.02 21.32 22.55
C GLY D 22 -32.04 20.46 21.81
N PHE D 23 -31.58 19.77 20.76
CA PHE D 23 -32.53 19.05 19.89
C PHE D 23 -32.96 17.68 20.42
N LEU D 24 -32.46 17.30 21.58
CA LEU D 24 -32.92 16.08 22.26
C LEU D 24 -33.56 16.40 23.62
N ALA D 25 -33.95 17.67 23.81
CA ALA D 25 -34.44 18.14 25.10
C ALA D 25 -35.60 17.28 25.57
N GLY D 26 -35.46 16.73 26.77
CA GLY D 26 -36.54 15.93 27.39
C GLY D 26 -36.58 14.47 26.96
N LYS D 27 -35.78 14.11 25.94
CA LYS D 27 -35.81 12.72 25.47
C LYS D 27 -35.07 11.78 26.43
N LYS D 28 -35.68 10.62 26.69
CA LYS D 28 -35.11 9.60 27.56
C LYS D 28 -34.41 8.53 26.74
N ILE D 29 -33.09 8.46 26.87
CA ILE D 29 -32.29 7.62 25.98
C ILE D 29 -31.36 6.69 26.77
N LEU D 30 -31.38 5.42 26.41
CA LEU D 30 -30.52 4.41 27.00
C LEU D 30 -29.28 4.23 26.13
N ILE D 31 -28.10 4.35 26.76
CA ILE D 31 -26.83 4.16 26.04
C ILE D 31 -26.10 2.92 26.56
N THR D 32 -25.83 1.97 25.67
CA THR D 32 -25.05 0.78 25.99
C THR D 32 -23.61 1.02 25.56
N GLY D 33 -22.68 0.21 26.07
CA GLY D 33 -21.32 0.16 25.54
C GLY D 33 -20.33 1.21 26.02
N LEU D 34 -20.69 2.00 27.02
CA LEU D 34 -19.76 3.02 27.53
C LEU D 34 -18.76 2.38 28.51
N LEU D 35 -17.52 2.18 28.05
CA LEU D 35 -16.53 1.45 28.85
C LEU D 35 -15.37 2.33 29.31
N SER D 36 -14.97 3.28 28.47
CA SER D 36 -13.91 4.24 28.85
C SER D 36 -14.23 5.58 28.24
N ASN D 37 -13.50 6.63 28.59
CA ASN D 37 -13.70 7.93 27.94
C ASN D 37 -13.24 7.97 26.46
N LYS D 38 -12.72 6.85 25.97
CA LYS D 38 -12.41 6.71 24.54
C LYS D 38 -13.54 5.99 23.75
N SER D 39 -14.47 5.35 24.46
CA SER D 39 -15.58 4.58 23.81
C SER D 39 -16.36 5.45 22.84
N ILE D 40 -16.80 4.86 21.73
CA ILE D 40 -17.73 5.58 20.84
C ILE D 40 -18.94 6.06 21.66
N ALA D 41 -19.38 5.25 22.62
CA ALA D 41 -20.60 5.59 23.39
C ALA D 41 -20.36 6.80 24.32
N TYR D 42 -19.10 7.05 24.68
CA TYR D 42 -18.78 8.26 25.45
C TYR D 42 -19.02 9.50 24.58
N GLY D 43 -18.65 9.43 23.30
CA GLY D 43 -18.90 10.53 22.37
C GLY D 43 -20.40 10.72 22.20
N ILE D 44 -21.11 9.61 22.06
CA ILE D 44 -22.58 9.65 21.94
C ILE D 44 -23.23 10.33 23.17
N ALA D 45 -22.80 9.91 24.35
CA ALA D 45 -23.26 10.50 25.62
C ALA D 45 -22.97 11.98 25.70
N LYS D 46 -21.74 12.38 25.35
CA LYS D 46 -21.40 13.81 25.37
C LYS D 46 -22.35 14.62 24.48
N ALA D 47 -22.54 14.15 23.24
CA ALA D 47 -23.40 14.84 22.29
C ALA D 47 -24.84 14.90 22.78
N MET D 48 -25.33 13.78 23.29
CA MET D 48 -26.74 13.70 23.72
C MET D 48 -26.99 14.56 24.94
N HIS D 49 -26.05 14.51 25.89
CA HIS D 49 -26.14 15.42 27.07
C HIS D 49 -26.12 16.89 26.70
N ARG D 50 -25.25 17.27 25.78
CA ARG D 50 -25.17 18.65 25.28
C ARG D 50 -26.53 19.08 24.69
N GLU D 51 -27.15 18.17 23.94
CA GLU D 51 -28.48 18.41 23.34
C GLU D 51 -29.70 18.20 24.24
N GLY D 52 -29.45 18.04 25.54
CA GLY D 52 -30.51 18.06 26.56
C GLY D 52 -31.22 16.74 26.82
N ALA D 53 -30.66 15.62 26.35
CA ALA D 53 -31.26 14.30 26.60
C ALA D 53 -31.14 13.89 28.07
N GLU D 54 -32.12 13.13 28.56
CA GLU D 54 -32.00 12.45 29.85
C GLU D 54 -31.43 11.04 29.60
N LEU D 55 -30.33 10.67 30.25
CA LEU D 55 -29.62 9.42 29.87
C LEU D 55 -29.61 8.35 30.94
N ALA D 56 -29.58 7.11 30.50
CA ALA D 56 -29.32 5.97 31.37
C ALA D 56 -28.26 5.11 30.69
N PHE D 57 -27.51 4.35 31.48
CA PHE D 57 -26.38 3.60 30.96
C PHE D 57 -26.40 2.18 31.47
N THR D 58 -25.88 1.26 30.65
CA THR D 58 -25.65 -0.11 31.11
C THR D 58 -24.16 -0.46 31.19
N TYR D 59 -23.85 -1.49 31.95
CA TYR D 59 -22.47 -1.98 32.06
C TYR D 59 -22.48 -3.51 32.14
N VAL D 60 -21.34 -4.12 31.85
CA VAL D 60 -21.21 -5.56 32.03
C VAL D 60 -20.43 -5.90 33.29
N GLY D 61 -20.80 -7.06 33.84
CA GLY D 61 -20.17 -7.68 35.00
C GLY D 61 -19.57 -6.75 36.03
N GLN D 62 -18.24 -6.71 36.04
CA GLN D 62 -17.45 -6.04 37.07
C GLN D 62 -17.29 -4.51 36.91
N PHE D 63 -17.78 -3.96 35.80
CA PHE D 63 -17.45 -2.56 35.48
C PHE D 63 -18.41 -1.53 36.12
N LYS D 64 -19.22 -1.94 37.09
CA LYS D 64 -20.18 -1.03 37.73
C LYS D 64 -19.56 0.30 38.21
N ASP D 65 -18.53 0.20 39.05
CA ASP D 65 -17.92 1.41 39.64
C ASP D 65 -17.25 2.31 38.60
N ARG D 66 -16.47 1.70 37.70
CA ARG D 66 -15.84 2.41 36.56
C ARG D 66 -16.87 3.20 35.76
N VAL D 67 -17.98 2.55 35.43
CA VAL D 67 -18.96 3.16 34.57
C VAL D 67 -19.73 4.24 35.32
N GLU D 68 -20.11 3.98 36.56
CA GLU D 68 -20.71 5.04 37.39
C GLU D 68 -19.84 6.29 37.46
N LYS D 69 -18.53 6.12 37.64
CA LYS D 69 -17.62 7.26 37.68
C LYS D 69 -17.59 8.01 36.34
N LEU D 70 -17.50 7.25 35.25
CA LEU D 70 -17.49 7.81 33.91
C LEU D 70 -18.74 8.59 33.56
N CYS D 71 -19.89 8.07 33.99
CA CYS D 71 -21.22 8.58 33.62
CA CYS D 71 -21.15 8.67 33.57
C CYS D 71 -21.69 9.77 34.45
N ALA D 72 -21.03 10.00 35.59
CA ALA D 72 -21.56 10.92 36.59
C ALA D 72 -21.87 12.32 36.02
N GLU D 73 -20.96 12.80 35.18
CA GLU D 73 -21.08 14.10 34.52
C GLU D 73 -22.30 14.23 33.60
N PHE D 74 -22.93 13.10 33.23
CA PHE D 74 -24.12 13.10 32.40
C PHE D 74 -25.41 13.06 33.21
N ASN D 75 -25.28 13.09 34.54
CA ASN D 75 -26.43 13.08 35.44
C ASN D 75 -27.45 11.96 35.11
N PRO D 76 -26.97 10.70 35.05
CA PRO D 76 -27.83 9.60 34.56
C PRO D 76 -29.00 9.32 35.48
N ALA D 77 -30.13 8.92 34.90
CA ALA D 77 -31.28 8.53 35.68
C ALA D 77 -31.07 7.12 36.27
N ALA D 78 -30.17 6.35 35.67
CA ALA D 78 -29.90 4.98 36.12
C ALA D 78 -28.62 4.47 35.47
N VAL D 79 -27.86 3.71 36.23
CA VAL D 79 -26.70 2.95 35.69
C VAL D 79 -26.92 1.50 36.10
N LEU D 80 -27.10 0.63 35.11
CA LEU D 80 -27.69 -0.69 35.33
C LEU D 80 -26.87 -1.81 34.67
N PRO D 81 -26.83 -2.99 35.31
CA PRO D 81 -26.11 -4.11 34.69
C PRO D 81 -26.85 -4.63 33.47
N CYS D 82 -26.13 -4.93 32.40
CA CYS D 82 -26.76 -5.66 31.31
C CYS D 82 -25.73 -6.36 30.44
N ASP D 83 -25.55 -7.65 30.68
CA ASP D 83 -24.70 -8.46 29.83
C ASP D 83 -25.65 -9.05 28.77
N VAL D 84 -25.42 -8.73 27.50
CA VAL D 84 -26.40 -9.11 26.49
C VAL D 84 -26.37 -10.59 26.10
N ILE D 85 -25.47 -11.38 26.70
CA ILE D 85 -25.61 -12.85 26.60
C ILE D 85 -26.89 -13.37 27.29
N SER D 86 -27.47 -12.57 28.17
CA SER D 86 -28.54 -12.99 29.06
C SER D 86 -29.88 -12.33 28.74
N ASP D 87 -30.86 -13.15 28.33
CA ASP D 87 -32.21 -12.66 28.11
C ASP D 87 -32.79 -12.05 29.38
N GLN D 88 -32.54 -12.70 30.52
CA GLN D 88 -33.06 -12.22 31.80
C GLN D 88 -32.52 -10.84 32.16
N GLU D 89 -31.22 -10.63 31.97
CA GLU D 89 -30.67 -9.29 32.25
C GLU D 89 -31.26 -8.21 31.35
N ILE D 90 -31.51 -8.53 30.08
CA ILE D 90 -32.10 -7.56 29.17
C ILE D 90 -33.55 -7.26 29.60
N LYS D 91 -34.31 -8.31 29.94
CA LYS D 91 -35.67 -8.12 30.45
C LYS D 91 -35.70 -7.25 31.73
N ASP D 92 -34.81 -7.53 32.66
CA ASP D 92 -34.74 -6.81 33.95
C ASP D 92 -34.28 -5.37 33.75
N LEU D 93 -33.46 -5.14 32.72
CA LEU D 93 -33.04 -3.77 32.39
C LEU D 93 -34.25 -2.87 32.16
N PHE D 94 -35.19 -3.35 31.36
CA PHE D 94 -36.35 -2.52 31.05
C PHE D 94 -37.32 -2.39 32.21
N VAL D 95 -37.38 -3.41 33.06
CA VAL D 95 -38.19 -3.30 34.29
C VAL D 95 -37.61 -2.21 35.20
N GLU D 96 -36.29 -2.17 35.37
CA GLU D 96 -35.65 -1.18 36.23
C GLU D 96 -35.77 0.23 35.65
N LEU D 97 -35.61 0.35 34.34
CA LEU D 97 -35.74 1.62 33.66
C LEU D 97 -37.17 2.13 33.78
N GLY D 98 -38.12 1.22 33.63
CA GLY D 98 -39.57 1.53 33.67
C GLY D 98 -40.02 2.04 35.02
N LYS D 99 -39.20 1.84 36.04
CA LYS D 99 -39.50 2.37 37.35
C LYS D 99 -39.28 3.89 37.43
N VAL D 100 -38.22 4.39 36.78
CA VAL D 100 -37.93 5.83 36.77
C VAL D 100 -38.49 6.57 35.55
N TRP D 101 -38.71 5.86 34.44
CA TRP D 101 -39.23 6.46 33.21
C TRP D 101 -40.54 5.88 32.78
N ASP D 102 -41.47 6.72 32.34
CA ASP D 102 -42.79 6.25 31.87
C ASP D 102 -42.79 5.73 30.43
N GLY D 103 -41.71 5.99 29.72
CA GLY D 103 -41.54 5.55 28.35
C GLY D 103 -40.09 5.77 28.00
N LEU D 104 -39.69 5.33 26.81
CA LEU D 104 -38.31 5.39 26.43
C LEU D 104 -38.24 5.99 25.02
N ASP D 105 -37.41 6.99 24.83
CA ASP D 105 -37.31 7.56 23.49
C ASP D 105 -36.30 6.88 22.56
N ALA D 106 -35.21 6.36 23.10
CA ALA D 106 -34.22 5.72 22.22
C ALA D 106 -33.33 4.70 22.90
N ILE D 107 -32.86 3.74 22.10
CA ILE D 107 -31.81 2.81 22.52
C ILE D 107 -30.61 2.95 21.60
N VAL D 108 -29.45 3.20 22.19
CA VAL D 108 -28.18 3.23 21.44
C VAL D 108 -27.45 1.93 21.73
N HIS D 109 -27.19 1.16 20.67
CA HIS D 109 -26.51 -0.13 20.74
C HIS D 109 -25.09 0.15 20.32
N SER D 110 -24.14 0.02 21.24
CA SER D 110 -22.73 0.27 20.91
C SER D 110 -21.91 -0.85 21.55
N ILE D 111 -22.20 -2.06 21.09
CA ILE D 111 -21.74 -3.30 21.71
C ILE D 111 -21.24 -4.22 20.64
N ALA D 112 -20.05 -4.78 20.83
CA ALA D 112 -19.60 -5.85 19.95
C ALA D 112 -18.66 -6.74 20.71
N PHE D 113 -18.64 -8.02 20.32
CA PHE D 113 -17.66 -8.95 20.83
C PHE D 113 -17.49 -10.13 19.88
N ALA D 114 -16.24 -10.55 19.71
CA ALA D 114 -15.93 -11.87 19.19
C ALA D 114 -14.67 -12.36 19.94
N PRO D 115 -14.51 -13.69 20.11
CA PRO D 115 -13.30 -14.20 20.75
C PRO D 115 -12.05 -13.74 19.98
N ARG D 116 -10.94 -13.54 20.70
CA ARG D 116 -9.69 -13.06 20.09
C ARG D 116 -9.26 -13.86 18.86
N ASP D 117 -9.45 -15.18 18.90
CA ASP D 117 -8.98 -16.04 17.83
C ASP D 117 -9.80 -15.87 16.53
N GLN D 118 -10.93 -15.17 16.62
CA GLN D 118 -11.79 -14.88 15.44
C GLN D 118 -11.39 -13.61 14.69
N LEU D 119 -10.31 -13.00 15.16
CA LEU D 119 -9.80 -11.80 14.52
C LEU D 119 -8.38 -12.15 14.15
N GLU D 120 -7.82 -11.44 13.19
CA GLU D 120 -6.46 -11.72 12.72
C GLU D 120 -6.27 -13.11 12.04
N GLY D 121 -5.37 -13.15 11.08
CA GLY D 121 -5.10 -14.39 10.37
C GLY D 121 -6.12 -14.61 9.27
N ASN D 122 -5.98 -15.74 8.60
CA ASN D 122 -6.84 -16.11 7.50
C ASN D 122 -8.23 -16.47 8.04
N PHE D 123 -9.29 -15.93 7.44
CA PHE D 123 -10.65 -16.11 7.93
C PHE D 123 -11.03 -17.59 8.03
N ILE D 124 -10.78 -18.34 6.97
CA ILE D 124 -11.12 -19.75 6.96
C ILE D 124 -10.24 -20.58 7.93
N ASP D 125 -8.95 -20.22 8.03
CA ASP D 125 -8.08 -20.88 9.03
C ASP D 125 -8.63 -20.72 10.42
N CYS D 126 -9.08 -19.51 10.75
CA CYS D 126 -9.38 -19.15 12.13
C CYS D 126 -10.84 -19.26 12.57
N VAL D 127 -11.78 -19.23 11.63
CA VAL D 127 -13.22 -19.26 12.01
C VAL D 127 -13.59 -20.58 12.71
N THR D 128 -14.43 -20.50 13.75
CA THR D 128 -14.91 -21.73 14.41
C THR D 128 -16.40 -21.59 14.59
N ARG D 129 -17.08 -22.73 14.73
CA ARG D 129 -18.52 -22.73 14.92
C ARG D 129 -18.88 -21.91 16.14
N GLU D 130 -18.15 -22.13 17.23
CA GLU D 130 -18.47 -21.46 18.47
C GLU D 130 -18.15 -19.97 18.37
N GLY D 131 -17.00 -19.64 17.78
CA GLY D 131 -16.59 -18.23 17.60
C GLY D 131 -17.63 -17.46 16.79
N PHE D 132 -18.07 -18.09 15.70
CA PHE D 132 -19.08 -17.53 14.79
C PHE D 132 -20.37 -17.30 15.59
N SER D 133 -20.80 -18.33 16.30
CA SER D 133 -22.00 -18.22 17.14
C SER D 133 -21.94 -17.09 18.18
N ILE D 134 -20.81 -16.99 18.89
CA ILE D 134 -20.67 -16.01 19.96
C ILE D 134 -20.67 -14.58 19.37
N ALA D 135 -19.91 -14.41 18.29
CA ALA D 135 -19.82 -13.11 17.64
C ALA D 135 -21.21 -12.63 17.22
N HIS D 136 -22.02 -13.54 16.68
CA HIS D 136 -23.37 -13.18 16.21
C HIS D 136 -24.33 -12.91 17.31
N ASP D 137 -24.22 -13.70 18.38
CA ASP D 137 -25.09 -13.54 19.54
C ASP D 137 -24.90 -12.15 20.19
N ILE D 138 -23.65 -11.79 20.48
CA ILE D 138 -23.38 -10.54 21.19
C ILE D 138 -23.43 -9.35 20.26
N SER D 139 -22.96 -9.51 19.03
CA SER D 139 -22.79 -8.36 18.15
C SER D 139 -24.00 -8.02 17.31
N ALA D 140 -24.88 -9.00 17.12
CA ALA D 140 -26.02 -8.86 16.20
C ALA D 140 -27.35 -9.18 16.86
N TYR D 141 -27.52 -10.40 17.36
CA TYR D 141 -28.80 -10.78 18.01
C TYR D 141 -29.17 -9.77 19.12
N SER D 142 -28.18 -9.34 19.91
CA SER D 142 -28.44 -8.41 21.01
C SER D 142 -29.25 -7.16 20.60
N PHE D 143 -29.07 -6.68 19.36
CA PHE D 143 -29.83 -5.52 18.90
C PHE D 143 -31.33 -5.87 18.84
N ALA D 144 -31.64 -7.04 18.28
CA ALA D 144 -33.04 -7.52 18.25
C ALA D 144 -33.57 -7.76 19.67
N ALA D 145 -32.72 -8.32 20.53
CA ALA D 145 -33.09 -8.60 21.92
C ALA D 145 -33.49 -7.32 22.66
N LEU D 146 -32.72 -6.24 22.47
CA LEU D 146 -33.06 -4.94 23.09
C LEU D 146 -34.38 -4.39 22.52
N ALA D 147 -34.55 -4.50 21.20
CA ALA D 147 -35.79 -4.09 20.55
C ALA D 147 -37.02 -4.83 21.10
N LYS D 148 -36.89 -6.14 21.25
CA LYS D 148 -37.99 -6.98 21.77
C LYS D 148 -38.42 -6.54 23.16
N GLU D 149 -37.45 -6.30 24.04
CA GLU D 149 -37.76 -5.93 25.43
C GLU D 149 -38.06 -4.43 25.61
N GLY D 150 -37.56 -3.59 24.71
CA GLY D 150 -37.75 -2.16 24.85
C GLY D 150 -38.96 -1.62 24.11
N ARG D 151 -39.51 -2.45 23.22
CA ARG D 151 -40.55 -2.01 22.27
C ARG D 151 -41.76 -1.38 22.99
N SER D 152 -42.22 -2.04 24.05
CA SER D 152 -43.38 -1.56 24.80
C SER D 152 -43.18 -0.13 25.34
N MET D 153 -42.00 0.18 25.87
CA MET D 153 -41.71 1.53 26.37
C MET D 153 -41.54 2.59 25.26
N MET D 154 -41.16 2.13 24.06
CA MET D 154 -40.84 3.01 22.92
C MET D 154 -42.06 3.28 22.02
N LYS D 155 -43.15 2.55 22.20
CA LYS D 155 -44.33 2.70 21.33
C LYS D 155 -44.85 4.14 21.21
N ASN D 156 -45.11 4.57 19.98
CA ASN D 156 -45.89 5.79 19.69
C ASN D 156 -45.37 7.09 20.29
N ARG D 157 -44.06 7.34 20.14
CA ARG D 157 -43.49 8.58 20.65
C ARG D 157 -42.30 9.03 19.77
N ASN D 158 -42.37 8.71 18.49
CA ASN D 158 -41.25 8.98 17.57
C ASN D 158 -39.94 8.47 18.17
N ALA D 159 -39.96 7.24 18.63
CA ALA D 159 -38.79 6.64 19.27
C ALA D 159 -37.75 6.24 18.23
N SER D 160 -36.53 5.93 18.70
CA SER D 160 -35.43 5.63 17.77
C SER D 160 -34.55 4.53 18.33
N MET D 161 -33.87 3.81 17.44
CA MET D 161 -32.78 2.91 17.83
C MET D 161 -31.62 3.20 16.88
N VAL D 162 -30.39 3.14 17.39
CA VAL D 162 -29.22 3.28 16.52
C VAL D 162 -28.19 2.21 16.94
N ALA D 163 -27.61 1.51 15.96
CA ALA D 163 -26.53 0.56 16.21
C ALA D 163 -25.25 1.06 15.55
N LEU D 164 -24.09 0.73 16.12
CA LEU D 164 -22.79 1.03 15.53
C LEU D 164 -22.31 -0.14 14.70
N THR D 165 -21.85 0.15 13.49
CA THR D 165 -21.41 -0.89 12.57
C THR D 165 -20.11 -0.47 11.89
N TYR D 166 -19.57 -1.34 11.04
CA TYR D 166 -18.28 -1.08 10.40
C TYR D 166 -18.30 -1.62 8.97
N ILE D 167 -17.57 -0.96 8.07
CA ILE D 167 -17.55 -1.32 6.63
C ILE D 167 -17.10 -2.75 6.37
N GLY D 168 -16.43 -3.37 7.34
CA GLY D 168 -16.11 -4.82 7.25
C GLY D 168 -17.33 -5.72 7.08
N ALA D 169 -18.51 -5.18 7.37
CA ALA D 169 -19.79 -5.85 7.02
C ALA D 169 -19.98 -5.98 5.50
N GLU D 170 -19.51 -4.98 4.76
CA GLU D 170 -19.81 -4.78 3.34
C GLU D 170 -18.75 -5.36 2.43
N LYS D 171 -17.52 -5.41 2.92
CA LYS D 171 -16.38 -5.82 2.12
C LYS D 171 -15.51 -6.74 2.95
N ALA D 172 -14.78 -7.62 2.29
CA ALA D 172 -13.88 -8.53 2.96
C ALA D 172 -12.57 -7.79 3.24
N MET D 173 -12.20 -7.77 4.51
CA MET D 173 -11.06 -6.97 4.95
C MET D 173 -10.08 -7.87 5.70
N PRO D 174 -8.80 -7.46 5.79
CA PRO D 174 -7.89 -8.25 6.64
C PRO D 174 -8.35 -8.20 8.09
N SER D 175 -8.15 -9.30 8.82
CA SER D 175 -8.30 -9.39 10.29
C SER D 175 -9.72 -9.36 10.85
N TYR D 176 -10.57 -8.51 10.30
CA TYR D 176 -11.89 -8.29 10.87
C TYR D 176 -12.73 -9.59 10.88
N ASN D 177 -12.50 -10.42 9.86
CA ASN D 177 -12.92 -11.83 9.85
C ASN D 177 -14.34 -12.04 10.36
N THR D 178 -14.47 -12.82 11.43
CA THR D 178 -15.80 -13.16 11.96
C THR D 178 -16.61 -11.95 12.39
N MET D 179 -15.95 -10.89 12.84
CA MET D 179 -16.69 -9.65 13.17
C MET D 179 -17.34 -9.03 11.94
N GLY D 180 -16.69 -9.15 10.78
CA GLY D 180 -17.26 -8.62 9.55
C GLY D 180 -18.55 -9.33 9.21
N VAL D 181 -18.55 -10.65 9.33
CA VAL D 181 -19.76 -11.44 9.10
C VAL D 181 -20.86 -11.04 10.09
N ALA D 182 -20.49 -10.93 11.38
CA ALA D 182 -21.44 -10.53 12.41
C ALA D 182 -22.00 -9.12 12.20
N LYS D 183 -21.18 -8.20 11.69
CA LYS D 183 -21.68 -6.85 11.33
C LYS D 183 -22.66 -6.89 10.15
N ALA D 184 -22.41 -7.78 9.19
CA ALA D 184 -23.41 -7.94 8.11
C ALA D 184 -24.72 -8.42 8.70
N SER D 185 -24.64 -9.37 9.64
CA SER D 185 -25.85 -9.88 10.31
C SER D 185 -26.54 -8.74 11.09
N LEU D 186 -25.75 -7.96 11.83
CA LEU D 186 -26.29 -6.77 12.51
C LEU D 186 -26.99 -5.79 11.53
N GLU D 187 -26.37 -5.48 10.39
CA GLU D 187 -27.02 -4.52 9.47
C GLU D 187 -28.35 -5.05 8.94
N ALA D 188 -28.43 -6.36 8.66
CA ALA D 188 -29.71 -6.93 8.24
C ALA D 188 -30.71 -6.90 9.40
N THR D 189 -30.23 -7.16 10.62
CA THR D 189 -31.08 -7.09 11.81
C THR D 189 -31.65 -5.67 11.95
N VAL D 190 -30.80 -4.66 11.73
CA VAL D 190 -31.27 -3.26 11.75
C VAL D 190 -32.41 -3.06 10.73
N ARG D 191 -32.25 -3.57 9.51
CA ARG D 191 -33.31 -3.42 8.51
C ARG D 191 -34.59 -4.14 8.88
N TYR D 192 -34.48 -5.40 9.31
CA TYR D 192 -35.71 -6.16 9.70
C TYR D 192 -36.36 -5.57 10.94
N THR D 193 -35.54 -5.02 11.83
CA THR D 193 -36.08 -4.30 13.00
C THR D 193 -36.80 -3.02 12.58
N ALA D 194 -36.22 -2.28 11.62
CA ALA D 194 -36.91 -1.10 11.09
C ALA D 194 -38.30 -1.47 10.57
N LEU D 195 -38.38 -2.53 9.79
CA LEU D 195 -39.66 -2.99 9.24
C LEU D 195 -40.60 -3.43 10.37
N ALA D 196 -40.08 -4.18 11.35
CA ALA D 196 -40.92 -4.70 12.44
C ALA D 196 -41.47 -3.62 13.37
N LEU D 197 -40.71 -2.55 13.58
CA LEU D 197 -41.06 -1.54 14.60
C LEU D 197 -41.67 -0.24 14.04
N GLY D 198 -41.60 -0.07 12.72
CA GLY D 198 -42.03 1.16 12.08
C GLY D 198 -43.51 1.48 12.30
N GLU D 199 -44.32 0.43 12.43
CA GLU D 199 -45.75 0.61 12.69
C GLU D 199 -46.00 1.30 14.06
N ASP D 200 -45.05 1.15 14.98
CA ASP D 200 -45.10 1.82 16.28
C ASP D 200 -44.38 3.19 16.29
N GLY D 201 -44.00 3.70 15.11
CA GLY D 201 -43.36 5.00 15.00
C GLY D 201 -41.89 4.99 15.37
N ILE D 202 -41.32 3.79 15.50
CA ILE D 202 -39.91 3.67 15.94
C ILE D 202 -38.99 3.59 14.72
N LYS D 203 -38.06 4.54 14.61
CA LYS D 203 -37.08 4.52 13.52
C LYS D 203 -35.81 3.82 13.97
N VAL D 204 -35.14 3.14 13.04
CA VAL D 204 -34.12 2.15 13.41
C VAL D 204 -33.00 2.26 12.36
N ASN D 205 -31.83 2.69 12.81
CA ASN D 205 -30.74 3.03 11.88
C ASN D 205 -29.40 2.57 12.40
N ALA D 206 -28.39 2.61 11.54
CA ALA D 206 -27.03 2.32 11.97
C ALA D 206 -26.08 3.40 11.54
N VAL D 207 -25.02 3.57 12.33
CA VAL D 207 -23.94 4.45 11.93
C VAL D 207 -22.71 3.56 11.69
N SER D 208 -22.14 3.66 10.49
CA SER D 208 -20.94 2.91 10.13
C SER D 208 -19.71 3.80 10.33
N ALA D 209 -19.04 3.64 11.45
CA ALA D 209 -17.93 4.50 11.81
C ALA D 209 -16.64 4.04 11.16
N GLY D 210 -15.80 4.99 10.80
CA GLY D 210 -14.42 4.70 10.44
C GLY D 210 -13.71 4.22 11.70
N PRO D 211 -12.48 3.68 11.53
CA PRO D 211 -11.74 3.19 12.68
C PRO D 211 -11.42 4.32 13.66
N ILE D 212 -11.52 3.99 14.95
CA ILE D 212 -11.26 4.92 16.05
C ILE D 212 -10.48 4.15 17.11
N LYS D 213 -9.45 4.76 17.69
CA LYS D 213 -8.67 4.08 18.71
C LYS D 213 -9.45 4.01 20.04
N THR D 214 -10.15 2.91 20.23
CA THR D 214 -10.95 2.68 21.44
C THR D 214 -10.36 1.43 22.14
N LEU D 215 -10.93 1.03 23.27
CA LEU D 215 -10.57 -0.27 23.88
C LEU D 215 -10.70 -1.47 22.93
N ALA D 216 -11.75 -1.47 22.12
CA ALA D 216 -11.95 -2.58 21.18
C ALA D 216 -10.79 -2.69 20.21
N ALA D 217 -10.23 -1.54 19.83
CA ALA D 217 -9.11 -1.54 18.92
C ALA D 217 -7.81 -1.98 19.58
N SER D 218 -7.80 -1.98 20.92
CA SER D 218 -6.57 -2.23 21.71
C SER D 218 -5.95 -3.60 21.45
N GLY D 219 -6.81 -4.60 21.26
CA GLY D 219 -6.32 -5.95 21.00
C GLY D 219 -5.92 -6.20 19.55
N ILE D 220 -6.08 -5.20 18.68
CA ILE D 220 -5.82 -5.39 17.24
C ILE D 220 -4.42 -4.92 16.87
N SER D 221 -3.56 -5.85 16.43
CA SER D 221 -2.21 -5.42 16.04
C SER D 221 -2.21 -4.53 14.78
N ASN D 222 -1.32 -3.54 14.84
CA ASN D 222 -1.13 -2.59 13.74
C ASN D 222 -2.39 -1.77 13.42
N PHE D 223 -3.27 -1.63 14.40
CA PHE D 223 -4.43 -0.75 14.26
C PHE D 223 -4.04 0.66 13.81
N LYS D 224 -2.94 1.19 14.35
CA LYS D 224 -2.48 2.50 13.91
C LYS D 224 -2.19 2.57 12.40
N LYS D 225 -1.69 1.49 11.81
CA LYS D 225 -1.44 1.50 10.37
C LYS D 225 -2.78 1.58 9.64
N MET D 226 -3.78 0.87 10.16
CA MET D 226 -5.13 0.92 9.56
C MET D 226 -5.72 2.33 9.62
N LEU D 227 -5.54 3.02 10.76
CA LEU D 227 -5.96 4.42 10.87
C LEU D 227 -5.28 5.29 9.84
N ASP D 228 -3.96 5.15 9.74
CA ASP D 228 -3.19 6.01 8.85
C ASP D 228 -3.53 5.72 7.39
N TYR D 229 -3.78 4.45 7.07
CA TYR D 229 -4.26 4.10 5.73
C TYR D 229 -5.59 4.78 5.42
N ASN D 230 -6.52 4.68 6.37
CA ASN D 230 -7.80 5.39 6.24
C ASN D 230 -7.65 6.87 5.94
N ALA D 231 -6.79 7.55 6.70
CA ALA D 231 -6.60 8.98 6.50
C ALA D 231 -5.95 9.24 5.13
N MET D 232 -5.09 8.32 4.68
CA MET D 232 -4.40 8.52 3.39
C MET D 232 -5.37 8.49 2.21
N VAL D 233 -6.29 7.51 2.23
CA VAL D 233 -7.16 7.29 1.08
C VAL D 233 -8.51 8.00 1.13
N SER D 234 -8.97 8.39 2.31
CA SER D 234 -10.30 9.02 2.44
C SER D 234 -10.31 10.40 1.79
N PRO D 235 -11.44 10.78 1.18
CA PRO D 235 -11.58 12.11 0.59
C PRO D 235 -11.24 13.25 1.54
N LEU D 236 -11.67 13.17 2.81
CA LEU D 236 -11.39 14.25 3.76
C LEU D 236 -9.99 14.21 4.41
N LYS D 237 -9.18 13.20 4.11
CA LYS D 237 -7.76 13.18 4.59
C LYS D 237 -7.62 13.30 6.11
N LYS D 238 -8.47 12.61 6.84
CA LYS D 238 -8.42 12.63 8.29
C LYS D 238 -9.11 11.38 8.82
N ASN D 239 -8.89 11.10 10.09
CA ASN D 239 -9.66 10.09 10.77
C ASN D 239 -10.84 10.76 11.47
N VAL D 240 -11.89 10.01 11.70
CA VAL D 240 -13.04 10.54 12.43
C VAL D 240 -12.81 10.44 13.92
N ASP D 241 -13.62 11.14 14.71
CA ASP D 241 -13.51 11.05 16.14
C ASP D 241 -14.86 10.72 16.76
N ILE D 242 -14.86 10.45 18.06
CA ILE D 242 -16.10 10.04 18.72
C ILE D 242 -17.19 11.10 18.74
N MET D 243 -16.81 12.39 18.65
CA MET D 243 -17.82 13.45 18.54
C MET D 243 -18.51 13.49 17.19
N GLU D 244 -17.77 13.27 16.10
CA GLU D 244 -18.40 13.18 14.77
C GLU D 244 -19.38 12.01 14.73
N VAL D 245 -18.98 10.88 15.30
CA VAL D 245 -19.87 9.74 15.37
C VAL D 245 -21.05 10.04 16.33
N GLY D 246 -20.71 10.54 17.51
CA GLY D 246 -21.71 10.83 18.54
C GLY D 246 -22.76 11.82 18.11
N ASN D 247 -22.34 12.89 17.44
CA ASN D 247 -23.31 13.88 16.92
C ASN D 247 -24.26 13.28 15.90
N THR D 248 -23.76 12.36 15.10
CA THR D 248 -24.60 11.72 14.06
C THR D 248 -25.63 10.79 14.70
N VAL D 249 -25.18 10.02 15.69
CA VAL D 249 -26.08 9.17 16.46
C VAL D 249 -27.14 10.03 17.14
N ALA D 250 -26.72 11.16 17.72
CA ALA D 250 -27.67 12.09 18.36
C ALA D 250 -28.70 12.60 17.37
N PHE D 251 -28.23 13.05 16.21
CA PHE D 251 -29.17 13.47 15.16
C PHE D 251 -30.20 12.39 14.84
N LEU D 252 -29.73 11.14 14.74
CA LEU D 252 -30.60 10.02 14.37
C LEU D 252 -31.58 9.62 15.49
N CYS D 253 -31.46 10.25 16.66
CA CYS D 253 -32.46 10.06 17.72
C CYS D 253 -33.35 11.30 17.90
N SER D 254 -33.30 12.22 16.95
CA SER D 254 -33.99 13.50 17.13
C SER D 254 -35.23 13.53 16.26
N ASP D 255 -36.12 14.48 16.53
CA ASP D 255 -37.33 14.63 15.72
C ASP D 255 -37.00 15.10 14.29
N MET D 256 -35.79 15.61 14.08
CA MET D 256 -35.38 16.04 12.75
C MET D 256 -35.19 14.85 11.82
N ALA D 257 -34.87 13.69 12.40
CA ALA D 257 -34.58 12.47 11.63
C ALA D 257 -35.78 11.56 11.39
N THR D 258 -37.01 12.04 11.60
CA THR D 258 -38.16 11.13 11.58
C THR D 258 -38.50 10.55 10.21
N GLY D 259 -37.89 11.06 9.16
CA GLY D 259 -38.04 10.49 7.83
C GLY D 259 -37.03 9.39 7.51
N ILE D 260 -36.14 9.07 8.45
CA ILE D 260 -35.02 8.15 8.16
C ILE D 260 -35.13 6.85 8.96
N THR D 261 -35.24 5.72 8.25
CA THR D 261 -35.20 4.40 8.92
C THR D 261 -34.63 3.33 7.99
N GLY D 262 -34.03 2.33 8.59
CA GLY D 262 -33.40 1.23 7.86
C GLY D 262 -32.13 1.66 7.16
N GLU D 263 -31.57 2.80 7.57
CA GLU D 263 -30.40 3.40 6.89
C GLU D 263 -29.10 3.09 7.60
N VAL D 264 -28.01 3.02 6.83
CA VAL D 264 -26.67 2.94 7.37
C VAL D 264 -25.97 4.24 6.95
N VAL D 265 -25.60 5.08 7.92
CA VAL D 265 -24.97 6.34 7.60
C VAL D 265 -23.47 6.18 7.90
N HIS D 266 -22.62 6.36 6.88
CA HIS D 266 -21.17 6.26 7.09
C HIS D 266 -20.60 7.53 7.64
N VAL D 267 -19.90 7.41 8.77
CA VAL D 267 -19.21 8.52 9.40
C VAL D 267 -17.76 8.06 9.42
N ASP D 268 -17.10 8.24 8.28
CA ASP D 268 -15.81 7.60 8.04
C ASP D 268 -14.90 8.44 7.17
N ALA D 269 -15.18 9.73 7.10
CA ALA D 269 -14.38 10.67 6.33
C ALA D 269 -14.45 10.40 4.81
N GLY D 270 -15.48 9.66 4.39
CA GLY D 270 -15.67 9.31 2.98
C GLY D 270 -15.02 8.00 2.53
N TYR D 271 -14.35 7.31 3.46
CA TYR D 271 -13.66 6.05 3.12
C TYR D 271 -14.54 5.15 2.24
N HIS D 272 -15.82 5.02 2.62
CA HIS D 272 -16.71 4.08 1.92
C HIS D 272 -16.89 4.36 0.44
N CYS D 273 -16.72 5.61 -0.01
CA CYS D 273 -17.11 5.98 -1.38
C CYS D 273 -15.97 5.91 -2.39
N VAL D 274 -14.76 5.65 -1.92
CA VAL D 274 -13.59 5.69 -2.81
C VAL D 274 -13.02 4.31 -3.13
N SER D 275 -12.36 4.19 -4.27
CA SER D 275 -11.63 2.97 -4.59
C SER D 275 -10.32 3.37 -5.25
N MET D 276 -9.26 2.60 -5.00
CA MET D 276 -7.94 2.90 -5.57
C MET D 276 -7.41 4.27 -5.15
N GLY D 277 -7.75 4.70 -3.94
CA GLY D 277 -7.35 6.02 -3.44
C GLY D 277 -5.88 6.06 -3.02
N ASN D 278 -5.21 4.91 -3.10
CA ASN D 278 -3.78 4.79 -2.73
C ASN D 278 -2.79 4.78 -3.91
N VAL D 279 -3.29 4.93 -5.13
CA VAL D 279 -2.44 4.81 -6.31
C VAL D 279 -2.11 6.20 -6.85
N LEU D 280 -0.81 6.51 -6.90
CA LEU D 280 -0.28 7.77 -7.42
C LEU D 280 -0.58 7.98 -8.90
N GLY E 22 19.22 25.46 29.22
CA GLY E 22 19.89 24.38 28.42
C GLY E 22 18.88 23.54 27.65
N PHE E 23 19.34 22.86 26.58
CA PHE E 23 18.40 22.19 25.70
C PHE E 23 17.91 20.83 26.23
N LEU E 24 18.38 20.40 27.40
CA LEU E 24 17.80 19.23 28.06
C LEU E 24 17.15 19.59 29.41
N ALA E 25 16.88 20.88 29.62
CA ALA E 25 16.35 21.35 30.91
C ALA E 25 15.16 20.53 31.36
N GLY E 26 15.28 19.98 32.56
CA GLY E 26 14.19 19.22 33.18
C GLY E 26 14.07 17.77 32.73
N LYS E 27 14.85 17.38 31.72
CA LYS E 27 14.73 16.00 31.24
C LYS E 27 15.41 15.04 32.21
N LYS E 28 14.79 13.87 32.37
CA LYS E 28 15.29 12.84 33.27
C LYS E 28 15.97 11.75 32.46
N ILE E 29 17.29 11.61 32.64
CA ILE E 29 18.06 10.72 31.76
C ILE E 29 18.93 9.76 32.56
N LEU E 30 18.80 8.48 32.22
CA LEU E 30 19.62 7.41 32.76
C LEU E 30 20.85 7.20 31.90
N ILE E 31 22.02 7.23 32.54
CA ILE E 31 23.30 6.98 31.85
C ILE E 31 23.96 5.71 32.38
N THR E 32 24.19 4.75 31.47
CA THR E 32 24.91 3.53 31.78
C THR E 32 26.38 3.72 31.38
N GLY E 33 27.26 2.92 31.95
CA GLY E 33 28.61 2.81 31.40
C GLY E 33 29.64 3.82 31.88
N LEU E 34 29.32 4.60 32.91
CA LEU E 34 30.31 5.52 33.46
C LEU E 34 31.29 4.78 34.40
N LEU E 35 32.53 4.61 33.97
CA LEU E 35 33.47 3.82 34.77
C LEU E 35 34.70 4.64 35.21
N SER E 36 35.11 5.59 34.39
CA SER E 36 36.20 6.49 34.78
C SER E 36 35.94 7.86 34.19
N ASN E 37 36.75 8.85 34.55
CA ASN E 37 36.61 10.15 33.94
C ASN E 37 37.07 10.20 32.48
N LYS E 38 37.52 9.06 31.94
CA LYS E 38 37.85 8.98 30.51
C LYS E 38 36.71 8.32 29.71
N SER E 39 35.76 7.69 30.41
CA SER E 39 34.65 6.98 29.75
C SER E 39 33.89 7.90 28.81
N ILE E 40 33.43 7.35 27.69
CA ILE E 40 32.56 8.11 26.82
C ILE E 40 31.34 8.60 27.61
N ALA E 41 30.84 7.78 28.52
CA ALA E 41 29.66 8.16 29.31
C ALA E 41 29.94 9.37 30.22
N TYR E 42 31.21 9.57 30.59
CA TYR E 42 31.60 10.76 31.37
C TYR E 42 31.42 12.03 30.50
N GLY E 43 31.84 11.96 29.23
CA GLY E 43 31.62 13.06 28.28
C GLY E 43 30.13 13.31 28.08
N ILE E 44 29.37 12.23 27.97
CA ILE E 44 27.90 12.35 27.85
C ILE E 44 27.28 13.04 29.08
N ALA E 45 27.70 12.59 30.26
CA ALA E 45 27.21 13.19 31.51
C ALA E 45 27.57 14.67 31.59
N LYS E 46 28.80 15.03 31.24
CA LYS E 46 29.20 16.44 31.30
C LYS E 46 28.32 17.31 30.39
N ALA E 47 28.12 16.84 29.16
CA ALA E 47 27.30 17.55 28.20
C ALA E 47 25.86 17.67 28.66
N MET E 48 25.30 16.57 29.15
CA MET E 48 23.89 16.59 29.54
C MET E 48 23.67 17.45 30.78
N HIS E 49 24.60 17.39 31.72
CA HIS E 49 24.50 18.22 32.94
C HIS E 49 24.57 19.69 32.60
N ARG E 50 25.46 20.03 31.67
CA ARG E 50 25.62 21.42 31.20
C ARG E 50 24.31 21.91 30.59
N GLU E 51 23.63 21.05 29.85
CA GLU E 51 22.35 21.38 29.21
C GLU E 51 21.10 21.19 30.08
N GLY E 52 21.33 20.96 31.38
CA GLY E 52 20.23 20.99 32.37
C GLY E 52 19.47 19.71 32.64
N ALA E 53 20.01 18.56 32.19
CA ALA E 53 19.33 17.30 32.42
C ALA E 53 19.43 16.90 33.89
N GLU E 54 18.45 16.13 34.37
CA GLU E 54 18.54 15.49 35.67
C GLU E 54 18.97 14.05 35.37
N LEU E 55 20.02 13.60 36.06
CA LEU E 55 20.72 12.36 35.66
C LEU E 55 20.67 11.28 36.72
N ALA E 56 20.67 10.04 36.24
CA ALA E 56 20.81 8.88 37.12
C ALA E 56 21.85 8.00 36.46
N PHE E 57 22.58 7.22 37.26
CA PHE E 57 23.69 6.41 36.77
C PHE E 57 23.60 4.98 37.27
N THR E 58 24.07 4.05 36.43
CA THR E 58 24.20 2.65 36.84
C THR E 58 25.67 2.22 36.96
N TYR E 59 25.92 1.15 37.70
CA TYR E 59 27.28 0.61 37.83
C TYR E 59 27.17 -0.92 37.91
N VAL E 60 28.26 -1.60 37.59
CA VAL E 60 28.29 -3.05 37.75
C VAL E 60 28.98 -3.40 39.07
N GLY E 61 28.49 -4.51 39.62
CA GLY E 61 28.73 -4.96 41.00
C GLY E 61 29.62 -4.16 41.91
N GLN E 62 30.93 -4.36 41.75
CA GLN E 62 31.90 -3.86 42.71
C GLN E 62 32.11 -2.34 42.69
N PHE E 63 31.76 -1.68 41.59
CA PHE E 63 32.21 -0.31 41.36
C PHE E 63 31.32 0.80 41.94
N LYS E 64 30.43 0.44 42.87
CA LYS E 64 29.50 1.42 43.47
C LYS E 64 30.19 2.67 44.00
N ASP E 65 31.18 2.52 44.89
CA ASP E 65 31.87 3.68 45.46
C ASP E 65 32.58 4.52 44.41
N ARG E 66 33.29 3.85 43.51
CA ARG E 66 33.98 4.52 42.39
C ARG E 66 33.04 5.41 41.59
N VAL E 67 31.91 4.84 41.18
CA VAL E 67 30.94 5.55 40.36
C VAL E 67 30.25 6.68 41.14
N GLU E 68 29.88 6.45 42.40
CA GLU E 68 29.30 7.53 43.21
C GLU E 68 30.25 8.72 43.30
N LYS E 69 31.53 8.45 43.53
CA LYS E 69 32.53 9.52 43.61
C LYS E 69 32.60 10.26 42.27
N LEU E 70 32.60 9.49 41.18
CA LEU E 70 32.71 10.05 39.83
C LEU E 70 31.53 10.93 39.46
N CYS E 71 30.33 10.51 39.83
CA CYS E 71 29.20 11.30 39.35
C CYS E 71 28.63 12.33 40.29
N ALA E 72 29.26 12.49 41.45
CA ALA E 72 28.79 13.43 42.50
C ALA E 72 28.57 14.83 41.94
N GLU E 73 29.50 15.27 41.09
CA GLU E 73 29.45 16.57 40.46
C GLU E 73 28.23 16.74 39.53
N PHE E 74 27.54 15.65 39.21
CA PHE E 74 26.37 15.74 38.34
C PHE E 74 25.06 15.79 39.13
N ASN E 75 25.17 15.77 40.46
CA ASN E 75 24.01 15.77 41.34
C ASN E 75 22.98 14.71 40.93
N PRO E 76 23.40 13.43 40.84
CA PRO E 76 22.49 12.39 40.36
C PRO E 76 21.29 12.17 41.28
N ALA E 77 20.15 11.88 40.68
CA ALA E 77 18.96 11.51 41.46
C ALA E 77 19.09 10.09 42.05
N ALA E 78 19.94 9.27 41.42
CA ALA E 78 20.12 7.88 41.81
C ALA E 78 21.39 7.32 41.16
N VAL E 79 22.10 6.49 41.93
CA VAL E 79 23.23 5.73 41.41
C VAL E 79 22.94 4.27 41.82
N LEU E 80 22.70 3.43 40.81
CA LEU E 80 22.06 2.13 41.03
C LEU E 80 22.80 0.98 40.36
N PRO E 81 22.73 -0.24 40.97
CA PRO E 81 23.43 -1.37 40.37
C PRO E 81 22.68 -1.87 39.14
N CYS E 82 23.40 -2.15 38.06
CA CYS E 82 22.79 -2.82 36.92
C CYS E 82 23.85 -3.54 36.10
N ASP E 83 24.00 -4.84 36.36
CA ASP E 83 24.83 -5.68 35.51
C ASP E 83 23.89 -6.25 34.46
N VAL E 84 24.12 -5.92 33.19
CA VAL E 84 23.12 -6.23 32.17
C VAL E 84 23.06 -7.70 31.75
N ILE E 85 23.87 -8.55 32.38
CA ILE E 85 23.70 -10.01 32.21
C ILE E 85 22.41 -10.48 32.88
N SER E 86 21.86 -9.64 33.77
CA SER E 86 20.75 -10.04 34.64
C SER E 86 19.43 -9.35 34.29
N ASP E 87 18.45 -10.11 33.85
CA ASP E 87 17.10 -9.57 33.64
C ASP E 87 16.53 -8.96 34.93
N GLN E 88 16.77 -9.64 36.04
CA GLN E 88 16.21 -9.18 37.31
C GLN E 88 16.80 -7.82 37.70
N GLU E 89 18.10 -7.64 37.51
CA GLU E 89 18.71 -6.35 37.85
C GLU E 89 18.13 -5.25 36.97
N ILE E 90 17.88 -5.55 35.70
CA ILE E 90 17.34 -4.55 34.79
C ILE E 90 15.91 -4.21 35.17
N LYS E 91 15.12 -5.23 35.51
CA LYS E 91 13.75 -5.01 35.97
C LYS E 91 13.75 -4.13 37.25
N ASP E 92 14.60 -4.45 38.21
CA ASP E 92 14.64 -3.71 39.47
C ASP E 92 15.19 -2.28 39.32
N LEU E 93 16.05 -2.07 38.31
CA LEU E 93 16.58 -0.73 38.00
C LEU E 93 15.42 0.24 37.80
N PHE E 94 14.49 -0.15 36.93
CA PHE E 94 13.35 0.71 36.62
C PHE E 94 12.33 0.81 37.73
N VAL E 95 12.22 -0.22 38.57
CA VAL E 95 11.44 -0.08 39.81
C VAL E 95 12.03 1.02 40.70
N GLU E 96 13.34 1.00 40.93
CA GLU E 96 13.99 1.98 41.80
C GLU E 96 13.98 3.39 41.23
N LEU E 97 14.11 3.49 39.90
CA LEU E 97 14.05 4.77 39.20
C LEU E 97 12.64 5.32 39.26
N GLY E 98 11.67 4.44 39.08
CA GLY E 98 10.24 4.77 39.08
C GLY E 98 9.74 5.32 40.41
N LYS E 99 10.55 5.16 41.46
CA LYS E 99 10.24 5.71 42.77
C LYS E 99 10.60 7.20 42.89
N VAL E 100 11.74 7.60 42.34
CA VAL E 100 12.17 9.02 42.37
C VAL E 100 11.69 9.82 41.16
N TRP E 101 11.34 9.13 40.07
CA TRP E 101 10.90 9.75 38.83
C TRP E 101 9.57 9.26 38.34
N ASP E 102 8.67 10.15 37.94
CA ASP E 102 7.35 9.73 37.44
C ASP E 102 7.36 9.25 35.99
N GLY E 103 8.51 9.43 35.34
CA GLY E 103 8.65 9.17 33.92
C GLY E 103 10.12 9.31 33.61
N LEU E 104 10.51 8.85 32.43
CA LEU E 104 11.91 8.84 32.07
C LEU E 104 12.01 9.39 30.66
N ASP E 105 12.90 10.35 30.48
CA ASP E 105 13.05 10.95 29.16
C ASP E 105 14.02 10.23 28.24
N ALA E 106 15.09 9.68 28.78
CA ALA E 106 16.08 9.02 27.91
C ALA E 106 16.89 7.92 28.59
N ILE E 107 17.36 6.96 27.79
CA ILE E 107 18.32 5.96 28.23
C ILE E 107 19.53 6.05 27.32
N VAL E 108 20.70 6.21 27.92
CA VAL E 108 21.97 6.20 27.20
C VAL E 108 22.65 4.85 27.50
N HIS E 109 22.86 4.08 26.44
CA HIS E 109 23.52 2.78 26.49
C HIS E 109 24.95 3.01 26.05
N SER E 110 25.89 2.81 26.97
CA SER E 110 27.31 3.06 26.69
C SER E 110 28.07 1.89 27.34
N ILE E 111 27.71 0.70 26.90
CA ILE E 111 28.12 -0.58 27.52
C ILE E 111 28.57 -1.52 26.43
N ALA E 112 29.73 -2.13 26.61
CA ALA E 112 30.17 -3.25 25.74
C ALA E 112 31.08 -4.18 26.51
N PHE E 113 31.07 -5.45 26.12
CA PHE E 113 32.02 -6.42 26.62
C PHE E 113 32.17 -7.59 25.66
N ALA E 114 33.40 -8.06 25.49
CA ALA E 114 33.64 -9.40 24.96
C ALA E 114 34.84 -9.94 25.74
N PRO E 115 34.94 -11.26 25.91
CA PRO E 115 36.12 -11.83 26.57
C PRO E 115 37.39 -11.42 25.83
N ARG E 116 38.46 -11.18 26.58
CA ARG E 116 39.76 -10.77 26.03
C ARG E 116 40.16 -11.54 24.79
N ASP E 117 39.97 -12.86 24.82
CA ASP E 117 40.42 -13.72 23.71
C ASP E 117 39.64 -13.54 22.39
N GLN E 118 38.52 -12.82 22.46
CA GLN E 118 37.74 -12.49 21.26
C GLN E 118 38.28 -11.29 20.48
N LEU E 119 39.25 -10.60 21.06
CA LEU E 119 39.83 -9.46 20.36
C LEU E 119 41.29 -9.79 20.06
N GLU E 120 41.85 -9.10 19.08
CA GLU E 120 43.20 -9.37 18.60
C GLU E 120 43.39 -10.79 18.01
N GLY E 121 44.29 -10.90 17.04
CA GLY E 121 44.50 -12.15 16.32
C GLY E 121 43.46 -12.34 15.21
N ASN E 122 43.59 -13.45 14.50
CA ASN E 122 42.70 -13.79 13.41
C ASN E 122 41.30 -14.10 13.95
N PHE E 123 40.29 -13.54 13.29
CA PHE E 123 38.90 -13.69 13.76
C PHE E 123 38.47 -15.14 13.86
N ILE E 124 38.80 -15.92 12.85
CA ILE E 124 38.33 -17.31 12.83
C ILE E 124 39.11 -18.19 13.82
N ASP E 125 40.40 -17.91 13.96
CA ASP E 125 41.22 -18.61 14.97
C ASP E 125 40.68 -18.40 16.36
N CYS E 126 40.22 -17.19 16.65
CA CYS E 126 39.93 -16.78 18.03
CA CYS E 126 39.94 -16.81 18.03
C CYS E 126 38.47 -16.83 18.45
N VAL E 127 37.55 -16.73 17.49
CA VAL E 127 36.11 -16.75 17.83
C VAL E 127 35.70 -18.08 18.48
N THR E 128 34.84 -18.00 19.49
CA THR E 128 34.33 -19.20 20.18
C THR E 128 32.84 -19.02 20.35
N ARG E 129 32.13 -20.14 20.48
CA ARG E 129 30.71 -20.09 20.66
C ARG E 129 30.33 -19.26 21.90
N GLU E 130 31.02 -19.52 23.00
CA GLU E 130 30.70 -18.82 24.24
C GLU E 130 31.11 -17.35 24.16
N GLY E 131 32.28 -17.07 23.57
CA GLY E 131 32.75 -15.68 23.37
C GLY E 131 31.76 -14.84 22.54
N PHE E 132 31.26 -15.45 21.46
CA PHE E 132 30.27 -14.83 20.56
C PHE E 132 28.98 -14.52 21.32
N SER E 133 28.53 -15.50 22.11
CA SER E 133 27.28 -15.38 22.83
C SER E 133 27.36 -14.28 23.90
N ILE E 134 28.46 -14.27 24.65
CA ILE E 134 28.65 -13.28 25.72
C ILE E 134 28.74 -11.88 25.11
N ALA E 135 29.53 -11.74 24.03
CA ALA E 135 29.68 -10.44 23.39
C ALA E 135 28.32 -9.89 22.98
N HIS E 136 27.48 -10.74 22.40
CA HIS E 136 26.17 -10.31 21.89
C HIS E 136 25.22 -10.02 23.01
N ASP E 137 25.28 -10.82 24.07
CA ASP E 137 24.37 -10.67 25.20
C ASP E 137 24.58 -9.28 25.85
N ILE E 138 25.82 -8.99 26.20
CA ILE E 138 26.14 -7.76 26.91
C ILE E 138 26.15 -6.53 25.99
N SER E 139 26.66 -6.71 24.77
CA SER E 139 26.92 -5.54 23.89
C SER E 139 25.71 -5.16 23.04
N ALA E 140 24.80 -6.10 22.82
CA ALA E 140 23.68 -5.86 21.92
C ALA E 140 22.31 -6.16 22.55
N TYR E 141 22.10 -7.39 23.05
CA TYR E 141 20.79 -7.71 23.65
C TYR E 141 20.43 -6.73 24.78
N SER E 142 21.44 -6.34 25.57
CA SER E 142 21.21 -5.41 26.69
C SER E 142 20.49 -4.09 26.30
N PHE E 143 20.72 -3.62 25.07
CA PHE E 143 20.00 -2.46 24.57
C PHE E 143 18.49 -2.76 24.48
N ALA E 144 18.15 -3.91 23.91
CA ALA E 144 16.73 -4.29 23.84
C ALA E 144 16.17 -4.52 25.24
N ALA E 145 16.97 -5.08 26.14
CA ALA E 145 16.50 -5.38 27.51
C ALA E 145 16.14 -4.10 28.23
N LEU E 146 16.96 -3.07 28.06
CA LEU E 146 16.72 -1.78 28.70
C LEU E 146 15.46 -1.16 28.11
N ALA E 147 15.31 -1.28 26.78
CA ALA E 147 14.09 -0.79 26.13
C ALA E 147 12.85 -1.51 26.67
N LYS E 148 12.92 -2.83 26.79
CA LYS E 148 11.78 -3.60 27.27
C LYS E 148 11.31 -3.13 28.66
N GLU E 149 12.25 -2.90 29.56
CA GLU E 149 11.90 -2.56 30.95
C GLU E 149 11.69 -1.07 31.17
N GLY E 150 12.27 -0.23 30.30
CA GLY E 150 12.12 1.21 30.47
C GLY E 150 10.96 1.80 29.69
N ARG E 151 10.40 1.02 28.76
CA ARG E 151 9.37 1.50 27.83
C ARG E 151 8.19 2.20 28.55
N SER E 152 7.70 1.59 29.62
CA SER E 152 6.49 2.15 30.26
C SER E 152 6.77 3.54 30.84
N MET E 153 7.95 3.76 31.39
CA MET E 153 8.31 5.08 31.91
C MET E 153 8.56 6.12 30.82
N MET E 154 8.92 5.66 29.62
CA MET E 154 9.29 6.51 28.47
C MET E 154 8.12 6.84 27.53
N LYS E 155 6.96 6.22 27.75
CA LYS E 155 5.79 6.43 26.87
C LYS E 155 5.36 7.90 26.76
N ASN E 156 5.12 8.34 25.52
CA ASN E 156 4.44 9.63 25.24
C ASN E 156 5.04 10.88 25.88
N ARG E 157 6.36 11.03 25.78
CA ARG E 157 7.00 12.26 26.27
C ARG E 157 8.22 12.65 25.42
N ASN E 158 8.13 12.37 24.12
CA ASN E 158 9.23 12.59 23.19
C ASN E 158 10.51 12.04 23.78
N ALA E 159 10.46 10.79 24.24
CA ALA E 159 11.60 10.14 24.90
C ALA E 159 12.64 9.70 23.87
N SER E 160 13.82 9.33 24.36
CA SER E 160 14.95 8.95 23.48
C SER E 160 15.74 7.80 24.04
N MET E 161 16.39 7.04 23.14
CA MET E 161 17.47 6.13 23.51
C MET E 161 18.64 6.35 22.57
N VAL E 162 19.85 6.21 23.07
CA VAL E 162 21.06 6.33 22.24
C VAL E 162 22.00 5.23 22.67
N ALA E 163 22.55 4.50 21.71
CA ALA E 163 23.59 3.50 21.98
C ALA E 163 24.89 3.97 21.37
N LEU E 164 26.03 3.60 21.97
CA LEU E 164 27.35 3.86 21.37
C LEU E 164 27.81 2.65 20.54
N THR E 165 28.35 2.92 19.35
CA THR E 165 28.74 1.87 18.42
C THR E 165 30.04 2.29 17.74
N TYR E 166 30.51 1.45 16.84
CA TYR E 166 31.79 1.68 16.20
C TYR E 166 31.70 1.14 14.77
N ILE E 167 32.44 1.76 13.86
CA ILE E 167 32.49 1.41 12.41
C ILE E 167 32.87 -0.07 12.13
N GLY E 168 33.48 -0.73 13.11
CA GLY E 168 33.73 -2.18 13.04
C GLY E 168 32.45 -3.00 12.86
N ALA E 169 31.31 -2.40 13.18
CA ALA E 169 30.03 -3.01 12.83
C ALA E 169 29.80 -3.15 11.31
N GLU E 170 30.29 -2.15 10.57
CA GLU E 170 30.01 -2.01 9.12
C GLU E 170 31.06 -2.66 8.25
N LYS E 171 32.30 -2.66 8.73
CA LYS E 171 33.42 -3.15 7.95
C LYS E 171 34.18 -4.18 8.77
N ALA E 172 34.80 -5.15 8.11
CA ALA E 172 35.76 -6.04 8.80
C ALA E 172 37.05 -5.27 9.06
N MET E 173 37.53 -5.37 10.30
CA MET E 173 38.71 -4.61 10.71
C MET E 173 39.64 -5.58 11.45
N PRO E 174 40.96 -5.31 11.45
CA PRO E 174 41.85 -6.14 12.26
C PRO E 174 41.48 -6.02 13.75
N SER E 175 41.64 -7.11 14.50
CA SER E 175 41.50 -7.14 15.97
C SER E 175 40.09 -7.04 16.56
N TYR E 176 39.25 -6.18 15.98
CA TYR E 176 37.95 -5.90 16.59
C TYR E 176 37.08 -7.16 16.63
N ASN E 177 37.22 -8.01 15.60
CA ASN E 177 36.76 -9.40 15.64
C ASN E 177 35.32 -9.55 16.15
N THR E 178 35.12 -10.33 17.21
CA THR E 178 33.77 -10.61 17.71
C THR E 178 33.02 -9.35 18.12
N MET E 179 33.73 -8.32 18.59
CA MET E 179 33.05 -7.05 18.94
C MET E 179 32.43 -6.39 17.71
N GLY E 180 33.07 -6.50 16.55
CA GLY E 180 32.48 -5.90 15.34
C GLY E 180 31.16 -6.58 14.99
N VAL E 181 31.13 -7.92 15.07
CA VAL E 181 29.90 -8.68 14.83
C VAL E 181 28.85 -8.24 15.86
N ALA E 182 29.23 -8.16 17.14
CA ALA E 182 28.29 -7.73 18.19
C ALA E 182 27.77 -6.31 17.95
N LYS E 183 28.65 -5.40 17.51
CA LYS E 183 28.18 -4.06 17.12
C LYS E 183 27.22 -4.07 15.93
N ALA E 184 27.43 -4.96 14.95
CA ALA E 184 26.47 -5.04 13.85
C ALA E 184 25.09 -5.47 14.42
N SER E 185 25.13 -6.45 15.34
CA SER E 185 23.90 -6.89 16.02
C SER E 185 23.29 -5.72 16.79
N LEU E 186 24.13 -4.96 17.51
CA LEU E 186 23.61 -3.78 18.21
C LEU E 186 22.92 -2.77 17.25
N GLU E 187 23.54 -2.47 16.11
CA GLU E 187 22.94 -1.51 15.17
C GLU E 187 21.58 -1.95 14.64
N ALA E 188 21.44 -3.24 14.35
CA ALA E 188 20.14 -3.78 13.92
C ALA E 188 19.16 -3.74 15.05
N THR E 189 19.63 -4.03 16.26
CA THR E 189 18.78 -3.94 17.45
C THR E 189 18.24 -2.50 17.63
N VAL E 190 19.11 -1.51 17.39
CA VAL E 190 18.71 -0.10 17.42
C VAL E 190 17.61 0.14 16.38
N ARG E 191 17.79 -0.35 15.15
CA ARG E 191 16.75 -0.16 14.14
C ARG E 191 15.43 -0.83 14.51
N TYR E 192 15.49 -2.08 14.97
CA TYR E 192 14.25 -2.77 15.30
C TYR E 192 13.58 -2.13 16.53
N THR E 193 14.39 -1.62 17.45
CA THR E 193 13.86 -0.92 18.61
C THR E 193 13.21 0.41 18.19
N ALA E 194 13.83 1.12 17.26
CA ALA E 194 13.22 2.34 16.73
C ALA E 194 11.84 2.02 16.17
N LEU E 195 11.73 0.93 15.41
CA LEU E 195 10.43 0.54 14.84
C LEU E 195 9.43 0.16 15.94
N ALA E 196 9.89 -0.61 16.92
CA ALA E 196 9.01 -1.12 17.97
C ALA E 196 8.52 -0.01 18.92
N LEU E 197 9.31 1.04 19.11
CA LEU E 197 8.99 2.06 20.14
C LEU E 197 8.45 3.38 19.58
N GLY E 198 8.57 3.57 18.27
CA GLY E 198 8.20 4.83 17.62
C GLY E 198 6.73 5.20 17.86
N GLU E 199 5.87 4.19 17.97
CA GLU E 199 4.45 4.46 18.24
C GLU E 199 4.21 5.16 19.56
N ASP E 200 5.16 5.00 20.48
CA ASP E 200 5.12 5.63 21.82
C ASP E 200 5.90 6.94 21.84
N GLY E 201 6.28 7.43 20.66
CA GLY E 201 7.00 8.70 20.50
C GLY E 201 8.47 8.62 20.91
N ILE E 202 9.00 7.41 21.06
CA ILE E 202 10.37 7.22 21.53
C ILE E 202 11.30 7.11 20.33
N LYS E 203 12.30 7.99 20.25
CA LYS E 203 13.27 7.95 19.14
C LYS E 203 14.47 7.18 19.61
N VAL E 204 15.14 6.48 18.69
CA VAL E 204 16.12 5.48 19.08
C VAL E 204 17.27 5.52 18.08
N ASN E 205 18.47 5.91 18.53
CA ASN E 205 19.55 6.17 17.57
C ASN E 205 20.88 5.69 18.14
N ALA E 206 21.93 5.73 17.32
CA ALA E 206 23.27 5.35 17.75
C ALA E 206 24.26 6.40 17.34
N VAL E 207 25.34 6.53 18.12
CA VAL E 207 26.45 7.37 17.77
C VAL E 207 27.65 6.45 17.55
N SER E 208 28.22 6.53 16.36
CA SER E 208 29.38 5.71 15.99
C SER E 208 30.62 6.57 16.19
N ALA E 209 31.29 6.35 17.32
CA ALA E 209 32.42 7.19 17.69
C ALA E 209 33.69 6.69 17.04
N GLY E 210 34.60 7.61 16.72
CA GLY E 210 35.98 7.25 16.39
C GLY E 210 36.66 6.70 17.65
N PRO E 211 37.85 6.11 17.49
CA PRO E 211 38.50 5.51 18.65
C PRO E 211 38.90 6.57 19.67
N ILE E 212 38.78 6.21 20.96
CA ILE E 212 39.09 7.10 22.07
C ILE E 212 39.83 6.28 23.15
N LYS E 213 40.89 6.86 23.75
CA LYS E 213 41.67 6.09 24.72
C LYS E 213 40.94 6.05 26.05
N THR E 214 40.05 5.09 26.20
CA THR E 214 39.30 4.89 27.44
C THR E 214 39.77 3.59 28.09
N LEU E 215 39.11 3.16 29.16
CA LEU E 215 39.46 1.85 29.75
C LEU E 215 39.28 0.67 28.76
N ALA E 216 38.32 0.81 27.86
CA ALA E 216 38.15 -0.12 26.72
C ALA E 216 39.45 -0.40 25.93
N ALA E 217 40.30 0.61 25.81
CA ALA E 217 41.55 0.51 25.05
C ALA E 217 42.68 -0.17 25.79
N SER E 218 42.55 -0.32 27.11
CA SER E 218 43.69 -0.80 27.92
C SER E 218 44.20 -2.18 27.51
N GLY E 219 43.29 -3.07 27.12
CA GLY E 219 43.67 -4.39 26.62
C GLY E 219 44.39 -4.41 25.28
N ILE E 220 44.15 -3.38 24.46
CA ILE E 220 44.59 -3.37 23.05
C ILE E 220 45.99 -2.76 22.88
N SER E 221 46.98 -3.59 22.56
CA SER E 221 48.39 -3.16 22.57
C SER E 221 48.75 -2.00 21.61
N ASN E 222 48.21 -2.04 20.40
CA ASN E 222 48.57 -1.02 19.40
C ASN E 222 47.55 0.11 19.32
N PHE E 223 46.79 0.32 20.39
CA PHE E 223 45.68 1.27 20.33
C PHE E 223 46.09 2.62 19.82
N LYS E 224 47.18 3.15 20.35
CA LYS E 224 47.63 4.47 19.97
CA LYS E 224 47.70 4.46 19.98
C LYS E 224 47.94 4.56 18.46
N LYS E 225 48.32 3.43 17.85
CA LYS E 225 48.61 3.44 16.42
C LYS E 225 47.29 3.55 15.63
N MET E 226 46.22 2.98 16.17
CA MET E 226 44.88 3.20 15.59
C MET E 226 44.46 4.67 15.69
N LEU E 227 44.70 5.33 16.81
CA LEU E 227 44.47 6.78 16.91
C LEU E 227 45.31 7.53 15.90
N ASP E 228 46.59 7.16 15.77
CA ASP E 228 47.46 7.80 14.80
C ASP E 228 46.88 7.69 13.40
N TYR E 229 46.37 6.51 13.05
CA TYR E 229 45.86 6.31 11.72
C TYR E 229 44.60 7.16 11.50
N ASN E 230 43.68 7.13 12.48
CA ASN E 230 42.49 7.96 12.38
C ASN E 230 42.84 9.45 12.20
N ALA E 231 43.81 9.97 12.95
CA ALA E 231 44.18 11.38 12.80
C ALA E 231 44.82 11.66 11.44
N MET E 232 45.47 10.67 10.86
CA MET E 232 46.11 10.89 9.58
C MET E 232 45.12 10.88 8.41
N VAL E 233 44.23 9.91 8.39
CA VAL E 233 43.39 9.67 7.22
C VAL E 233 42.05 10.43 7.25
N SER E 234 41.59 10.81 8.43
CA SER E 234 40.27 11.48 8.51
C SER E 234 40.34 12.88 7.90
N PRO E 235 39.25 13.33 7.25
CA PRO E 235 39.19 14.66 6.66
C PRO E 235 39.59 15.77 7.63
N LEU E 236 39.17 15.67 8.89
CA LEU E 236 39.48 16.75 9.83
C LEU E 236 40.86 16.62 10.50
N LYS E 237 41.58 15.54 10.20
CA LYS E 237 42.99 15.41 10.63
C LYS E 237 43.17 15.48 12.14
N LYS E 238 42.28 14.79 12.87
CA LYS E 238 42.31 14.83 14.32
C LYS E 238 41.58 13.59 14.86
N ASN E 239 41.78 13.31 16.14
CA ASN E 239 40.96 12.35 16.86
C ASN E 239 39.80 13.05 17.55
N VAL E 240 38.68 12.35 17.73
CA VAL E 240 37.55 12.94 18.46
C VAL E 240 37.76 12.79 19.97
N ASP E 241 36.98 13.50 20.75
CA ASP E 241 37.06 13.37 22.19
C ASP E 241 35.69 13.11 22.79
N ILE E 242 35.67 12.85 24.09
CA ILE E 242 34.40 12.47 24.74
C ILE E 242 33.38 13.58 24.73
N MET E 243 33.84 14.83 24.63
CA MET E 243 32.90 15.96 24.54
C MET E 243 32.20 16.06 23.18
N GLU E 244 32.95 15.79 22.10
CA GLU E 244 32.32 15.77 20.78
C GLU E 244 31.28 14.66 20.70
N VAL E 245 31.62 13.49 21.24
CA VAL E 245 30.67 12.40 21.29
C VAL E 245 29.52 12.73 22.24
N GLY E 246 29.87 13.20 23.44
CA GLY E 246 28.86 13.55 24.45
C GLY E 246 27.85 14.58 23.98
N ASN E 247 28.33 15.63 23.32
CA ASN E 247 27.43 16.68 22.83
C ASN E 247 26.43 16.13 21.81
N THR E 248 26.89 15.21 20.99
CA THR E 248 26.05 14.61 19.96
C THR E 248 24.98 13.72 20.58
N VAL E 249 25.39 12.90 21.55
CA VAL E 249 24.43 12.10 22.31
C VAL E 249 23.39 13.01 22.96
N ALA E 250 23.84 14.10 23.60
CA ALA E 250 22.92 15.07 24.22
C ALA E 250 21.92 15.62 23.21
N PHE E 251 22.41 16.04 22.05
CA PHE E 251 21.53 16.50 21.01
C PHE E 251 20.44 15.47 20.65
N LEU E 252 20.85 14.21 20.54
CA LEU E 252 19.93 13.14 20.17
C LEU E 252 18.92 12.75 21.27
N CYS E 253 19.08 13.35 22.46
CA CYS E 253 18.04 13.21 23.51
C CYS E 253 17.24 14.50 23.70
N SER E 254 17.37 15.44 22.78
CA SER E 254 16.70 16.73 22.88
C SER E 254 15.47 16.83 21.97
N ASP E 255 14.62 17.81 22.24
CA ASP E 255 13.41 18.02 21.42
C ASP E 255 13.79 18.50 20.01
N MET E 256 15.02 18.95 19.85
CA MET E 256 15.49 19.37 18.52
C MET E 256 15.66 18.19 17.56
N ALA E 257 15.86 17.00 18.11
CA ALA E 257 16.15 15.80 17.31
C ALA E 257 14.91 14.92 17.09
N THR E 258 13.71 15.47 17.30
CA THR E 258 12.53 14.60 17.29
C THR E 258 12.19 14.07 15.90
N GLY E 259 12.88 14.54 14.86
CA GLY E 259 12.68 13.99 13.52
C GLY E 259 13.61 12.83 13.17
N ILE E 260 14.46 12.43 14.11
CA ILE E 260 15.56 11.50 13.84
C ILE E 260 15.38 10.20 14.63
N THR E 261 15.30 9.08 13.93
CA THR E 261 15.24 7.77 14.60
C THR E 261 15.77 6.67 13.68
N GLY E 262 16.32 5.62 14.28
CA GLY E 262 16.90 4.52 13.52
C GLY E 262 18.21 4.90 12.86
N GLU E 263 18.81 6.01 13.32
CA GLU E 263 19.98 6.59 12.65
C GLU E 263 21.29 6.26 13.35
N VAL E 264 22.37 6.17 12.58
CA VAL E 264 23.70 6.06 13.15
C VAL E 264 24.47 7.30 12.74
N VAL E 265 24.83 8.13 13.71
CA VAL E 265 25.53 9.37 13.43
C VAL E 265 27.02 9.15 13.72
N HIS E 266 27.88 9.34 12.73
CA HIS E 266 29.33 9.12 12.96
C HIS E 266 29.96 10.34 13.57
N VAL E 267 30.65 10.15 14.71
CA VAL E 267 31.39 11.24 15.36
C VAL E 267 32.83 10.75 15.39
N ASP E 268 33.51 10.91 14.26
CA ASP E 268 34.77 10.26 13.99
C ASP E 268 35.70 11.12 13.13
N ALA E 269 35.49 12.43 13.16
CA ALA E 269 36.27 13.37 12.35
C ALA E 269 36.21 13.07 10.84
N GLY E 270 35.19 12.33 10.42
CA GLY E 270 35.04 12.00 8.98
C GLY E 270 35.67 10.70 8.51
N TYR E 271 36.26 9.94 9.44
CA TYR E 271 36.88 8.63 9.10
C TYR E 271 35.99 7.81 8.17
N HIS E 272 34.70 7.76 8.50
CA HIS E 272 33.75 6.86 7.78
C HIS E 272 33.58 7.16 6.30
N CYS E 273 33.83 8.40 5.87
CA CYS E 273 33.53 8.80 4.52
C CYS E 273 34.69 8.71 3.52
N VAL E 274 35.89 8.37 4.01
CA VAL E 274 37.08 8.33 3.13
C VAL E 274 37.50 6.90 2.79
N SER E 275 38.29 6.76 1.73
CA SER E 275 38.99 5.52 1.45
C SER E 275 40.40 5.82 0.94
N MET E 276 41.37 5.08 1.49
CA MET E 276 42.77 5.10 1.03
CA MET E 276 42.78 5.10 1.11
C MET E 276 43.55 6.33 1.53
N GLY E 277 43.16 7.50 1.06
CA GLY E 277 43.92 8.74 1.36
C GLY E 277 45.25 8.80 0.59
N ASN E 278 45.99 9.86 0.83
CA ASN E 278 47.20 10.16 0.05
C ASN E 278 48.45 9.49 0.61
N VAL E 279 48.34 9.04 1.85
CA VAL E 279 49.46 8.41 2.55
C VAL E 279 49.15 6.93 2.65
N LEU E 280 49.76 6.16 1.78
CA LEU E 280 49.50 4.73 1.68
C LEU E 280 50.21 3.92 2.76
N GLY F 22 22.83 31.47 23.02
CA GLY F 22 22.49 30.31 22.13
C GLY F 22 23.73 29.63 21.59
N PHE F 23 23.58 28.43 21.02
CA PHE F 23 24.74 27.65 20.64
C PHE F 23 25.36 28.05 19.30
N LEU F 24 24.78 29.05 18.65
CA LEU F 24 25.41 29.64 17.46
C LEU F 24 25.77 31.12 17.69
N ALA F 25 25.81 31.55 18.96
CA ALA F 25 26.05 32.95 19.28
C ALA F 25 27.26 33.51 18.55
N GLY F 26 27.03 34.57 17.78
CA GLY F 26 28.10 35.26 17.08
C GLY F 26 28.58 34.62 15.78
N LYS F 27 28.05 33.45 15.44
CA LYS F 27 28.47 32.81 14.18
C LYS F 27 27.82 33.52 13.00
N LYS F 28 28.58 33.70 11.93
CA LYS F 28 28.13 34.37 10.73
C LYS F 28 27.81 33.29 9.69
N ILE F 29 26.54 33.17 9.35
CA ILE F 29 26.06 32.09 8.53
C ILE F 29 25.23 32.63 7.37
N LEU F 30 25.55 32.10 6.18
CA LEU F 30 24.86 32.39 4.94
C LEU F 30 23.86 31.29 4.65
N ILE F 31 22.61 31.70 4.45
CA ILE F 31 21.53 30.76 4.16
C ILE F 31 21.01 31.01 2.74
N THR F 32 21.05 29.96 1.92
CA THR F 32 20.51 30.03 0.55
C THR F 32 19.14 29.36 0.56
N GLY F 33 18.35 29.63 -0.48
CA GLY F 33 17.09 28.91 -0.70
C GLY F 33 15.85 29.30 0.08
N LEU F 34 15.87 30.44 0.78
CA LEU F 34 14.67 30.91 1.46
C LEU F 34 13.75 31.60 0.45
N LEU F 35 12.59 31.00 0.18
CA LEU F 35 11.67 31.51 -0.84
C LEU F 35 10.27 31.80 -0.26
N SER F 36 9.84 30.99 0.71
CA SER F 36 8.59 31.28 1.41
C SER F 36 8.70 30.91 2.87
N ASN F 37 7.71 31.27 3.69
CA ASN F 37 7.70 30.81 5.06
C ASN F 37 7.49 29.29 5.23
N LYS F 38 7.28 28.58 4.13
CA LYS F 38 7.23 27.12 4.15
C LYS F 38 8.56 26.45 3.80
N SER F 39 9.49 27.24 3.26
CA SER F 39 10.81 26.75 2.84
C SER F 39 11.56 26.07 3.96
N ILE F 40 12.30 25.02 3.64
CA ILE F 40 13.18 24.41 4.64
C ILE F 40 14.14 25.46 5.18
N ALA F 41 14.65 26.34 4.31
CA ALA F 41 15.57 27.40 4.72
C ALA F 41 14.90 28.35 5.73
N TYR F 42 13.56 28.45 5.70
CA TYR F 42 12.90 29.29 6.69
C TYR F 42 13.02 28.65 8.08
N GLY F 43 12.84 27.32 8.15
CA GLY F 43 12.98 26.63 9.45
C GLY F 43 14.42 26.70 9.92
N ILE F 44 15.35 26.57 8.97
CA ILE F 44 16.79 26.75 9.28
C ILE F 44 17.04 28.15 9.84
N ALA F 45 16.56 29.18 9.15
CA ALA F 45 16.69 30.55 9.65
C ALA F 45 16.11 30.76 11.06
N LYS F 46 14.91 30.25 11.32
CA LYS F 46 14.31 30.39 12.65
C LYS F 46 15.16 29.74 13.73
N ALA F 47 15.61 28.52 13.47
CA ALA F 47 16.43 27.81 14.44
C ALA F 47 17.75 28.56 14.69
N MET F 48 18.39 29.00 13.61
CA MET F 48 19.69 29.66 13.75
C MET F 48 19.55 31.03 14.43
N HIS F 49 18.48 31.75 14.11
CA HIS F 49 18.25 33.06 14.74
C HIS F 49 17.99 32.90 16.24
N ARG F 50 17.23 31.87 16.58
CA ARG F 50 16.96 31.53 17.99
C ARG F 50 18.27 31.25 18.75
N GLU F 51 19.21 30.58 18.08
CA GLU F 51 20.47 30.22 18.71
C GLU F 51 21.55 31.29 18.60
N GLY F 52 21.19 32.50 18.17
CA GLY F 52 22.11 33.64 18.21
C GLY F 52 22.99 33.91 17.01
N ALA F 53 22.77 33.18 15.91
CA ALA F 53 23.56 33.39 14.70
C ALA F 53 23.29 34.75 14.07
N GLU F 54 24.32 35.29 13.41
CA GLU F 54 24.19 36.48 12.53
C GLU F 54 24.00 35.94 11.11
N LEU F 55 22.89 36.27 10.48
CA LEU F 55 22.48 35.64 9.21
C LEU F 55 22.53 36.55 8.00
N ALA F 56 22.90 35.97 6.86
CA ALA F 56 22.77 36.63 5.56
C ALA F 56 22.03 35.67 4.64
N PHE F 57 21.36 36.20 3.63
CA PHE F 57 20.51 35.40 2.75
C PHE F 57 20.77 35.73 1.28
N THR F 58 20.54 34.74 0.42
CA THR F 58 20.63 34.98 -1.02
C THR F 58 19.25 34.73 -1.64
N TYR F 59 19.07 35.21 -2.87
CA TYR F 59 17.82 35.01 -3.62
C TYR F 59 18.16 34.91 -5.11
N VAL F 60 17.33 34.22 -5.89
CA VAL F 60 17.43 34.32 -7.35
C VAL F 60 16.71 35.58 -7.81
N GLY F 61 17.32 36.26 -8.78
CA GLY F 61 16.97 37.61 -9.21
C GLY F 61 15.54 38.08 -9.05
N GLN F 62 14.60 37.38 -9.68
CA GLN F 62 13.20 37.80 -9.74
C GLN F 62 12.49 37.87 -8.38
N PHE F 63 13.01 37.13 -7.40
CA PHE F 63 12.38 37.06 -6.08
C PHE F 63 12.92 38.03 -5.03
N LYS F 64 13.71 39.01 -5.45
CA LYS F 64 14.30 40.01 -4.56
C LYS F 64 13.33 40.54 -3.48
N ASP F 65 12.25 41.19 -3.92
CA ASP F 65 11.27 41.84 -3.02
C ASP F 65 10.69 40.87 -2.02
N ARG F 66 10.27 39.71 -2.52
CA ARG F 66 9.65 38.64 -1.72
C ARG F 66 10.56 38.14 -0.61
N VAL F 67 11.81 37.88 -0.99
CA VAL F 67 12.78 37.32 -0.04
C VAL F 67 13.24 38.39 0.96
N GLU F 68 13.46 39.61 0.48
CA GLU F 68 13.85 40.69 1.38
C GLU F 68 12.83 40.87 2.50
N LYS F 69 11.55 40.82 2.15
CA LYS F 69 10.50 41.00 3.14
C LYS F 69 10.52 39.84 4.12
N LEU F 70 10.58 38.64 3.57
CA LEU F 70 10.56 37.39 4.34
C LEU F 70 11.72 37.28 5.32
N CYS F 71 12.93 37.65 4.93
CA CYS F 71 14.03 37.44 5.86
C CYS F 71 14.29 38.60 6.80
N ALA F 72 13.59 39.72 6.60
CA ALA F 72 13.71 40.85 7.52
C ALA F 72 13.49 40.45 8.99
N GLU F 73 12.64 39.46 9.25
CA GLU F 73 12.43 39.05 10.65
C GLU F 73 13.68 38.49 11.34
N PHE F 74 14.71 38.16 10.54
CA PHE F 74 15.94 37.57 11.08
C PHE F 74 17.10 38.58 11.24
N ASN F 75 16.78 39.86 11.08
CA ASN F 75 17.79 40.94 11.18
C ASN F 75 19.05 40.65 10.38
N PRO F 76 18.89 40.36 9.07
CA PRO F 76 19.98 39.91 8.21
C PRO F 76 21.06 40.96 8.06
N ALA F 77 22.31 40.51 8.05
CA ALA F 77 23.46 41.37 7.81
C ALA F 77 23.51 41.80 6.36
N ALA F 78 22.95 40.97 5.47
CA ALA F 78 22.87 41.26 4.04
C ALA F 78 21.84 40.33 3.39
N VAL F 79 21.26 40.79 2.29
CA VAL F 79 20.38 39.97 1.48
C VAL F 79 20.84 40.20 0.04
N LEU F 80 21.40 39.17 -0.57
CA LEU F 80 22.17 39.36 -1.79
C LEU F 80 21.75 38.41 -2.91
N PRO F 81 21.87 38.86 -4.18
CA PRO F 81 21.43 38.01 -5.28
C PRO F 81 22.41 36.89 -5.50
N CYS F 82 21.91 35.71 -5.81
CA CYS F 82 22.78 34.62 -6.25
C CYS F 82 22.02 33.54 -6.98
N ASP F 83 22.10 33.60 -8.30
CA ASP F 83 21.61 32.52 -9.14
C ASP F 83 22.79 31.60 -9.39
N VAL F 84 22.72 30.37 -8.86
CA VAL F 84 23.91 29.50 -8.89
C VAL F 84 24.26 28.93 -10.25
N ILE F 85 23.48 29.28 -11.29
CA ILE F 85 23.87 28.92 -12.67
C ILE F 85 25.08 29.74 -13.13
N SER F 86 25.36 30.83 -12.41
CA SER F 86 26.32 31.84 -12.82
C SER F 86 27.57 31.88 -11.95
N ASP F 87 28.73 31.56 -12.52
CA ASP F 87 29.98 31.66 -11.74
C ASP F 87 30.21 33.09 -11.25
N GLN F 88 29.88 34.06 -12.11
CA GLN F 88 30.07 35.47 -11.78
C GLN F 88 29.22 35.91 -10.59
N GLU F 89 27.95 35.53 -10.59
CA GLU F 89 27.10 35.83 -9.44
C GLU F 89 27.59 35.18 -8.15
N ILE F 90 28.10 33.95 -8.22
CA ILE F 90 28.67 33.32 -7.01
C ILE F 90 29.92 34.07 -6.54
N LYS F 91 30.83 34.39 -7.47
CA LYS F 91 32.01 35.19 -7.13
C LYS F 91 31.60 36.54 -6.50
N ASP F 92 30.63 37.21 -7.11
CA ASP F 92 30.21 38.51 -6.62
C ASP F 92 29.51 38.42 -5.28
N LEU F 93 28.85 37.29 -5.01
CA LEU F 93 28.24 37.11 -3.71
C LEU F 93 29.26 37.20 -2.58
N PHE F 94 30.39 36.51 -2.73
CA PHE F 94 31.43 36.55 -1.70
C PHE F 94 32.22 37.86 -1.63
N VAL F 95 32.38 38.53 -2.76
CA VAL F 95 32.93 39.89 -2.77
C VAL F 95 32.04 40.80 -1.90
N GLU F 96 30.74 40.80 -2.15
CA GLU F 96 29.82 41.67 -1.38
C GLU F 96 29.71 41.27 0.09
N LEU F 97 29.63 39.97 0.35
CA LEU F 97 29.60 39.47 1.74
C LEU F 97 30.87 39.85 2.51
N GLY F 98 32.02 39.76 1.84
CA GLY F 98 33.33 40.13 2.40
C GLY F 98 33.43 41.60 2.81
N LYS F 99 32.56 42.43 2.26
CA LYS F 99 32.52 43.85 2.62
C LYS F 99 31.75 44.07 3.91
N VAL F 100 30.92 43.10 4.27
CA VAL F 100 30.09 43.18 5.47
C VAL F 100 30.74 42.41 6.63
N TRP F 101 31.33 41.27 6.31
CA TRP F 101 31.90 40.34 7.28
C TRP F 101 33.36 40.05 7.01
N ASP F 102 34.15 39.96 8.07
CA ASP F 102 35.59 39.65 7.98
C ASP F 102 35.91 38.16 7.84
N GLY F 103 34.90 37.33 7.93
CA GLY F 103 35.05 35.88 7.82
C GLY F 103 33.65 35.28 7.85
N LEU F 104 33.58 33.97 7.64
CA LEU F 104 32.28 33.32 7.47
C LEU F 104 32.32 31.98 8.21
N ASP F 105 31.32 31.74 9.06
CA ASP F 105 31.28 30.50 9.83
C ASP F 105 30.60 29.34 9.14
N ALA F 106 29.52 29.60 8.41
CA ALA F 106 28.85 28.52 7.70
C ALA F 106 28.14 28.94 6.43
N ILE F 107 28.02 27.97 5.53
CA ILE F 107 27.14 28.08 4.37
C ILE F 107 26.08 26.98 4.41
N VAL F 108 24.81 27.36 4.28
CA VAL F 108 23.69 26.42 4.21
C VAL F 108 23.19 26.42 2.78
N HIS F 109 23.26 25.25 2.14
CA HIS F 109 22.83 25.00 0.76
C HIS F 109 21.47 24.37 0.86
N SER F 110 20.45 25.09 0.41
CA SER F 110 19.07 24.60 0.45
C SER F 110 18.43 24.94 -0.89
N ILE F 111 19.04 24.41 -1.94
CA ILE F 111 18.74 24.79 -3.32
C ILE F 111 18.62 23.50 -4.15
N ALA F 112 17.58 23.41 -4.96
CA ALA F 112 17.48 22.32 -5.92
C ALA F 112 16.66 22.75 -7.12
N PHE F 113 16.93 22.16 -8.27
CA PHE F 113 16.10 22.38 -9.46
C PHE F 113 16.31 21.27 -10.46
N ALA F 114 15.20 20.81 -11.05
CA ALA F 114 15.25 20.07 -12.31
C ALA F 114 14.09 20.60 -13.14
N PRO F 115 14.22 20.56 -14.50
CA PRO F 115 13.04 20.93 -15.29
C PRO F 115 11.85 20.03 -15.00
N ARG F 116 10.64 20.57 -15.11
CA ARG F 116 9.41 19.82 -14.83
C ARG F 116 9.34 18.50 -15.56
N ASP F 117 9.82 18.45 -16.80
CA ASP F 117 9.68 17.23 -17.60
C ASP F 117 10.56 16.06 -17.09
N GLN F 118 11.46 16.36 -16.17
CA GLN F 118 12.32 15.34 -15.60
C GLN F 118 11.62 14.54 -14.52
N LEU F 119 10.56 15.14 -13.95
CA LEU F 119 9.87 14.57 -12.81
C LEU F 119 8.55 13.94 -13.26
N GLU F 120 8.01 13.05 -12.47
CA GLU F 120 6.83 12.28 -12.83
C GLU F 120 7.00 11.54 -14.17
N GLY F 121 6.33 10.42 -14.32
CA GLY F 121 6.57 9.57 -15.45
C GLY F 121 7.73 8.62 -15.24
N ASN F 122 7.86 7.71 -16.20
CA ASN F 122 8.90 6.72 -16.22
C ASN F 122 10.25 7.42 -16.40
N PHE F 123 11.24 7.04 -15.60
CA PHE F 123 12.53 7.72 -15.64
C PHE F 123 13.19 7.71 -17.01
N ILE F 124 13.22 6.54 -17.63
CA ILE F 124 13.86 6.43 -18.96
C ILE F 124 13.07 7.16 -20.07
N ASP F 125 11.73 7.10 -19.99
CA ASP F 125 10.87 7.93 -20.87
C ASP F 125 11.18 9.42 -20.75
N CYS F 126 11.37 9.89 -19.51
CA CYS F 126 11.40 11.31 -19.21
C CYS F 126 12.79 11.97 -19.22
N VAL F 127 13.82 11.21 -18.87
CA VAL F 127 15.16 11.82 -18.73
C VAL F 127 15.67 12.36 -20.08
N THR F 128 16.35 13.50 -20.07
CA THR F 128 16.97 14.04 -21.28
C THR F 128 18.38 14.50 -20.92
N ARG F 129 19.24 14.60 -21.93
CA ARG F 129 20.63 14.99 -21.69
C ARG F 129 20.69 16.36 -21.03
N GLU F 130 19.92 17.31 -21.56
CA GLU F 130 19.94 18.68 -21.08
C GLU F 130 19.31 18.78 -19.68
N GLY F 131 18.23 18.04 -19.45
CA GLY F 131 17.54 18.02 -18.15
C GLY F 131 18.46 17.46 -17.06
N PHE F 132 19.20 16.41 -17.42
CA PHE F 132 20.11 15.74 -16.51
C PHE F 132 21.22 16.73 -16.16
N SER F 133 21.72 17.43 -17.18
CA SER F 133 22.80 18.40 -16.99
C SER F 133 22.41 19.58 -16.10
N ILE F 134 21.23 20.14 -16.36
CA ILE F 134 20.71 21.26 -15.60
C ILE F 134 20.49 20.85 -14.14
N ALA F 135 19.85 19.69 -13.96
CA ALA F 135 19.55 19.20 -12.61
C ALA F 135 20.83 19.07 -11.80
N HIS F 136 21.87 18.48 -12.39
CA HIS F 136 23.16 18.33 -11.72
C HIS F 136 23.87 19.64 -11.47
N ASP F 137 23.75 20.55 -12.43
CA ASP F 137 24.40 21.86 -12.32
C ASP F 137 23.86 22.64 -11.11
N ILE F 138 22.54 22.78 -11.05
CA ILE F 138 21.94 23.58 -9.97
C ILE F 138 21.89 22.83 -8.65
N SER F 139 21.65 21.52 -8.71
CA SER F 139 21.38 20.77 -7.47
C SER F 139 22.61 20.15 -6.83
N ALA F 140 23.68 19.97 -7.60
CA ALA F 140 24.89 19.32 -7.08
C ALA F 140 26.14 20.18 -7.22
N TYR F 141 26.46 20.57 -8.46
CA TYR F 141 27.66 21.34 -8.69
C TYR F 141 27.67 22.64 -7.86
N SER F 142 26.51 23.26 -7.71
CA SER F 142 26.44 24.53 -6.99
C SER F 142 26.96 24.44 -5.55
N PHE F 143 26.90 23.25 -4.94
CA PHE F 143 27.42 23.08 -3.59
C PHE F 143 28.94 23.25 -3.60
N ALA F 144 29.60 22.59 -4.56
CA ALA F 144 31.05 22.72 -4.74
C ALA F 144 31.45 24.15 -5.13
N ALA F 145 30.61 24.80 -5.91
CA ALA F 145 30.89 26.18 -6.35
C ALA F 145 30.88 27.15 -5.17
N LEU F 146 29.91 26.99 -4.27
CA LEU F 146 29.86 27.83 -3.06
C LEU F 146 31.04 27.53 -2.14
N ALA F 147 31.44 26.27 -2.06
CA ALA F 147 32.61 25.88 -1.30
C ALA F 147 33.87 26.54 -1.88
N LYS F 148 34.03 26.46 -3.20
CA LYS F 148 35.20 27.04 -3.86
C LYS F 148 35.33 28.55 -3.59
N GLU F 149 34.22 29.26 -3.72
CA GLU F 149 34.28 30.70 -3.59
C GLU F 149 34.18 31.19 -2.13
N GLY F 150 33.67 30.35 -1.23
CA GLY F 150 33.56 30.73 0.19
C GLY F 150 34.73 30.26 1.05
N ARG F 151 35.52 29.34 0.52
CA ARG F 151 36.59 28.71 1.26
C ARG F 151 37.48 29.72 1.99
N SER F 152 37.91 30.76 1.28
CA SER F 152 38.86 31.72 1.86
CA SER F 152 38.85 31.72 1.86
C SER F 152 38.29 32.42 3.11
N MET F 153 36.98 32.70 3.13
CA MET F 153 36.39 33.34 4.29
C MET F 153 36.18 32.36 5.45
N MET F 154 36.13 31.07 5.12
CA MET F 154 35.76 30.03 6.09
C MET F 154 36.98 29.36 6.75
N LYS F 155 38.17 29.67 6.24
CA LYS F 155 39.40 29.04 6.73
C LYS F 155 39.61 29.18 8.23
N ASN F 156 39.95 28.09 8.91
CA ASN F 156 40.46 28.10 10.29
C ASN F 156 39.60 28.75 11.37
N ARG F 157 38.31 28.41 11.38
CA ARG F 157 37.41 28.93 12.41
C ARG F 157 36.32 27.94 12.78
N ASN F 158 36.63 26.65 12.66
CA ASN F 158 35.65 25.58 12.90
C ASN F 158 34.40 25.86 12.08
N ALA F 159 34.60 26.17 10.80
CA ALA F 159 33.48 26.50 9.89
C ALA F 159 32.72 25.25 9.47
N SER F 160 31.57 25.46 8.81
CA SER F 160 30.66 24.36 8.48
C SER F 160 29.97 24.62 7.15
N MET F 161 29.60 23.54 6.45
CA MET F 161 28.64 23.64 5.34
C MET F 161 27.61 22.54 5.55
N VAL F 162 26.37 22.80 5.16
CA VAL F 162 25.35 21.75 5.27
C VAL F 162 24.54 21.84 3.98
N ALA F 163 24.27 20.70 3.34
CA ALA F 163 23.37 20.64 2.17
C ALA F 163 22.12 19.84 2.53
N LEU F 164 21.01 20.14 1.84
CA LEU F 164 19.77 19.39 2.02
C LEU F 164 19.64 18.36 0.92
N THR F 165 19.27 17.14 1.28
CA THR F 165 19.19 16.06 0.32
C THR F 165 17.96 15.22 0.63
N TYR F 166 17.75 14.17 -0.15
CA TYR F 166 16.55 13.36 -0.02
C TYR F 166 16.89 11.92 -0.36
N ILE F 167 16.15 10.98 0.24
CA ILE F 167 16.40 9.55 0.13
C ILE F 167 16.27 9.02 -1.30
N GLY F 168 15.66 9.80 -2.19
CA GLY F 168 15.68 9.47 -3.64
C GLY F 168 17.09 9.34 -4.22
N ALA F 169 18.07 9.90 -3.50
CA ALA F 169 19.49 9.69 -3.83
C ALA F 169 19.87 8.22 -3.69
N GLU F 170 19.31 7.55 -2.67
CA GLU F 170 19.72 6.20 -2.25
C GLU F 170 18.90 5.09 -2.88
N LYS F 171 17.64 5.39 -3.18
CA LYS F 171 16.71 4.38 -3.65
C LYS F 171 15.96 4.91 -4.87
N ALA F 172 15.56 4.02 -5.77
CA ALA F 172 14.79 4.42 -6.95
C ALA F 172 13.33 4.61 -6.54
N MET F 173 12.80 5.79 -6.78
CA MET F 173 11.47 6.15 -6.31
C MET F 173 10.60 6.62 -7.48
N PRO F 174 9.27 6.55 -7.33
CA PRO F 174 8.44 7.12 -8.39
C PRO F 174 8.71 8.62 -8.49
N SER F 175 8.61 9.16 -9.70
CA SER F 175 8.55 10.60 -9.96
C SER F 175 9.85 11.37 -9.75
N TYR F 176 10.61 11.04 -8.72
CA TYR F 176 11.77 11.87 -8.33
C TYR F 176 12.85 11.84 -9.42
N ASN F 177 12.96 10.69 -10.09
CA ASN F 177 13.65 10.59 -11.37
C ASN F 177 14.99 11.32 -11.36
N THR F 178 15.12 12.32 -12.24
CA THR F 178 16.41 12.98 -12.44
C THR F 178 16.91 13.68 -11.17
N MET F 179 15.99 14.17 -10.34
CA MET F 179 16.39 14.74 -9.04
C MET F 179 17.06 13.71 -8.13
N GLY F 180 16.58 12.47 -8.15
CA GLY F 180 17.20 11.43 -7.35
C GLY F 180 18.65 11.23 -7.74
N VAL F 181 18.91 11.17 -9.04
CA VAL F 181 20.29 11.04 -9.55
C VAL F 181 21.11 12.26 -9.14
N ALA F 182 20.56 13.46 -9.32
CA ALA F 182 21.26 14.69 -8.91
C ALA F 182 21.54 14.75 -7.41
N LYS F 183 20.61 14.24 -6.58
CA LYS F 183 20.89 14.13 -5.14
C LYS F 183 22.00 13.13 -4.82
N ALA F 184 22.10 12.05 -5.60
CA ALA F 184 23.20 11.12 -5.38
C ALA F 184 24.54 11.82 -5.70
N SER F 185 24.56 12.64 -6.75
CA SER F 185 25.74 13.42 -7.12
C SER F 185 26.03 14.45 -6.00
N LEU F 186 24.99 15.11 -5.51
CA LEU F 186 25.16 16.02 -4.37
C LEU F 186 25.80 15.33 -3.16
N GLU F 187 25.29 14.16 -2.77
CA GLU F 187 25.85 13.48 -1.58
C GLU F 187 27.33 13.12 -1.78
N ALA F 188 27.68 12.67 -2.98
CA ALA F 188 29.10 12.42 -3.28
C ALA F 188 29.93 13.71 -3.23
N THR F 189 29.36 14.79 -3.70
CA THR F 189 30.03 16.10 -3.72
C THR F 189 30.25 16.56 -2.29
N VAL F 190 29.27 16.32 -1.42
CA VAL F 190 29.46 16.60 0.03
C VAL F 190 30.69 15.83 0.60
N ARG F 191 30.81 14.54 0.28
CA ARG F 191 31.94 13.73 0.76
C ARG F 191 33.28 14.24 0.25
N TYR F 192 33.38 14.49 -1.05
CA TYR F 192 34.64 15.01 -1.61
C TYR F 192 34.96 16.43 -1.10
N THR F 193 33.92 17.23 -0.85
CA THR F 193 34.10 18.56 -0.25
C THR F 193 34.58 18.44 1.20
N ALA F 194 33.99 17.52 1.97
CA ALA F 194 34.48 17.23 3.32
C ALA F 194 35.98 16.90 3.30
N LEU F 195 36.38 16.00 2.40
CA LEU F 195 37.79 15.65 2.24
C LEU F 195 38.64 16.89 1.86
N ALA F 196 38.17 17.64 0.87
CA ALA F 196 38.93 18.80 0.36
C ALA F 196 39.05 19.95 1.35
N LEU F 197 38.06 20.11 2.22
CA LEU F 197 38.04 21.28 3.11
C LEU F 197 38.44 21.01 4.55
N GLY F 198 38.59 19.72 4.86
CA GLY F 198 38.85 19.28 6.23
C GLY F 198 40.17 19.85 6.76
N GLU F 199 41.17 20.00 5.90
CA GLU F 199 42.47 20.57 6.29
C GLU F 199 42.34 21.98 6.83
N ASP F 200 41.29 22.70 6.40
CA ASP F 200 41.04 24.07 6.86
C ASP F 200 40.06 24.12 8.04
N GLY F 201 39.76 22.97 8.62
CA GLY F 201 38.88 22.90 9.80
C GLY F 201 37.41 23.01 9.46
N ILE F 202 37.06 22.86 8.19
CA ILE F 202 35.65 23.08 7.73
C ILE F 202 34.97 21.71 7.70
N LYS F 203 33.88 21.57 8.44
CA LYS F 203 33.11 20.31 8.43
C LYS F 203 31.97 20.47 7.42
N VAL F 204 31.61 19.36 6.76
CA VAL F 204 30.77 19.43 5.57
C VAL F 204 29.80 18.24 5.61
N ASN F 205 28.51 18.52 5.78
CA ASN F 205 27.52 17.47 6.05
C ASN F 205 26.26 17.71 5.26
N ALA F 206 25.38 16.72 5.29
CA ALA F 206 24.08 16.83 4.65
C ALA F 206 22.98 16.35 5.56
N VAL F 207 21.81 16.94 5.39
CA VAL F 207 20.63 16.53 6.13
C VAL F 207 19.66 15.97 5.11
N SER F 208 19.28 14.70 5.27
CA SER F 208 18.32 14.06 4.35
C SER F 208 16.92 14.18 4.96
N ALA F 209 16.17 15.19 4.50
CA ALA F 209 14.86 15.47 5.08
C ALA F 209 13.80 14.54 4.51
N GLY F 210 12.84 14.16 5.36
CA GLY F 210 11.59 13.55 4.87
C GLY F 210 10.79 14.57 4.05
N PRO F 211 9.75 14.11 3.32
CA PRO F 211 9.02 15.07 2.49
C PRO F 211 8.30 16.09 3.34
N ILE F 212 8.22 17.30 2.83
CA ILE F 212 7.63 18.46 3.50
C ILE F 212 6.93 19.27 2.43
N LYS F 213 5.73 19.74 2.72
CA LYS F 213 4.98 20.51 1.74
C LYS F 213 5.53 21.94 1.65
N THR F 214 6.44 22.13 0.72
CA THR F 214 7.04 23.43 0.43
C THR F 214 6.66 23.80 -0.98
N LEU F 215 7.18 24.92 -1.46
CA LEU F 215 6.99 25.28 -2.88
C LEU F 215 7.51 24.23 -3.86
N ALA F 216 8.62 23.58 -3.52
CA ALA F 216 9.16 22.49 -4.31
C ALA F 216 8.12 21.37 -4.49
N ALA F 217 7.28 21.14 -3.48
CA ALA F 217 6.21 20.14 -3.57
C ALA F 217 5.04 20.49 -4.47
N SER F 218 4.86 21.76 -4.78
CA SER F 218 3.62 22.23 -5.41
C SER F 218 3.41 21.71 -6.84
N GLY F 219 4.48 21.44 -7.57
CA GLY F 219 4.34 20.86 -8.91
C GLY F 219 4.14 19.36 -8.92
N ILE F 220 4.13 18.74 -7.73
CA ILE F 220 4.15 17.28 -7.63
C ILE F 220 2.76 16.75 -7.34
N SER F 221 2.18 16.03 -8.30
CA SER F 221 0.80 15.56 -8.10
C SER F 221 0.77 14.50 -7.00
N ASN F 222 -0.29 14.55 -6.20
CA ASN F 222 -0.50 13.65 -5.06
C ASN F 222 0.66 13.63 -4.06
N PHE F 223 1.30 14.78 -3.92
CA PHE F 223 2.34 14.92 -2.90
C PHE F 223 1.74 14.60 -1.53
N LYS F 224 0.49 15.02 -1.31
CA LYS F 224 -0.21 14.71 -0.05
C LYS F 224 -0.28 13.20 0.24
N LYS F 225 -0.52 12.40 -0.78
CA LYS F 225 -0.49 10.93 -0.60
C LYS F 225 0.88 10.42 -0.18
N MET F 226 1.92 10.98 -0.79
CA MET F 226 3.30 10.67 -0.39
C MET F 226 3.56 10.98 1.08
N LEU F 227 3.15 12.17 1.51
CA LEU F 227 3.24 12.56 2.92
C LEU F 227 2.53 11.56 3.82
N ASP F 228 1.28 11.24 3.47
CA ASP F 228 0.50 10.32 4.30
C ASP F 228 1.10 8.90 4.35
N TYR F 229 1.63 8.43 3.21
CA TYR F 229 2.32 7.16 3.18
C TYR F 229 3.55 7.19 4.07
N ASN F 230 4.35 8.26 3.96
CA ASN F 230 5.49 8.42 4.86
C ASN F 230 5.13 8.35 6.35
N ALA F 231 4.07 9.06 6.76
CA ALA F 231 3.63 9.03 8.16
C ALA F 231 3.16 7.62 8.57
N MET F 232 2.51 6.91 7.64
CA MET F 232 2.04 5.56 7.90
C MET F 232 3.15 4.56 8.17
N VAL F 233 4.21 4.62 7.36
CA VAL F 233 5.22 3.57 7.44
C VAL F 233 6.41 3.93 8.34
N SER F 234 6.61 5.22 8.61
CA SER F 234 7.73 5.64 9.47
C SER F 234 7.60 5.18 10.93
N PRO F 235 8.72 4.81 11.58
CA PRO F 235 8.66 4.41 13.00
C PRO F 235 7.93 5.43 13.86
N LEU F 236 8.20 6.71 13.64
CA LEU F 236 7.58 7.77 14.47
C LEU F 236 6.14 8.22 14.11
N LYS F 237 5.59 7.64 13.06
CA LYS F 237 4.16 7.85 12.71
CA LYS F 237 4.16 7.84 12.72
C LYS F 237 3.81 9.32 12.53
N LYS F 238 4.70 10.08 11.90
CA LYS F 238 4.46 11.50 11.67
C LYS F 238 5.27 11.99 10.49
N ASN F 239 4.94 13.18 10.02
CA ASN F 239 5.75 13.87 9.04
C ASN F 239 6.67 14.84 9.78
N VAL F 240 7.87 15.05 9.25
CA VAL F 240 8.76 16.01 9.87
C VAL F 240 8.34 17.42 9.52
N ASP F 241 8.85 18.39 10.25
CA ASP F 241 8.55 19.77 9.90
C ASP F 241 9.84 20.56 9.74
N ILE F 242 9.72 21.80 9.29
CA ILE F 242 10.92 22.57 8.96
C ILE F 242 11.75 22.90 10.20
N MET F 243 11.12 22.89 11.37
CA MET F 243 11.90 23.12 12.60
C MET F 243 12.76 21.92 13.00
N GLU F 244 12.24 20.71 12.82
CA GLU F 244 13.03 19.50 13.08
C GLU F 244 14.25 19.50 12.15
N VAL F 245 14.02 19.80 10.90
CA VAL F 245 15.12 19.90 9.93
C VAL F 245 16.04 21.08 10.29
N GLY F 246 15.45 22.26 10.54
CA GLY F 246 16.23 23.48 10.85
C GLY F 246 17.09 23.31 12.09
N ASN F 247 16.54 22.69 13.12
CA ASN F 247 17.30 22.45 14.34
C ASN F 247 18.52 21.56 14.13
N THR F 248 18.36 20.56 13.27
CA THR F 248 19.45 19.65 12.94
C THR F 248 20.53 20.36 12.13
N VAL F 249 20.13 21.14 11.13
CA VAL F 249 21.09 21.98 10.38
C VAL F 249 21.85 22.92 11.32
N ALA F 250 21.11 23.60 12.22
CA ALA F 250 21.74 24.47 13.22
C ALA F 250 22.77 23.72 14.06
N PHE F 251 22.40 22.54 14.59
CA PHE F 251 23.37 21.70 15.33
C PHE F 251 24.63 21.44 14.51
N LEU F 252 24.44 21.10 13.23
CA LEU F 252 25.58 20.81 12.34
C LEU F 252 26.45 22.01 11.97
N CYS F 253 26.06 23.20 12.44
CA CYS F 253 26.91 24.37 12.24
C CYS F 253 27.47 24.86 13.58
N SER F 254 27.34 24.05 14.62
CA SER F 254 27.76 24.42 15.97
C SER F 254 29.08 23.77 16.34
N ASP F 255 29.74 24.35 17.35
CA ASP F 255 30.99 23.77 17.87
C ASP F 255 30.77 22.39 18.51
N MET F 256 29.52 22.08 18.85
CA MET F 256 29.19 20.76 19.41
C MET F 256 29.40 19.66 18.37
N ALA F 257 29.30 20.02 17.10
CA ALA F 257 29.34 19.03 16.02
C ALA F 257 30.71 18.92 15.36
N THR F 258 31.75 19.42 16.02
CA THR F 258 33.07 19.44 15.36
C THR F 258 33.69 18.07 15.09
N GLY F 259 33.11 17.01 15.64
CA GLY F 259 33.54 15.64 15.31
C GLY F 259 32.85 15.01 14.10
N ILE F 260 31.93 15.75 13.47
CA ILE F 260 31.06 15.19 12.40
C ILE F 260 31.38 15.83 11.05
N THR F 261 31.83 15.03 10.09
CA THR F 261 31.94 15.51 8.71
C THR F 261 31.74 14.39 7.72
N GLY F 262 31.29 14.75 6.51
CA GLY F 262 31.01 13.83 5.45
C GLY F 262 29.77 12.98 5.70
N GLU F 263 28.94 13.40 6.64
CA GLU F 263 27.85 12.57 7.11
C GLU F 263 26.53 13.03 6.47
N VAL F 264 25.60 12.08 6.29
CA VAL F 264 24.23 12.37 5.90
C VAL F 264 23.34 11.97 7.08
N VAL F 265 22.63 12.95 7.66
CA VAL F 265 21.81 12.70 8.83
C VAL F 265 20.34 12.71 8.38
N HIS F 266 19.63 11.61 8.57
CA HIS F 266 18.23 11.55 8.13
C HIS F 266 17.35 12.19 9.14
N VAL F 267 16.59 13.19 8.71
CA VAL F 267 15.55 13.80 9.56
C VAL F 267 14.23 13.56 8.87
N ASP F 268 13.68 12.36 9.09
CA ASP F 268 12.63 11.79 8.25
C ASP F 268 11.67 10.90 9.05
N ALA F 269 11.65 11.09 10.37
CA ALA F 269 10.80 10.26 11.25
C ALA F 269 11.15 8.76 11.22
N GLY F 270 12.35 8.41 10.72
CA GLY F 270 12.81 7.01 10.68
C GLY F 270 12.51 6.29 9.38
N TYR F 271 11.92 7.00 8.42
CA TYR F 271 11.56 6.39 7.14
C TYR F 271 12.72 5.56 6.55
N HIS F 272 13.94 6.11 6.58
CA HIS F 272 15.11 5.47 5.99
C HIS F 272 15.43 4.08 6.51
N CYS F 273 15.09 3.78 7.77
CA CYS F 273 15.54 2.53 8.40
C CYS F 273 14.56 1.37 8.29
N VAL F 274 13.37 1.61 7.73
CA VAL F 274 12.34 0.56 7.68
C VAL F 274 12.16 0.01 6.27
N SER F 275 11.69 -1.22 6.18
CA SER F 275 11.30 -1.78 4.90
C SER F 275 10.05 -2.58 5.16
N MET F 276 9.14 -2.61 4.18
CA MET F 276 7.87 -3.35 4.31
CA MET F 276 7.85 -3.31 4.30
C MET F 276 7.02 -2.80 5.48
N GLY F 277 7.20 -1.51 5.79
CA GLY F 277 6.45 -0.90 6.91
C GLY F 277 4.96 -0.76 6.66
N ASN F 278 4.53 -1.05 5.43
CA ASN F 278 3.10 -1.00 5.06
C ASN F 278 2.32 -2.33 5.18
N VAL F 279 3.01 -3.42 5.51
CA VAL F 279 2.37 -4.74 5.48
C VAL F 279 1.87 -5.16 6.86
N LEU F 280 0.56 -5.40 6.95
CA LEU F 280 -0.07 -5.88 8.17
C LEU F 280 0.21 -7.36 8.37
N GLY G 22 27.58 -22.99 -23.67
CA GLY G 22 27.95 -21.69 -23.02
C GLY G 22 26.73 -20.99 -22.47
N PHE G 23 26.89 -20.29 -21.34
CA PHE G 23 25.72 -19.72 -20.66
C PHE G 23 25.16 -18.42 -21.27
N LEU G 24 25.79 -17.92 -22.33
CA LEU G 24 25.23 -16.80 -23.12
C LEU G 24 24.97 -17.21 -24.57
N ALA G 25 24.86 -18.51 -24.82
CA ALA G 25 24.76 -19.01 -26.20
C ALA G 25 23.60 -18.35 -26.93
N GLY G 26 23.92 -17.77 -28.07
CA GLY G 26 22.92 -17.10 -28.90
C GLY G 26 22.46 -15.73 -28.47
N LYS G 27 22.88 -15.28 -27.28
CA LYS G 27 22.55 -13.91 -26.85
C LYS G 27 23.30 -12.85 -27.66
N LYS G 28 22.60 -11.78 -28.01
CA LYS G 28 23.15 -10.70 -28.82
C LYS G 28 23.49 -9.54 -27.91
N ILE G 29 24.78 -9.21 -27.80
CA ILE G 29 25.24 -8.29 -26.79
C ILE G 29 26.12 -7.20 -27.38
N LEU G 30 25.76 -5.95 -27.03
CA LEU G 30 26.54 -4.79 -27.42
C LEU G 30 27.57 -4.45 -26.35
N ILE G 31 28.83 -4.32 -26.75
CA ILE G 31 29.90 -3.94 -25.79
C ILE G 31 30.48 -2.59 -26.19
N THR G 32 30.38 -1.61 -25.28
CA THR G 32 31.02 -0.31 -25.47
C THR G 32 32.37 -0.33 -24.76
N GLY G 33 33.24 0.61 -25.08
CA GLY G 33 34.44 0.85 -24.30
C GLY G 33 35.70 0.03 -24.56
N LEU G 34 35.70 -0.79 -25.62
CA LEU G 34 36.89 -1.58 -25.96
C LEU G 34 37.94 -0.69 -26.64
N LEU G 35 39.07 -0.43 -25.98
CA LEU G 35 40.07 0.49 -26.53
C LEU G 35 41.46 -0.13 -26.72
N SER G 36 41.84 -1.04 -25.83
CA SER G 36 43.06 -1.82 -25.98
C SER G 36 42.83 -3.22 -25.43
N ASN G 37 43.79 -4.13 -25.63
CA ASN G 37 43.67 -5.45 -25.02
C ASN G 37 43.82 -5.44 -23.49
N LYS G 38 44.00 -4.27 -22.89
CA LYS G 38 43.98 -4.14 -21.43
C LYS G 38 42.63 -3.64 -20.87
N SER G 39 41.78 -3.12 -21.76
CA SER G 39 40.45 -2.55 -21.40
C SER G 39 39.61 -3.56 -20.62
N ILE G 40 38.87 -3.08 -19.63
CA ILE G 40 37.88 -3.95 -18.97
C ILE G 40 36.95 -4.61 -20.01
N ALA G 41 36.53 -3.84 -21.01
CA ALA G 41 35.64 -4.34 -22.08
C ALA G 41 36.27 -5.49 -22.87
N TYR G 42 37.60 -5.52 -22.94
CA TYR G 42 38.26 -6.66 -23.59
C TYR G 42 38.06 -7.96 -22.79
N GLY G 43 38.22 -7.87 -21.46
CA GLY G 43 37.94 -9.01 -20.58
C GLY G 43 36.49 -9.45 -20.66
N ILE G 44 35.59 -8.47 -20.75
CA ILE G 44 34.17 -8.76 -20.88
C ILE G 44 33.93 -9.49 -22.20
N ALA G 45 34.51 -8.97 -23.28
CA ALA G 45 34.35 -9.60 -24.61
C ALA G 45 34.86 -11.04 -24.59
N LYS G 46 36.05 -11.25 -24.02
CA LYS G 46 36.62 -12.59 -23.93
C LYS G 46 35.70 -13.56 -23.20
N ALA G 47 35.19 -13.14 -22.04
CA ALA G 47 34.29 -13.99 -21.25
C ALA G 47 33.02 -14.28 -22.02
N MET G 48 32.43 -13.26 -22.62
CA MET G 48 31.15 -13.43 -23.31
C MET G 48 31.30 -14.29 -24.57
N HIS G 49 32.37 -14.06 -25.31
CA HIS G 49 32.67 -14.90 -26.49
C HIS G 49 32.83 -16.33 -26.09
N ARG G 50 33.57 -16.57 -24.99
CA ARG G 50 33.75 -17.94 -24.48
C ARG G 50 32.39 -18.59 -24.17
N GLU G 51 31.48 -17.83 -23.60
CA GLU G 51 30.14 -18.34 -23.24
C GLU G 51 29.12 -18.32 -24.37
N GLY G 52 29.58 -18.06 -25.60
CA GLY G 52 28.75 -18.25 -26.80
C GLY G 52 27.94 -17.05 -27.27
N ALA G 53 28.17 -15.88 -26.69
CA ALA G 53 27.44 -14.66 -27.10
C ALA G 53 27.83 -14.21 -28.51
N GLU G 54 26.88 -13.60 -29.21
CA GLU G 54 27.16 -12.90 -30.46
C GLU G 54 27.37 -11.43 -30.08
N LEU G 55 28.47 -10.85 -30.54
CA LEU G 55 28.92 -9.54 -30.03
C LEU G 55 28.95 -8.44 -31.07
N ALA G 56 28.63 -7.22 -30.64
CA ALA G 56 28.82 -6.04 -31.46
C ALA G 56 29.56 -5.05 -30.60
N PHE G 57 30.29 -4.13 -31.24
CA PHE G 57 31.19 -3.22 -30.53
C PHE G 57 31.04 -1.80 -31.04
N THR G 58 31.26 -0.82 -30.15
CA THR G 58 31.35 0.56 -30.59
C THR G 58 32.75 1.16 -30.42
N TYR G 59 32.99 2.26 -31.10
CA TYR G 59 34.25 3.00 -30.94
C TYR G 59 33.99 4.50 -31.06
N VAL G 60 34.90 5.32 -30.53
CA VAL G 60 34.78 6.76 -30.69
C VAL G 60 35.63 7.21 -31.87
N GLY G 61 35.04 8.09 -32.68
CA GLY G 61 35.63 8.64 -33.91
C GLY G 61 36.88 7.98 -34.45
N GLN G 62 38.03 8.46 -33.99
CA GLN G 62 39.34 8.12 -34.56
C GLN G 62 39.79 6.67 -34.40
N PHE G 63 39.17 5.92 -33.50
CA PHE G 63 39.72 4.61 -33.16
C PHE G 63 39.11 3.45 -33.94
N LYS G 64 38.45 3.76 -35.05
CA LYS G 64 37.80 2.72 -35.84
C LYS G 64 38.75 1.56 -36.14
N ASP G 65 39.92 1.89 -36.70
CA ASP G 65 40.86 0.85 -37.14
C ASP G 65 41.38 0.03 -35.98
N ARG G 66 41.73 0.73 -34.90
CA ARG G 66 42.25 0.08 -33.69
C ARG G 66 41.24 -0.92 -33.14
N VAL G 67 39.98 -0.51 -33.08
CA VAL G 67 38.95 -1.33 -32.46
C VAL G 67 38.60 -2.54 -33.33
N GLU G 68 38.46 -2.31 -34.64
CA GLU G 68 38.28 -3.41 -35.59
C GLU G 68 39.33 -4.47 -35.42
N LYS G 69 40.60 -4.06 -35.32
CA LYS G 69 41.69 -5.01 -35.17
C LYS G 69 41.55 -5.83 -33.87
N LEU G 70 41.22 -5.12 -32.79
CA LEU G 70 41.07 -5.73 -31.47
C LEU G 70 39.92 -6.71 -31.38
N CYS G 71 38.80 -6.41 -32.02
CA CYS G 71 37.65 -7.29 -31.83
C CYS G 71 37.45 -8.36 -32.90
N ALA G 72 38.34 -8.40 -33.89
CA ALA G 72 38.24 -9.39 -34.99
C ALA G 72 38.12 -10.83 -34.49
N GLU G 73 38.87 -11.15 -33.44
CA GLU G 73 38.87 -12.47 -32.83
C GLU G 73 37.50 -12.88 -32.24
N PHE G 74 36.61 -11.93 -32.02
CA PHE G 74 35.29 -12.22 -31.48
C PHE G 74 34.24 -12.39 -32.58
N ASN G 75 34.66 -12.34 -33.85
CA ASN G 75 33.72 -12.46 -34.97
C ASN G 75 32.52 -11.52 -34.80
N PRO G 76 32.76 -10.20 -34.65
CA PRO G 76 31.65 -9.32 -34.31
C PRO G 76 30.62 -9.18 -35.43
N ALA G 77 29.34 -9.08 -35.06
CA ALA G 77 28.26 -8.82 -36.02
C ALA G 77 28.29 -7.38 -36.50
N ALA G 78 28.84 -6.47 -35.69
CA ALA G 78 28.92 -5.06 -36.10
C ALA G 78 30.00 -4.37 -35.29
N VAL G 79 30.70 -3.43 -35.92
CA VAL G 79 31.61 -2.52 -35.22
C VAL G 79 31.22 -1.13 -35.68
N LEU G 80 30.65 -0.34 -34.77
CA LEU G 80 29.92 0.87 -35.11
C LEU G 80 30.39 2.09 -34.31
N PRO G 81 30.34 3.27 -34.94
CA PRO G 81 30.79 4.47 -34.24
C PRO G 81 29.76 4.87 -33.18
N CYS G 82 30.22 5.27 -32.00
CA CYS G 82 29.31 5.86 -31.02
C CYS G 82 30.07 6.70 -29.99
N ASP G 83 30.11 8.00 -30.24
CA ASP G 83 30.59 8.95 -29.26
C ASP G 83 29.36 9.36 -28.44
N VAL G 84 29.38 9.04 -27.15
CA VAL G 84 28.17 9.23 -26.35
C VAL G 84 27.88 10.67 -25.96
N ILE G 85 28.71 11.62 -26.41
CA ILE G 85 28.32 13.03 -26.34
C ILE G 85 27.15 13.34 -27.27
N SER G 86 26.88 12.45 -28.22
CA SER G 86 25.94 12.72 -29.30
C SER G 86 24.69 11.86 -29.24
N ASP G 87 23.54 12.48 -28.98
CA ASP G 87 22.27 11.77 -29.07
C ASP G 87 22.05 11.11 -30.43
N GLN G 88 22.45 11.81 -31.49
CA GLN G 88 22.26 11.29 -32.84
C GLN G 88 23.08 10.01 -33.09
N GLU G 89 24.33 10.00 -32.65
CA GLU G 89 25.14 8.78 -32.81
C GLU G 89 24.55 7.59 -32.04
N ILE G 90 23.99 7.87 -30.87
CA ILE G 90 23.40 6.80 -30.04
C ILE G 90 22.13 6.27 -30.74
N LYS G 91 21.34 7.19 -31.26
CA LYS G 91 20.14 6.79 -31.97
C LYS G 91 20.50 5.92 -33.21
N ASP G 92 21.49 6.39 -33.97
CA ASP G 92 21.89 5.69 -35.19
C ASP G 92 22.60 4.37 -34.87
N LEU G 93 23.18 4.25 -33.69
CA LEU G 93 23.77 2.99 -33.27
C LEU G 93 22.71 1.90 -33.29
N PHE G 94 21.56 2.19 -32.66
CA PHE G 94 20.51 1.17 -32.57
C PHE G 94 19.75 0.95 -33.88
N VAL G 95 19.69 1.97 -34.73
CA VAL G 95 19.15 1.77 -36.08
C VAL G 95 20.03 0.75 -36.82
N GLU G 96 21.35 0.93 -36.79
CA GLU G 96 22.25 0.01 -37.47
C GLU G 96 22.23 -1.39 -36.86
N LEU G 97 22.18 -1.48 -35.53
CA LEU G 97 22.17 -2.77 -34.87
C LEU G 97 20.88 -3.53 -35.22
N GLY G 98 19.78 -2.78 -35.33
CA GLY G 98 18.46 -3.34 -35.67
C GLY G 98 18.40 -3.91 -37.09
N LYS G 99 19.37 -3.55 -37.91
CA LYS G 99 19.46 -4.11 -39.26
C LYS G 99 20.10 -5.49 -39.26
N VAL G 100 21.01 -5.77 -38.32
CA VAL G 100 21.62 -7.12 -38.25
C VAL G 100 20.93 -8.05 -37.25
N TRP G 101 20.34 -7.46 -36.21
CA TRP G 101 19.72 -8.22 -35.12
C TRP G 101 18.27 -7.86 -34.97
N ASP G 102 17.43 -8.86 -34.74
CA ASP G 102 16.00 -8.55 -34.57
C ASP G 102 15.64 -8.08 -33.17
N GLY G 103 16.50 -8.36 -32.21
CA GLY G 103 16.31 -7.92 -30.83
C GLY G 103 17.69 -7.87 -30.21
N LEU G 104 17.82 -7.27 -29.03
CA LEU G 104 19.12 -7.13 -28.38
C LEU G 104 18.98 -7.73 -26.99
N ASP G 105 19.93 -8.57 -26.58
CA ASP G 105 19.87 -9.17 -25.24
C ASP G 105 20.56 -8.35 -24.15
N ALA G 106 21.65 -7.66 -24.50
CA ALA G 106 22.32 -6.88 -23.44
C ALA G 106 23.11 -5.70 -23.96
N ILE G 107 23.26 -4.70 -23.09
CA ILE G 107 24.16 -3.59 -23.33
C ILE G 107 25.17 -3.52 -22.19
N VAL G 108 26.45 -3.49 -22.55
CA VAL G 108 27.51 -3.35 -21.56
C VAL G 108 28.07 -1.93 -21.71
N HIS G 109 27.96 -1.15 -20.64
CA HIS G 109 28.47 0.21 -20.60
C HIS G 109 29.80 0.16 -19.88
N SER G 110 30.89 0.47 -20.60
CA SER G 110 32.23 0.45 -20.01
C SER G 110 32.96 1.69 -20.50
N ILE G 111 32.38 2.84 -20.16
CA ILE G 111 32.77 4.14 -20.70
C ILE G 111 32.89 5.11 -19.54
N ALA G 112 33.96 5.92 -19.53
CA ALA G 112 34.07 7.01 -18.56
C ALA G 112 34.99 8.08 -19.13
N PHE G 113 34.74 9.33 -18.74
CA PHE G 113 35.64 10.43 -19.07
C PHE G 113 35.40 11.59 -18.13
N ALA G 114 36.51 12.23 -17.71
CA ALA G 114 36.47 13.57 -17.15
C ALA G 114 37.73 14.24 -17.69
N PRO G 115 37.67 15.57 -17.90
CA PRO G 115 38.87 16.31 -18.30
C PRO G 115 40.00 16.08 -17.30
N ARG G 116 41.23 16.01 -17.80
CA ARG G 116 42.42 15.76 -16.97
C ARG G 116 42.48 16.66 -15.73
N ASP G 117 42.07 17.92 -15.87
CA ASP G 117 42.18 18.85 -14.74
C ASP G 117 41.21 18.53 -13.57
N GLN G 118 40.25 17.63 -13.82
CA GLN G 118 39.28 17.23 -12.79
C GLN G 118 39.82 16.11 -11.93
N LEU G 119 41.07 15.71 -12.19
CA LEU G 119 41.64 14.60 -11.46
C LEU G 119 42.92 15.09 -10.82
N GLU G 120 43.38 14.36 -9.82
CA GLU G 120 44.57 14.77 -9.07
C GLU G 120 44.42 16.20 -8.46
N GLY G 121 44.99 16.40 -7.31
CA GLY G 121 44.88 17.70 -6.66
C GLY G 121 43.63 17.74 -5.79
N ASN G 122 43.49 18.84 -5.07
CA ASN G 122 42.41 19.00 -4.13
C ASN G 122 41.08 19.09 -4.91
N PHE G 123 40.05 18.37 -4.47
CA PHE G 123 38.78 18.36 -5.19
C PHE G 123 38.18 19.75 -5.41
N ILE G 124 38.13 20.56 -4.35
CA ILE G 124 37.56 21.91 -4.46
C ILE G 124 38.49 22.83 -5.31
N ASP G 125 39.81 22.71 -5.18
CA ASP G 125 40.73 23.45 -6.05
C ASP G 125 40.43 23.22 -7.54
N CYS G 126 40.22 21.96 -7.90
CA CYS G 126 40.25 21.47 -9.29
CA CYS G 126 40.26 21.68 -9.32
C CYS G 126 38.90 21.48 -9.98
N VAL G 127 37.84 21.25 -9.21
CA VAL G 127 36.48 21.10 -9.80
C VAL G 127 36.06 22.36 -10.53
N THR G 128 35.47 22.19 -11.71
CA THR G 128 34.92 23.31 -12.46
C THR G 128 33.51 22.95 -12.93
N ARG G 129 32.73 23.96 -13.23
CA ARG G 129 31.35 23.73 -13.69
C ARG G 129 31.34 22.88 -14.94
N GLU G 130 32.20 23.24 -15.90
CA GLU G 130 32.25 22.56 -17.19
C GLU G 130 32.80 21.14 -17.02
N GLY G 131 33.85 20.98 -16.19
CA GLY G 131 34.45 19.66 -15.96
C GLY G 131 33.44 18.71 -15.32
N PHE G 132 32.70 19.24 -14.35
CA PHE G 132 31.62 18.52 -13.64
C PHE G 132 30.56 18.09 -14.67
N SER G 133 30.14 19.01 -15.53
CA SER G 133 29.08 18.72 -16.50
C SER G 133 29.54 17.63 -17.50
N ILE G 134 30.76 17.76 -18.00
CA ILE G 134 31.31 16.81 -18.98
C ILE G 134 31.42 15.42 -18.34
N ALA G 135 32.01 15.36 -17.14
CA ALA G 135 32.20 14.09 -16.46
C ALA G 135 30.86 13.37 -16.31
N HIS G 136 29.82 14.10 -15.90
CA HIS G 136 28.47 13.48 -15.72
C HIS G 136 27.81 13.08 -17.01
N ASP G 137 27.93 13.92 -18.03
CA ASP G 137 27.37 13.66 -19.37
C ASP G 137 27.90 12.33 -19.94
N ILE G 138 29.23 12.22 -20.00
CA ILE G 138 29.86 11.04 -20.56
C ILE G 138 29.83 9.83 -19.66
N SER G 139 30.04 10.04 -18.37
CA SER G 139 30.19 8.91 -17.44
C SER G 139 28.91 8.38 -16.83
N ALA G 140 27.86 9.20 -16.83
CA ALA G 140 26.61 8.84 -16.17
C ALA G 140 25.40 8.96 -17.08
N TYR G 141 25.16 10.15 -17.64
CA TYR G 141 23.97 10.30 -18.50
C TYR G 141 23.99 9.26 -19.65
N SER G 142 25.16 9.03 -20.22
CA SER G 142 25.28 8.08 -21.34
C SER G 142 24.67 6.71 -21.06
N PHE G 143 24.69 6.25 -19.80
CA PHE G 143 24.06 4.96 -19.48
C PHE G 143 22.54 5.06 -19.72
N ALA G 144 21.91 6.14 -19.23
CA ALA G 144 20.49 6.35 -19.49
C ALA G 144 20.23 6.54 -20.98
N ALA G 145 21.12 7.23 -21.68
CA ALA G 145 20.97 7.46 -23.13
C ALA G 145 20.92 6.15 -23.91
N LEU G 146 21.81 5.21 -23.57
CA LEU G 146 21.78 3.89 -24.20
C LEU G 146 20.48 3.13 -23.88
N ALA G 147 20.04 3.21 -22.63
CA ALA G 147 18.79 2.56 -22.20
C ALA G 147 17.61 3.11 -23.00
N LYS G 148 17.54 4.43 -23.12
CA LYS G 148 16.45 5.09 -23.84
CA LYS G 148 16.46 5.11 -23.86
C LYS G 148 16.36 4.60 -25.29
N GLU G 149 17.51 4.53 -25.95
CA GLU G 149 17.51 4.12 -27.35
C GLU G 149 17.48 2.62 -27.56
N GLY G 150 17.99 1.86 -26.60
CA GLY G 150 18.05 0.40 -26.73
C GLY G 150 16.82 -0.33 -26.25
N ARG G 151 15.97 0.35 -25.50
CA ARG G 151 14.82 -0.25 -24.81
C ARG G 151 13.93 -1.07 -25.76
N SER G 152 13.60 -0.51 -26.91
CA SER G 152 12.62 -1.22 -27.75
C SER G 152 13.20 -2.52 -28.33
N MET G 153 14.50 -2.57 -28.59
CA MET G 153 15.11 -3.85 -28.99
C MET G 153 15.21 -4.87 -27.85
N MET G 154 15.24 -4.37 -26.61
CA MET G 154 15.50 -5.20 -25.43
C MET G 154 14.24 -5.73 -24.74
N LYS G 155 13.06 -5.26 -25.17
CA LYS G 155 11.81 -5.62 -24.49
C LYS G 155 11.55 -7.11 -24.47
N ASN G 156 11.11 -7.62 -23.31
CA ASN G 156 10.54 -8.96 -23.17
C ASN G 156 11.39 -10.12 -23.70
N ARG G 157 12.66 -10.14 -23.32
CA ARG G 157 13.51 -11.26 -23.67
C ARG G 157 14.58 -11.50 -22.59
N ASN G 158 14.21 -11.20 -21.33
CA ASN G 158 15.14 -11.31 -20.20
C ASN G 158 16.44 -10.58 -20.54
N ALA G 159 16.31 -9.34 -21.01
CA ALA G 159 17.48 -8.55 -21.39
C ALA G 159 18.21 -7.99 -20.17
N SER G 160 19.41 -7.45 -20.41
CA SER G 160 20.30 -6.99 -19.33
C SER G 160 21.08 -5.75 -19.73
N MET G 161 21.44 -4.95 -18.73
CA MET G 161 22.40 -3.87 -18.91
C MET G 161 23.39 -3.98 -17.77
N VAL G 162 24.66 -3.70 -18.03
CA VAL G 162 25.64 -3.67 -16.94
C VAL G 162 26.54 -2.46 -17.15
N ALA G 163 26.78 -1.68 -16.09
CA ALA G 163 27.70 -0.54 -16.14
C ALA G 163 28.89 -0.86 -15.24
N LEU G 164 30.05 -0.31 -15.58
CA LEU G 164 31.23 -0.40 -14.73
C LEU G 164 31.34 0.83 -13.85
N THR G 165 31.60 0.60 -12.57
CA THR G 165 31.70 1.70 -11.62
C THR G 165 32.89 1.45 -10.68
N TYR G 166 33.11 2.38 -9.75
CA TYR G 166 34.26 2.31 -8.86
C TYR G 166 33.87 2.82 -7.47
N ILE G 167 34.53 2.29 -6.45
CA ILE G 167 34.23 2.62 -5.04
C ILE G 167 34.38 4.11 -4.71
N GLY G 168 35.09 4.84 -5.57
CA GLY G 168 35.17 6.33 -5.51
C GLY G 168 33.79 7.00 -5.53
N ALA G 169 32.78 6.27 -5.98
CA ALA G 169 31.39 6.71 -5.88
C ALA G 169 30.93 6.80 -4.43
N GLU G 170 31.42 5.88 -3.61
CA GLU G 170 30.90 5.62 -2.25
C GLU G 170 31.68 6.39 -1.19
N LYS G 171 32.97 6.60 -1.44
CA LYS G 171 33.87 7.19 -0.44
C LYS G 171 34.70 8.28 -1.10
N ALA G 172 35.15 9.26 -0.32
CA ALA G 172 36.00 10.32 -0.85
C ALA G 172 37.44 9.80 -0.91
N MET G 173 38.04 9.86 -2.09
CA MET G 173 39.37 9.29 -2.31
C MET G 173 40.29 10.35 -2.91
N PRO G 174 41.62 10.15 -2.76
CA PRO G 174 42.51 11.12 -3.38
C PRO G 174 42.34 11.01 -4.89
N SER G 175 42.48 12.13 -5.59
CA SER G 175 42.60 12.18 -7.06
C SER G 175 41.34 11.93 -7.88
N TYR G 176 40.54 10.96 -7.46
CA TYR G 176 39.38 10.53 -8.27
C TYR G 176 38.38 11.66 -8.45
N ASN G 177 38.26 12.49 -7.41
CA ASN G 177 37.65 13.82 -7.51
C ASN G 177 36.31 13.78 -8.28
N THR G 178 36.24 14.54 -9.37
CA THR G 178 35.01 14.69 -10.14
C THR G 178 34.50 13.37 -10.68
N MET G 179 35.39 12.43 -11.01
CA MET G 179 34.92 11.10 -11.42
C MET G 179 34.19 10.35 -10.31
N GLY G 180 34.62 10.54 -9.07
CA GLY G 180 33.93 9.92 -7.93
C GLY G 180 32.49 10.36 -7.88
N VAL G 181 32.28 11.67 -8.05
CA VAL G 181 30.93 12.26 -8.05
C VAL G 181 30.12 11.70 -9.24
N ALA G 182 30.73 11.67 -10.42
CA ALA G 182 30.04 11.14 -11.61
C ALA G 182 29.69 9.66 -11.46
N LYS G 183 30.56 8.89 -10.79
CA LYS G 183 30.24 7.48 -10.51
C LYS G 183 29.08 7.35 -9.55
N ALA G 184 28.96 8.24 -8.56
CA ALA G 184 27.76 8.21 -7.70
C ALA G 184 26.51 8.46 -8.53
N SER G 185 26.60 9.43 -9.45
CA SER G 185 25.48 9.73 -10.36
C SER G 185 25.15 8.50 -11.24
N LEU G 186 26.19 7.87 -11.80
CA LEU G 186 26.01 6.62 -12.55
C LEU G 186 25.28 5.54 -11.72
N GLU G 187 25.70 5.31 -10.47
CA GLU G 187 25.05 4.23 -9.67
C GLU G 187 23.58 4.53 -9.39
N ALA G 188 23.25 5.81 -9.15
CA ALA G 188 21.83 6.19 -9.02
C ALA G 188 21.10 6.01 -10.35
N THR G 189 21.77 6.34 -11.44
CA THR G 189 21.17 6.16 -12.77
C THR G 189 20.85 4.68 -13.02
N VAL G 190 21.78 3.80 -12.63
CA VAL G 190 21.54 2.35 -12.68
C VAL G 190 20.27 1.97 -11.91
N ARG G 191 20.11 2.49 -10.68
CA ARG G 191 18.94 2.14 -9.88
C ARG G 191 17.65 2.64 -10.54
N TYR G 192 17.63 3.91 -10.95
CA TYR G 192 16.43 4.44 -11.62
C TYR G 192 16.15 3.76 -12.97
N THR G 193 17.20 3.41 -13.70
CA THR G 193 17.03 2.62 -14.92
C THR G 193 16.45 1.22 -14.62
N ALA G 194 16.95 0.56 -13.55
CA ALA G 194 16.37 -0.73 -13.13
C ALA G 194 14.86 -0.63 -12.89
N LEU G 195 14.47 0.41 -12.16
CA LEU G 195 13.05 0.68 -11.88
C LEU G 195 12.29 0.94 -13.16
N ALA G 196 12.80 1.82 -14.01
CA ALA G 196 12.12 2.18 -15.26
C ALA G 196 12.01 1.04 -16.29
N LEU G 197 12.99 0.13 -16.32
CA LEU G 197 12.99 -0.92 -17.36
C LEU G 197 12.53 -2.31 -16.90
N GLY G 198 12.39 -2.49 -15.60
CA GLY G 198 12.03 -3.81 -15.05
C GLY G 198 10.72 -4.35 -15.60
N GLU G 199 9.77 -3.45 -15.87
CA GLU G 199 8.47 -3.83 -16.41
C GLU G 199 8.58 -4.52 -17.77
N ASP G 200 9.70 -4.24 -18.46
CA ASP G 200 10.02 -4.88 -19.74
C ASP G 200 10.93 -6.10 -19.60
N GLY G 201 11.12 -6.59 -18.37
CA GLY G 201 11.94 -7.76 -18.11
C GLY G 201 13.43 -7.49 -18.17
N ILE G 202 13.80 -6.22 -18.18
CA ILE G 202 15.23 -5.84 -18.36
C ILE G 202 15.87 -5.64 -16.98
N LYS G 203 16.91 -6.41 -16.70
CA LYS G 203 17.62 -6.29 -15.44
C LYS G 203 18.83 -5.38 -15.65
N VAL G 204 19.19 -4.60 -14.63
CA VAL G 204 20.10 -3.47 -14.84
C VAL G 204 20.99 -3.39 -13.61
N ASN G 205 22.29 -3.63 -13.79
CA ASN G 205 23.19 -3.76 -12.64
C ASN G 205 24.50 -3.08 -12.92
N ALA G 206 25.34 -3.00 -11.89
CA ALA G 206 26.69 -2.46 -12.07
C ALA G 206 27.71 -3.38 -11.43
N VAL G 207 28.93 -3.36 -11.98
CA VAL G 207 30.04 -4.05 -11.36
C VAL G 207 31.06 -2.99 -10.90
N SER G 208 31.39 -3.01 -9.61
CA SER G 208 32.34 -2.05 -9.05
C SER G 208 33.69 -2.73 -8.98
N ALA G 209 34.53 -2.39 -9.95
CA ALA G 209 35.79 -3.09 -10.12
C ALA G 209 36.84 -2.46 -9.23
N GLY G 210 37.75 -3.30 -8.74
CA GLY G 210 38.97 -2.80 -8.13
C GLY G 210 39.84 -2.16 -9.22
N PRO G 211 40.88 -1.43 -8.80
CA PRO G 211 41.78 -0.78 -9.75
C PRO G 211 42.48 -1.80 -10.67
N ILE G 212 42.58 -1.46 -11.94
CA ILE G 212 43.21 -2.29 -12.98
C ILE G 212 44.01 -1.35 -13.87
N LYS G 213 45.24 -1.74 -14.21
CA LYS G 213 46.09 -0.93 -15.08
C LYS G 213 45.58 -1.00 -16.52
N THR G 214 44.74 -0.02 -16.89
CA THR G 214 44.18 0.11 -18.24
C THR G 214 44.64 1.47 -18.79
N LEU G 215 44.20 1.82 -20.00
CA LEU G 215 44.49 3.17 -20.56
C LEU G 215 43.94 4.29 -19.69
N ALA G 216 42.76 4.08 -19.10
CA ALA G 216 42.19 5.04 -18.14
C ALA G 216 43.16 5.33 -16.99
N ALA G 217 43.87 4.31 -16.54
CA ALA G 217 44.78 4.50 -15.42
C ALA G 217 46.08 5.19 -15.82
N SER G 218 46.38 5.19 -17.12
CA SER G 218 47.67 5.67 -17.62
C SER G 218 47.93 7.14 -17.33
N GLY G 219 46.88 7.94 -17.29
CA GLY G 219 47.01 9.33 -16.89
C GLY G 219 47.19 9.56 -15.39
N ILE G 220 47.00 8.53 -14.57
CA ILE G 220 47.02 8.69 -13.11
C ILE G 220 48.42 8.46 -12.54
N SER G 221 49.04 9.49 -11.97
CA SER G 221 50.37 9.31 -11.39
C SER G 221 50.35 8.37 -10.17
N ASN G 222 51.39 7.53 -10.07
CA ASN G 222 51.51 6.51 -9.01
C ASN G 222 50.30 5.58 -8.87
N PHE G 223 49.70 5.25 -10.01
CA PHE G 223 48.62 4.26 -10.03
C PHE G 223 49.12 2.92 -9.49
N LYS G 224 50.35 2.57 -9.83
CA LYS G 224 50.93 1.34 -9.34
C LYS G 224 50.96 1.28 -7.79
N LYS G 225 51.22 2.41 -7.15
CA LYS G 225 51.18 2.49 -5.69
C LYS G 225 49.78 2.21 -5.18
N MET G 226 48.79 2.74 -5.89
CA MET G 226 47.39 2.45 -5.54
C MET G 226 47.05 0.98 -5.69
N LEU G 227 47.51 0.35 -6.77
CA LEU G 227 47.31 -1.10 -6.95
C LEU G 227 47.95 -1.88 -5.80
N ASP G 228 49.19 -1.51 -5.47
CA ASP G 228 49.88 -2.27 -4.42
C ASP G 228 49.21 -2.09 -3.07
N TYR G 229 48.75 -0.87 -2.79
CA TYR G 229 47.98 -0.62 -1.56
C TYR G 229 46.72 -1.50 -1.54
N ASN G 230 45.98 -1.51 -2.65
CA ASN G 230 44.80 -2.37 -2.75
C ASN G 230 45.11 -3.84 -2.44
N ALA G 231 46.18 -4.37 -3.04
CA ALA G 231 46.56 -5.76 -2.79
C ALA G 231 46.93 -5.96 -1.31
N MET G 232 47.55 -4.95 -0.69
CA MET G 232 48.00 -5.08 0.70
C MET G 232 46.85 -5.17 1.69
N VAL G 233 45.84 -4.32 1.52
CA VAL G 233 44.74 -4.24 2.50
C VAL G 233 43.54 -5.13 2.21
N SER G 234 43.40 -5.58 0.96
CA SER G 234 42.22 -6.41 0.59
C SER G 234 42.29 -7.80 1.23
N PRO G 235 41.11 -8.37 1.55
CA PRO G 235 41.07 -9.70 2.15
C PRO G 235 41.79 -10.75 1.31
N LEU G 236 41.59 -10.74 -0.01
CA LEU G 236 42.21 -11.76 -0.89
C LEU G 236 43.69 -11.52 -1.30
N LYS G 237 44.29 -10.44 -0.81
CA LYS G 237 45.72 -10.15 -1.01
CA LYS G 237 45.74 -10.22 -1.00
C LYS G 237 46.15 -10.24 -2.47
N LYS G 238 45.35 -9.63 -3.35
CA LYS G 238 45.68 -9.63 -4.78
C LYS G 238 44.94 -8.50 -5.46
N ASN G 239 45.35 -8.19 -6.69
CA ASN G 239 44.60 -7.27 -7.52
C ASN G 239 43.66 -8.10 -8.40
N VAL G 240 42.51 -7.53 -8.77
CA VAL G 240 41.61 -8.21 -9.70
C VAL G 240 42.14 -8.09 -11.14
N ASP G 241 41.65 -8.94 -12.03
CA ASP G 241 42.03 -8.80 -13.44
C ASP G 241 40.80 -8.66 -14.32
N ILE G 242 41.01 -8.33 -15.60
CA ILE G 242 39.86 -8.12 -16.49
C ILE G 242 38.99 -9.35 -16.69
N MET G 243 39.56 -10.54 -16.53
CA MET G 243 38.74 -11.76 -16.58
C MET G 243 37.81 -11.94 -15.40
N GLU G 244 38.26 -11.60 -14.19
CA GLU G 244 37.40 -11.67 -13.03
C GLU G 244 36.25 -10.69 -13.18
N VAL G 245 36.56 -9.50 -13.65
CA VAL G 245 35.51 -8.52 -13.93
C VAL G 245 34.65 -8.97 -15.10
N GLY G 246 35.28 -9.38 -16.21
CA GLY G 246 34.54 -9.87 -17.38
C GLY G 246 33.59 -11.03 -17.11
N ASN G 247 34.04 -12.02 -16.33
CA ASN G 247 33.19 -13.18 -16.02
C ASN G 247 31.97 -12.76 -15.23
N THR G 248 32.13 -11.76 -14.36
CA THR G 248 31.01 -11.32 -13.51
C THR G 248 29.99 -10.53 -14.36
N VAL G 249 30.49 -9.67 -15.24
CA VAL G 249 29.61 -8.97 -16.21
C VAL G 249 28.87 -9.99 -17.07
N ALA G 250 29.58 -11.02 -17.54
CA ALA G 250 28.94 -12.09 -18.32
C ALA G 250 27.81 -12.77 -17.55
N PHE G 251 28.10 -13.17 -16.30
CA PHE G 251 27.08 -13.76 -15.46
C PHE G 251 25.85 -12.87 -15.34
N LEU G 252 26.08 -11.57 -15.15
CA LEU G 252 24.98 -10.61 -14.99
C LEU G 252 24.18 -10.36 -16.28
N CYS G 253 24.62 -10.91 -17.40
CA CYS G 253 23.82 -10.90 -18.64
C CYS G 253 23.21 -12.25 -18.96
N SER G 254 23.24 -13.17 -17.98
CA SER G 254 22.78 -14.54 -18.23
C SER G 254 21.40 -14.78 -17.64
N ASP G 255 20.74 -15.85 -18.06
CA ASP G 255 19.44 -16.22 -17.50
C ASP G 255 19.58 -16.68 -16.04
N MET G 256 20.79 -17.02 -15.62
CA MET G 256 21.01 -17.36 -14.22
C MET G 256 20.81 -16.15 -13.30
N ALA G 257 21.05 -14.95 -13.84
CA ALA G 257 21.00 -13.73 -13.00
C ALA G 257 19.63 -13.04 -13.00
N THR G 258 18.56 -13.72 -13.45
CA THR G 258 17.28 -12.99 -13.66
C THR G 258 16.62 -12.49 -12.37
N GLY G 259 17.08 -12.97 -11.22
CA GLY G 259 16.62 -12.42 -9.94
C GLY G 259 17.35 -11.16 -9.46
N ILE G 260 18.35 -10.67 -10.21
CA ILE G 260 19.23 -9.59 -9.73
C ILE G 260 19.05 -8.31 -10.56
N THR G 261 18.65 -7.22 -9.91
CA THR G 261 18.58 -5.92 -10.60
C THR G 261 18.78 -4.77 -9.61
N GLY G 262 19.29 -3.65 -10.12
CA GLY G 262 19.55 -2.50 -9.29
C GLY G 262 20.74 -2.72 -8.37
N GLU G 263 21.55 -3.73 -8.67
CA GLU G 263 22.60 -4.16 -7.73
C GLU G 263 23.96 -3.67 -8.17
N VAL G 264 24.85 -3.39 -7.21
CA VAL G 264 26.25 -3.11 -7.49
C VAL G 264 27.06 -4.27 -6.91
N VAL G 265 27.75 -5.01 -7.77
CA VAL G 265 28.56 -6.16 -7.31
C VAL G 265 30.02 -5.74 -7.31
N HIS G 266 30.67 -5.78 -6.15
CA HIS G 266 32.09 -5.40 -6.07
C HIS G 266 32.94 -6.56 -6.51
N VAL G 267 33.80 -6.31 -7.50
CA VAL G 267 34.79 -7.30 -7.96
C VAL G 267 36.15 -6.62 -7.69
N ASP G 268 36.63 -6.72 -6.46
CA ASP G 268 37.70 -5.86 -5.99
C ASP G 268 38.56 -6.55 -4.96
N ALA G 269 38.53 -7.88 -4.96
CA ALA G 269 39.23 -8.72 -3.98
C ALA G 269 38.84 -8.46 -2.53
N GLY G 270 37.63 -7.90 -2.33
CA GLY G 270 37.14 -7.59 -0.97
C GLY G 270 37.49 -6.22 -0.42
N TYR G 271 38.20 -5.40 -1.21
CA TYR G 271 38.59 -4.07 -0.74
C TYR G 271 37.44 -3.33 -0.06
N HIS G 272 36.24 -3.39 -0.66
CA HIS G 272 35.09 -2.63 -0.17
C HIS G 272 34.68 -2.97 1.26
N CYS G 273 34.93 -4.19 1.73
CA CYS G 273 34.37 -4.62 3.01
C CYS G 273 35.27 -4.38 4.22
N VAL G 274 36.48 -3.88 3.99
CA VAL G 274 37.47 -3.75 5.05
C VAL G 274 37.73 -2.29 5.44
N SER G 275 38.13 -2.09 6.68
CA SER G 275 38.61 -0.78 7.10
C SER G 275 39.81 -1.02 7.99
N MET G 276 40.77 -0.11 7.92
CA MET G 276 42.01 -0.16 8.71
CA MET G 276 41.99 -0.19 8.76
C MET G 276 42.81 -1.45 8.44
N GLY G 277 42.69 -1.96 7.22
CA GLY G 277 43.41 -3.16 6.80
C GLY G 277 44.93 -2.96 6.64
N ASN G 278 45.40 -1.74 6.88
CA ASN G 278 46.81 -1.42 6.75
C ASN G 278 47.53 -1.29 8.11
N VAL G 279 46.80 -1.44 9.22
CA VAL G 279 47.39 -1.23 10.54
C VAL G 279 47.87 -2.54 11.14
N LEU G 280 49.16 -2.61 11.47
CA LEU G 280 49.74 -3.79 12.14
C LEU G 280 49.36 -3.84 13.60
N GLY H 22 30.71 -28.14 -17.13
CA GLY H 22 30.00 -27.23 -16.14
C GLY H 22 31.00 -26.36 -15.42
N PHE H 23 30.58 -25.19 -14.93
CA PHE H 23 31.53 -24.26 -14.34
C PHE H 23 31.95 -24.59 -12.90
N LEU H 24 31.37 -25.64 -12.32
CA LEU H 24 31.85 -26.16 -11.04
C LEU H 24 32.45 -27.58 -11.18
N ALA H 25 32.85 -27.93 -12.40
CA ALA H 25 33.26 -29.32 -12.64
C ALA H 25 34.37 -29.75 -11.70
N GLY H 26 34.14 -30.85 -10.99
CA GLY H 26 35.16 -31.42 -10.13
C GLY H 26 35.26 -30.76 -8.77
N LYS H 27 34.52 -29.67 -8.53
CA LYS H 27 34.58 -28.99 -7.21
C LYS H 27 33.82 -29.75 -6.14
N LYS H 28 34.39 -29.81 -4.94
CA LYS H 28 33.77 -30.57 -3.87
C LYS H 28 33.12 -29.57 -2.93
N ILE H 29 31.80 -29.65 -2.83
CA ILE H 29 31.02 -28.66 -2.09
C ILE H 29 30.10 -29.30 -1.09
N LEU H 30 30.13 -28.76 0.13
CA LEU H 30 29.25 -29.16 1.21
C LEU H 30 28.03 -28.24 1.28
N ILE H 31 26.85 -28.83 1.23
CA ILE H 31 25.61 -28.07 1.29
C ILE H 31 24.87 -28.39 2.59
N THR H 32 24.63 -27.35 3.39
CA THR H 32 23.84 -27.47 4.61
C THR H 32 22.41 -27.02 4.30
N GLY H 33 21.46 -27.38 5.16
CA GLY H 33 20.14 -26.79 5.09
C GLY H 33 19.13 -27.39 4.10
N LEU H 34 19.46 -28.49 3.45
CA LEU H 34 18.48 -29.15 2.57
C LEU H 34 17.47 -29.92 3.39
N LEU H 35 16.22 -29.47 3.37
CA LEU H 35 15.22 -30.12 4.21
C LEU H 35 14.04 -30.65 3.38
N SER H 36 13.66 -29.91 2.35
CA SER H 36 12.57 -30.36 1.46
C SER H 36 12.89 -29.91 0.03
N ASN H 37 12.13 -30.40 -0.95
CA ASN H 37 12.36 -29.96 -2.32
C ASN H 37 11.94 -28.50 -2.56
N LYS H 38 11.47 -27.82 -1.51
CA LYS H 38 11.19 -26.38 -1.58
C LYS H 38 12.31 -25.53 -0.98
N SER H 39 13.24 -26.18 -0.26
CA SER H 39 14.39 -25.51 0.38
C SER H 39 15.25 -24.71 -0.60
N ILE H 40 15.73 -23.55 -0.15
CA ILE H 40 16.70 -22.82 -0.94
C ILE H 40 17.86 -23.74 -1.28
N ALA H 41 18.33 -24.52 -0.29
CA ALA H 41 19.43 -25.50 -0.51
C ALA H 41 19.12 -26.53 -1.62
N TYR H 42 17.84 -26.80 -1.86
CA TYR H 42 17.46 -27.71 -2.95
C TYR H 42 17.78 -27.07 -4.29
N GLY H 43 17.48 -25.78 -4.43
CA GLY H 43 17.84 -25.06 -5.64
C GLY H 43 19.33 -24.95 -5.81
N ILE H 44 20.03 -24.70 -4.70
CA ILE H 44 21.49 -24.63 -4.75
C ILE H 44 22.03 -25.98 -5.25
N ALA H 45 21.53 -27.07 -4.67
CA ALA H 45 21.97 -28.41 -5.09
C ALA H 45 21.73 -28.65 -6.59
N LYS H 46 20.54 -28.31 -7.06
CA LYS H 46 20.21 -28.49 -8.49
C LYS H 46 21.17 -27.76 -9.42
N ALA H 47 21.44 -26.49 -9.10
CA ALA H 47 22.32 -25.66 -9.88
C ALA H 47 23.74 -26.22 -9.85
N MET H 48 24.21 -26.58 -8.67
CA MET H 48 25.58 -27.04 -8.54
C MET H 48 25.77 -28.39 -9.22
N HIS H 49 24.79 -29.27 -9.05
CA HIS H 49 24.82 -30.57 -9.72
C HIS H 49 24.86 -30.40 -11.24
N ARG H 50 23.97 -29.55 -11.75
CA ARG H 50 23.99 -29.21 -13.19
C ARG H 50 25.36 -28.75 -13.67
N GLU H 51 26.05 -27.98 -12.84
CA GLU H 51 27.34 -27.41 -13.22
C GLU H 51 28.53 -28.30 -12.87
N GLY H 52 28.28 -29.56 -12.49
CA GLY H 52 29.37 -30.52 -12.37
C GLY H 52 30.06 -30.69 -11.02
N ALA H 53 29.52 -30.06 -9.98
CA ALA H 53 30.10 -30.18 -8.63
C ALA H 53 29.88 -31.57 -8.06
N GLU H 54 30.80 -32.00 -7.19
CA GLU H 54 30.60 -33.21 -6.38
C GLU H 54 30.12 -32.72 -5.03
N LEU H 55 28.93 -33.17 -4.63
CA LEU H 55 28.23 -32.61 -3.47
C LEU H 55 28.17 -33.53 -2.23
N ALA H 56 28.23 -32.92 -1.05
CA ALA H 56 27.95 -33.60 0.22
C ALA H 56 26.92 -32.76 0.97
N PHE H 57 26.11 -33.40 1.82
CA PHE H 57 24.99 -32.76 2.48
C PHE H 57 24.99 -33.04 3.99
N THR H 58 24.41 -32.13 4.76
CA THR H 58 24.23 -32.39 6.18
C THR H 58 22.75 -32.39 6.56
N TYR H 59 22.45 -32.91 7.74
CA TYR H 59 21.10 -32.92 8.24
C TYR H 59 21.12 -32.80 9.77
N VAL H 60 20.02 -32.30 10.35
CA VAL H 60 19.85 -32.35 11.80
C VAL H 60 19.18 -33.68 12.21
N GLY H 61 19.77 -34.30 13.24
CA GLY H 61 19.28 -35.53 13.87
C GLY H 61 18.13 -36.27 13.22
N GLN H 62 16.91 -35.88 13.62
CA GLN H 62 15.66 -36.58 13.24
C GLN H 62 15.42 -36.74 11.73
N PHE H 63 15.98 -35.82 10.94
CA PHE H 63 15.66 -35.76 9.52
C PHE H 63 16.58 -36.60 8.62
N LYS H 64 17.42 -37.46 9.21
CA LYS H 64 18.33 -38.31 8.46
C LYS H 64 17.66 -38.98 7.25
N ASP H 65 16.56 -39.72 7.48
CA ASP H 65 15.92 -40.49 6.39
C ASP H 65 15.38 -39.61 5.27
N ARG H 66 14.71 -38.54 5.67
CA ARG H 66 14.15 -37.55 4.75
C ARG H 66 15.23 -36.95 3.85
N VAL H 67 16.34 -36.54 4.45
CA VAL H 67 17.39 -35.85 3.70
C VAL H 67 18.16 -36.81 2.79
N GLU H 68 18.48 -37.99 3.30
CA GLU H 68 19.17 -39.00 2.50
C GLU H 68 18.46 -39.31 1.20
N LYS H 69 17.14 -39.44 1.28
CA LYS H 69 16.32 -39.75 0.13
C LYS H 69 16.29 -38.55 -0.82
N LEU H 70 16.08 -37.36 -0.28
CA LEU H 70 16.05 -36.13 -1.06
C LEU H 70 17.32 -35.88 -1.85
N CYS H 71 18.47 -36.06 -1.23
CA CYS H 71 19.69 -35.72 -1.93
C CYS H 71 20.29 -36.84 -2.76
N ALA H 72 19.72 -38.04 -2.68
CA ALA H 72 20.16 -39.17 -3.51
C ALA H 72 20.23 -38.79 -4.99
N GLU H 73 19.27 -38.02 -5.49
CA GLU H 73 19.31 -37.63 -6.90
C GLU H 73 20.57 -36.86 -7.30
N PHE H 74 21.34 -36.38 -6.31
CA PHE H 74 22.54 -35.59 -6.58
C PHE H 74 23.84 -36.38 -6.48
N ASN H 75 23.72 -37.70 -6.42
CA ASN H 75 24.89 -38.59 -6.26
C ASN H 75 25.86 -38.10 -5.21
N PRO H 76 25.38 -37.86 -3.97
CA PRO H 76 26.23 -37.25 -2.94
C PRO H 76 27.42 -38.10 -2.52
N ALA H 77 28.54 -37.45 -2.24
CA ALA H 77 29.75 -38.14 -1.77
C ALA H 77 29.62 -38.56 -0.31
N ALA H 78 28.77 -37.85 0.43
CA ALA H 78 28.51 -38.13 1.86
C ALA H 78 27.25 -37.41 2.29
N VAL H 79 26.51 -38.01 3.21
CA VAL H 79 25.36 -37.38 3.84
C VAL H 79 25.50 -37.57 5.35
N LEU H 80 25.75 -36.45 6.05
CA LEU H 80 26.27 -36.53 7.42
C LEU H 80 25.49 -35.68 8.41
N PRO H 81 25.42 -36.13 9.68
CA PRO H 81 24.69 -35.33 10.66
C PRO H 81 25.47 -34.07 11.02
N CYS H 82 24.78 -32.97 11.22
CA CYS H 82 25.40 -31.78 11.77
C CYS H 82 24.36 -30.84 12.33
N ASP H 83 24.11 -30.94 13.63
CA ASP H 83 23.32 -29.96 14.35
C ASP H 83 24.30 -28.89 14.83
N VAL H 84 24.17 -27.67 14.29
CA VAL H 84 25.17 -26.64 14.53
C VAL H 84 25.12 -26.05 15.95
N ILE H 85 24.19 -26.51 16.80
CA ILE H 85 24.27 -26.13 18.22
C ILE H 85 25.46 -26.82 18.87
N SER H 86 25.97 -27.86 18.22
CA SER H 86 27.00 -28.72 18.79
C SER H 86 28.40 -28.54 18.18
N ASP H 87 29.34 -28.06 18.99
CA ASP H 87 30.75 -28.04 18.59
C ASP H 87 31.27 -29.41 18.17
N GLN H 88 30.91 -30.45 18.94
CA GLN H 88 31.35 -31.81 18.61
C GLN H 88 30.85 -32.30 17.25
N GLU H 89 29.57 -32.06 16.96
CA GLU H 89 29.03 -32.48 15.67
C GLU H 89 29.69 -31.77 14.49
N ILE H 90 30.04 -30.50 14.67
CA ILE H 90 30.72 -29.75 13.61
C ILE H 90 32.12 -30.27 13.43
N LYS H 91 32.81 -30.55 14.53
CA LYS H 91 34.16 -31.12 14.46
C LYS H 91 34.12 -32.49 13.76
N ASP H 92 33.18 -33.34 14.19
CA ASP H 92 33.03 -34.69 13.63
C ASP H 92 32.61 -34.69 12.16
N LEU H 93 31.88 -33.64 11.76
CA LEU H 93 31.49 -33.45 10.36
C LEU H 93 32.72 -33.42 9.48
N PHE H 94 33.72 -32.64 9.87
CA PHE H 94 34.89 -32.48 9.00
C PHE H 94 35.87 -33.64 9.10
N VAL H 95 35.88 -34.33 10.23
CA VAL H 95 36.62 -35.60 10.35
C VAL H 95 36.08 -36.63 9.34
N GLU H 96 34.76 -36.82 9.34
CA GLU H 96 34.11 -37.76 8.42
C GLU H 96 34.24 -37.32 6.96
N LEU H 97 34.03 -36.03 6.69
CA LEU H 97 34.21 -35.53 5.33
C LEU H 97 35.64 -35.71 4.83
N GLY H 98 36.61 -35.54 5.72
CA GLY H 98 38.02 -35.71 5.38
C GLY H 98 38.44 -37.13 5.03
N LYS H 99 37.60 -38.09 5.36
CA LYS H 99 37.83 -39.49 4.99
C LYS H 99 37.38 -39.78 3.58
N VAL H 100 36.45 -38.98 3.06
CA VAL H 100 36.00 -39.18 1.68
C VAL H 100 36.70 -38.23 0.69
N TRP H 101 37.02 -37.02 1.16
CA TRP H 101 37.67 -36.00 0.35
C TRP H 101 38.99 -35.54 0.92
N ASP H 102 39.98 -35.32 0.06
CA ASP H 102 41.28 -34.81 0.51
C ASP H 102 41.28 -33.29 0.76
N GLY H 103 40.28 -32.63 0.23
CA GLY H 103 40.16 -31.18 0.33
C GLY H 103 38.74 -30.79 0.03
N LEU H 104 38.43 -29.53 0.27
CA LEU H 104 37.05 -29.07 0.19
C LEU H 104 37.04 -27.76 -0.56
N ASP H 105 36.21 -27.67 -1.60
CA ASP H 105 36.17 -26.43 -2.37
C ASP H 105 35.22 -25.37 -1.82
N ALA H 106 34.07 -25.76 -1.27
CA ALA H 106 33.13 -24.77 -0.78
C ALA H 106 32.21 -25.28 0.31
N ILE H 107 31.74 -24.34 1.15
CA ILE H 107 30.69 -24.62 2.13
C ILE H 107 29.53 -23.66 1.87
N VAL H 108 28.33 -24.23 1.77
CA VAL H 108 27.11 -23.44 1.61
C VAL H 108 26.35 -23.53 2.92
N HIS H 109 26.19 -22.37 3.54
CA HIS H 109 25.44 -22.21 4.79
C HIS H 109 24.05 -21.75 4.42
N SER H 110 23.05 -22.60 4.65
CA SER H 110 21.66 -22.27 4.36
C SER H 110 20.81 -22.70 5.55
N ILE H 111 21.15 -22.12 6.70
CA ILE H 111 20.63 -22.54 7.99
C ILE H 111 20.19 -21.31 8.76
N ALA H 112 19.01 -21.38 9.39
CA ALA H 112 18.56 -20.31 10.28
C ALA H 112 17.58 -20.87 11.27
N PHE H 113 17.53 -20.27 12.45
CA PHE H 113 16.50 -20.59 13.43
C PHE H 113 16.32 -19.46 14.44
N ALA H 114 15.08 -19.13 14.74
CA ALA H 114 14.74 -18.43 15.96
C ALA H 114 13.47 -19.09 16.53
N PRO H 115 13.33 -19.12 17.86
CA PRO H 115 12.08 -19.67 18.41
C PRO H 115 10.88 -18.90 17.85
N ARG H 116 9.77 -19.62 17.62
CA ARG H 116 8.53 -19.02 17.11
C ARG H 116 8.18 -17.69 17.74
N ASP H 117 8.35 -17.57 19.05
CA ASP H 117 7.84 -16.41 19.77
C ASP H 117 8.65 -15.13 19.46
N GLN H 118 9.80 -15.31 18.84
CA GLN H 118 10.63 -14.17 18.49
C GLN H 118 10.03 -13.43 17.28
N LEU H 119 9.44 -14.20 16.35
CA LEU H 119 8.86 -13.63 15.15
C LEU H 119 7.42 -13.18 15.38
N GLU H 120 6.91 -12.34 14.50
CA GLU H 120 5.59 -11.73 14.65
C GLU H 120 5.44 -10.92 15.95
N GLY H 121 4.58 -9.92 15.92
CA GLY H 121 4.36 -9.08 17.08
C GLY H 121 5.40 -7.98 17.17
N ASN H 122 5.22 -7.12 18.14
CA ASN H 122 6.14 -6.01 18.35
C ASN H 122 7.51 -6.56 18.79
N PHE H 123 8.59 -6.08 18.15
CA PHE H 123 9.96 -6.57 18.47
C PHE H 123 10.31 -6.48 19.97
N ILE H 124 10.08 -5.33 20.58
CA ILE H 124 10.42 -5.17 21.99
C ILE H 124 9.51 -6.00 22.92
N ASP H 125 8.23 -6.10 22.60
CA ASP H 125 7.31 -7.00 23.36
C ASP H 125 7.84 -8.43 23.37
N CYS H 126 8.26 -8.91 22.20
CA CYS H 126 8.51 -10.33 21.99
CA CYS H 126 8.50 -10.34 22.03
C CYS H 126 9.94 -10.81 22.22
N VAL H 127 10.92 -9.93 22.02
CA VAL H 127 12.31 -10.36 22.12
C VAL H 127 12.61 -10.87 23.54
N THR H 128 13.40 -11.94 23.64
CA THR H 128 13.86 -12.41 24.96
C THR H 128 15.36 -12.68 24.89
N ARG H 129 16.01 -12.71 26.04
CA ARG H 129 17.45 -12.89 26.11
C ARG H 129 17.85 -14.24 25.50
N GLU H 130 17.12 -15.29 25.90
CA GLU H 130 17.41 -16.63 25.41
C GLU H 130 17.08 -16.77 23.92
N GLY H 131 15.96 -16.18 23.49
CA GLY H 131 15.52 -16.25 22.09
C GLY H 131 16.55 -15.55 21.20
N PHE H 132 17.00 -14.39 21.65
CA PHE H 132 18.07 -13.62 20.98
C PHE H 132 19.34 -14.47 20.92
N SER H 133 19.69 -15.12 22.03
CA SER H 133 20.94 -15.91 22.09
C SER H 133 20.89 -17.10 21.12
N ILE H 134 19.79 -17.86 21.19
CA ILE H 134 19.58 -19.00 20.31
C ILE H 134 19.62 -18.60 18.83
N ALA H 135 18.91 -17.55 18.46
CA ALA H 135 18.84 -17.11 17.06
C ALA H 135 20.24 -16.77 16.53
N HIS H 136 21.04 -16.04 17.32
CA HIS H 136 22.41 -15.70 16.93
C HIS H 136 23.29 -16.94 16.86
N ASP H 137 23.11 -17.86 17.79
CA ASP H 137 23.95 -19.07 17.87
C ASP H 137 23.77 -19.89 16.58
N ILE H 138 22.52 -20.18 16.24
CA ILE H 138 22.23 -21.05 15.11
C ILE H 138 22.33 -20.32 13.76
N SER H 139 21.92 -19.05 13.73
CA SER H 139 21.80 -18.32 12.47
C SER H 139 23.06 -17.58 12.06
N ALA H 140 23.94 -17.28 13.02
CA ALA H 140 25.11 -16.45 12.76
C ALA H 140 26.41 -17.12 13.19
N TYR H 141 26.52 -17.48 14.49
CA TYR H 141 27.76 -18.07 14.96
C TYR H 141 28.10 -19.34 14.13
N SER H 142 27.09 -20.11 13.78
CA SER H 142 27.31 -21.39 13.05
C SER H 142 28.15 -21.20 11.77
N PHE H 143 28.05 -20.02 11.13
CA PHE H 143 28.85 -19.75 9.94
C PHE H 143 30.34 -19.70 10.28
N ALA H 144 30.67 -18.99 11.36
CA ALA H 144 32.04 -18.94 11.81
C ALA H 144 32.49 -20.33 12.26
N ALA H 145 31.62 -21.09 12.91
CA ALA H 145 31.98 -22.43 13.40
C ALA H 145 32.35 -23.37 12.23
N LEU H 146 31.56 -23.31 11.16
CA LEU H 146 31.86 -24.12 9.96
C LEU H 146 33.18 -23.67 9.32
N ALA H 147 33.41 -22.36 9.28
CA ALA H 147 34.67 -21.83 8.75
C ALA H 147 35.86 -22.32 9.56
N LYS H 148 35.73 -22.24 10.88
CA LYS H 148 36.81 -22.67 11.77
C LYS H 148 37.20 -24.13 11.53
N GLU H 149 36.21 -25.00 11.44
CA GLU H 149 36.50 -26.44 11.37
C GLU H 149 36.75 -26.92 9.95
N GLY H 150 36.27 -26.16 8.97
CA GLY H 150 36.49 -26.51 7.56
C GLY H 150 37.71 -25.87 6.91
N ARG H 151 38.29 -24.87 7.58
CA ARG H 151 39.39 -24.08 7.03
C ARG H 151 40.56 -24.91 6.50
N SER H 152 41.01 -25.88 7.30
CA SER H 152 42.19 -26.64 6.87
C SER H 152 41.92 -27.44 5.59
N MET H 153 40.69 -27.92 5.38
CA MET H 153 40.34 -28.60 4.13
C MET H 153 40.23 -27.64 2.93
N MET H 154 39.94 -26.38 3.22
CA MET H 154 39.67 -25.35 2.20
C MET H 154 40.92 -24.55 1.79
N LYS H 155 42.01 -24.69 2.54
CA LYS H 155 43.25 -23.94 2.29
C LYS H 155 43.79 -24.03 0.87
N ASN H 156 44.11 -22.87 0.31
CA ASN H 156 44.84 -22.75 -0.97
C ASN H 156 44.31 -23.54 -2.15
N ARG H 157 43.02 -23.38 -2.43
CA ARG H 157 42.44 -23.98 -3.61
C ARG H 157 41.33 -23.13 -4.21
N ASN H 158 41.44 -21.81 -4.08
CA ASN H 158 40.37 -20.88 -4.48
C ASN H 158 39.03 -21.38 -3.95
N ALA H 159 39.00 -21.69 -2.66
CA ALA H 159 37.81 -22.15 -2.00
C ALA H 159 36.79 -21.04 -1.77
N SER H 160 35.58 -21.42 -1.38
CA SER H 160 34.47 -20.46 -1.24
C SER H 160 33.55 -20.78 -0.05
N MET H 161 32.96 -19.76 0.54
CA MET H 161 31.81 -19.95 1.41
C MET H 161 30.70 -19.01 0.98
N VAL H 162 29.45 -19.45 1.09
CA VAL H 162 28.31 -18.59 0.84
C VAL H 162 27.29 -18.83 1.94
N ALA H 163 26.75 -17.74 2.52
CA ALA H 163 25.64 -17.81 3.47
C ALA H 163 24.38 -17.22 2.82
N LEU H 164 23.21 -17.67 3.26
CA LEU H 164 21.93 -17.09 2.85
C LEU H 164 21.47 -16.06 3.87
N THR H 165 21.11 -14.88 3.41
CA THR H 165 20.67 -13.82 4.31
C THR H 165 19.42 -13.18 3.73
N TYR H 166 18.92 -12.15 4.43
CA TYR H 166 17.69 -11.49 4.06
C TYR H 166 17.80 -10.01 4.43
N ILE H 167 17.13 -9.17 3.66
CA ILE H 167 17.16 -7.70 3.81
C ILE H 167 16.75 -7.18 5.21
N GLY H 168 16.05 -8.03 5.98
CA GLY H 168 15.74 -7.73 7.40
C GLY H 168 16.97 -7.48 8.26
N ALA H 169 18.14 -7.90 7.76
CA ALA H 169 19.44 -7.57 8.34
C ALA H 169 19.74 -6.06 8.28
N GLU H 170 19.33 -5.42 7.18
CA GLU H 170 19.70 -4.03 6.83
C GLU H 170 18.67 -3.02 7.31
N LYS H 171 17.42 -3.46 7.36
CA LYS H 171 16.30 -2.57 7.68
C LYS H 171 15.42 -3.23 8.73
N ALA H 172 14.76 -2.41 9.53
CA ALA H 172 13.75 -2.88 10.48
C ALA H 172 12.53 -3.22 9.67
N MET H 173 11.94 -4.38 9.94
CA MET H 173 10.79 -4.84 9.17
C MET H 173 9.77 -5.40 10.15
N PRO H 174 8.48 -5.34 9.80
CA PRO H 174 7.52 -6.01 10.67
C PRO H 174 7.80 -7.51 10.77
N SER H 175 7.55 -8.08 11.94
CA SER H 175 7.60 -9.53 12.20
C SER H 175 8.96 -10.20 12.26
N TYR H 176 9.88 -9.80 11.40
CA TYR H 176 11.16 -10.52 11.25
C TYR H 176 11.98 -10.43 12.54
N ASN H 177 11.88 -9.29 13.22
CA ASN H 177 12.23 -9.17 14.63
C ASN H 177 13.61 -9.72 14.94
N THR H 178 13.70 -10.71 15.84
CA THR H 178 14.99 -11.23 16.28
C THR H 178 15.82 -11.83 15.13
N MET H 179 15.13 -12.39 14.14
CA MET H 179 15.83 -12.91 12.96
C MET H 179 16.55 -11.84 12.18
N GLY H 180 15.97 -10.64 12.10
CA GLY H 180 16.62 -9.52 11.40
C GLY H 180 17.94 -9.20 12.09
N VAL H 181 17.89 -9.13 13.41
CA VAL H 181 19.09 -8.83 14.19
C VAL H 181 20.14 -9.92 13.99
N ALA H 182 19.70 -11.20 14.06
CA ALA H 182 20.60 -12.33 13.81
C ALA H 182 21.21 -12.31 12.41
N LYS H 183 20.42 -11.92 11.40
CA LYS H 183 20.98 -11.76 10.05
C LYS H 183 22.00 -10.63 9.93
N ALA H 184 21.83 -9.55 10.70
CA ALA H 184 22.82 -8.47 10.68
C ALA H 184 24.13 -9.01 11.27
N SER H 185 24.00 -9.84 12.31
CA SER H 185 25.17 -10.49 12.91
C SER H 185 25.81 -11.43 11.89
N LEU H 186 24.98 -12.19 11.18
CA LEU H 186 25.50 -13.09 10.15
C LEU H 186 26.25 -12.30 9.07
N GLU H 187 25.66 -11.22 8.58
CA GLU H 187 26.37 -10.45 7.52
C GLU H 187 27.72 -9.90 7.99
N ALA H 188 27.78 -9.43 9.24
CA ALA H 188 29.09 -9.02 9.80
C ALA H 188 30.05 -10.21 9.95
N THR H 189 29.51 -11.35 10.35
CA THR H 189 30.32 -12.57 10.48
C THR H 189 30.89 -12.92 9.10
N VAL H 190 30.06 -12.81 8.07
CA VAL H 190 30.55 -13.01 6.67
C VAL H 190 31.75 -12.11 6.38
N ARG H 191 31.63 -10.81 6.68
CA ARG H 191 32.74 -9.88 6.44
C ARG H 191 33.99 -10.23 7.21
N TYR H 192 33.87 -10.48 8.52
CA TYR H 192 35.07 -10.80 9.32
C TYR H 192 35.68 -12.15 8.89
N THR H 193 34.83 -13.06 8.46
CA THR H 193 35.31 -14.36 7.96
C THR H 193 36.05 -14.15 6.64
N ALA H 194 35.52 -13.30 5.77
CA ALA H 194 36.24 -12.92 4.52
C ALA H 194 37.64 -12.41 4.82
N LEU H 195 37.75 -11.48 5.76
CA LEU H 195 39.06 -10.97 6.15
C LEU H 195 39.95 -12.05 6.75
N ALA H 196 39.37 -12.92 7.58
CA ALA H 196 40.12 -13.97 8.29
C ALA H 196 40.65 -15.06 7.36
N LEU H 197 39.88 -15.38 6.33
CA LEU H 197 40.20 -16.50 5.48
C LEU H 197 40.84 -16.15 4.12
N GLY H 198 40.84 -14.85 3.77
CA GLY H 198 41.33 -14.39 2.47
C GLY H 198 42.77 -14.74 2.20
N GLU H 199 43.59 -14.75 3.25
CA GLU H 199 45.00 -15.12 3.16
C GLU H 199 45.17 -16.56 2.62
N ASP H 200 44.18 -17.41 2.84
CA ASP H 200 44.19 -18.80 2.41
C ASP H 200 43.47 -18.97 1.08
N GLY H 201 43.12 -17.86 0.44
CA GLY H 201 42.52 -17.86 -0.89
C GLY H 201 41.05 -18.20 -0.85
N ILE H 202 40.44 -18.14 0.33
CA ILE H 202 39.03 -18.53 0.49
C ILE H 202 38.19 -17.26 0.37
N LYS H 203 37.25 -17.25 -0.59
CA LYS H 203 36.32 -16.10 -0.73
C LYS H 203 35.02 -16.41 0.01
N VAL H 204 34.39 -15.36 0.56
CA VAL H 204 33.33 -15.54 1.57
C VAL H 204 32.26 -14.48 1.31
N ASN H 205 31.08 -14.93 0.90
CA ASN H 205 30.03 -14.03 0.43
C ASN H 205 28.69 -14.45 0.92
N ALA H 206 27.68 -13.59 0.71
CA ALA H 206 26.30 -13.91 1.07
C ALA H 206 25.37 -13.57 -0.08
N VAL H 207 24.25 -14.30 -0.13
CA VAL H 207 23.20 -14.01 -1.08
C VAL H 207 21.98 -13.64 -0.26
N SER H 208 21.46 -12.45 -0.53
CA SER H 208 20.30 -11.94 0.18
C SER H 208 19.08 -12.19 -0.70
N ALA H 209 18.38 -13.27 -0.37
CA ALA H 209 17.24 -13.71 -1.19
C ALA H 209 15.98 -12.94 -0.86
N GLY H 210 15.16 -12.69 -1.88
CA GLY H 210 13.78 -12.28 -1.66
C GLY H 210 13.00 -13.41 -0.97
N PRO H 211 11.81 -13.09 -0.42
CA PRO H 211 11.03 -14.14 0.24
C PRO H 211 10.63 -15.27 -0.71
N ILE H 212 10.70 -16.49 -0.20
CA ILE H 212 10.32 -17.68 -0.93
C ILE H 212 9.50 -18.57 0.01
N LYS H 213 8.41 -19.13 -0.52
CA LYS H 213 7.56 -19.99 0.30
C LYS H 213 8.22 -21.36 0.51
N THR H 214 9.07 -21.44 1.54
CA THR H 214 9.76 -22.67 1.90
C THR H 214 9.15 -23.14 3.22
N LEU H 215 9.75 -24.15 3.86
CA LEU H 215 9.30 -24.54 5.19
C LEU H 215 9.49 -23.44 6.24
N ALA H 216 10.48 -22.57 6.03
CA ALA H 216 10.67 -21.38 6.87
C ALA H 216 9.41 -20.50 6.92
N ALA H 217 8.60 -20.55 5.87
CA ALA H 217 7.39 -19.71 5.80
C ALA H 217 6.20 -20.26 6.58
N SER H 218 6.25 -21.54 6.96
CA SER H 218 5.03 -22.21 7.43
C SER H 218 4.50 -21.67 8.76
N GLY H 219 5.38 -21.11 9.60
CA GLY H 219 4.92 -20.45 10.81
C GLY H 219 4.24 -19.10 10.60
N ILE H 220 4.48 -18.49 9.43
CA ILE H 220 4.20 -17.06 9.20
C ILE H 220 2.82 -16.82 8.55
N SER H 221 1.88 -16.34 9.36
CA SER H 221 0.49 -16.18 8.95
C SER H 221 0.28 -15.42 7.61
N ASN H 222 0.91 -14.26 7.47
CA ASN H 222 0.67 -13.42 6.28
C ASN H 222 1.77 -13.56 5.21
N PHE H 223 2.40 -14.73 5.17
CA PHE H 223 3.56 -14.87 4.33
C PHE H 223 3.25 -14.54 2.88
N LYS H 224 2.14 -15.05 2.36
CA LYS H 224 1.85 -14.81 0.96
C LYS H 224 1.62 -13.31 0.68
N LYS H 225 1.25 -12.54 1.70
CA LYS H 225 1.04 -11.10 1.54
C LYS H 225 2.39 -10.40 1.35
N MET H 226 3.43 -10.91 2.00
CA MET H 226 4.77 -10.39 1.78
CA MET H 226 4.78 -10.41 1.80
C MET H 226 5.26 -10.72 0.37
N LEU H 227 4.87 -11.88 -0.15
CA LEU H 227 5.14 -12.25 -1.53
C LEU H 227 4.42 -11.31 -2.48
N ASP H 228 3.13 -11.07 -2.21
CA ASP H 228 2.34 -10.15 -3.04
C ASP H 228 3.00 -8.76 -3.08
N TYR H 229 3.44 -8.28 -1.92
CA TYR H 229 4.08 -6.96 -1.85
C TYR H 229 5.37 -6.93 -2.69
N ASN H 230 6.18 -7.96 -2.54
CA ASN H 230 7.45 -8.04 -3.27
C ASN H 230 7.23 -7.99 -4.76
N ALA H 231 6.23 -8.73 -5.22
CA ALA H 231 5.90 -8.82 -6.65
C ALA H 231 5.35 -7.49 -7.17
N MET H 232 4.71 -6.71 -6.29
CA MET H 232 4.15 -5.42 -6.72
C MET H 232 5.21 -4.33 -6.81
N VAL H 233 6.07 -4.27 -5.79
CA VAL H 233 6.97 -3.12 -5.61
C VAL H 233 8.34 -3.33 -6.28
N SER H 234 8.74 -4.58 -6.50
CA SER H 234 10.06 -4.83 -7.10
C SER H 234 10.10 -4.39 -8.57
N PRO H 235 11.26 -3.88 -9.04
CA PRO H 235 11.40 -3.47 -10.42
C PRO H 235 10.99 -4.55 -11.44
N LEU H 236 11.33 -5.81 -11.18
CA LEU H 236 11.03 -6.89 -12.14
C LEU H 236 9.62 -7.47 -11.97
N LYS H 237 8.89 -6.97 -10.98
CA LYS H 237 7.46 -7.30 -10.79
C LYS H 237 7.20 -8.78 -10.68
N LYS H 238 8.04 -9.47 -9.92
CA LYS H 238 7.88 -10.90 -9.70
C LYS H 238 8.50 -11.28 -8.37
N ASN H 239 8.30 -12.53 -7.97
CA ASN H 239 9.02 -13.09 -6.85
C ASN H 239 10.17 -13.94 -7.39
N VAL H 240 11.22 -14.11 -6.61
CA VAL H 240 12.32 -14.96 -7.06
C VAL H 240 12.00 -16.44 -6.76
N ASP H 241 12.77 -17.33 -7.37
CA ASP H 241 12.63 -18.77 -7.06
C ASP H 241 13.96 -19.37 -6.62
N ILE H 242 13.92 -20.61 -6.15
CA ILE H 242 15.14 -21.25 -5.63
C ILE H 242 16.22 -21.45 -6.69
N MET H 243 15.82 -21.50 -7.96
CA MET H 243 16.83 -21.62 -9.03
C MET H 243 17.58 -20.30 -9.27
N GLU H 244 16.87 -19.17 -9.21
CA GLU H 244 17.55 -17.87 -9.33
C GLU H 244 18.54 -17.69 -8.20
N VAL H 245 18.14 -18.10 -7.00
CA VAL H 245 19.04 -18.01 -5.83
C VAL H 245 20.15 -19.05 -5.95
N GLY H 246 19.77 -20.28 -6.31
CA GLY H 246 20.73 -21.37 -6.46
C GLY H 246 21.83 -21.11 -7.47
N ASN H 247 21.44 -20.58 -8.64
CA ASN H 247 22.39 -20.24 -9.65
C ASN H 247 23.40 -19.17 -9.20
N THR H 248 22.93 -18.22 -8.39
CA THR H 248 23.81 -17.17 -7.89
C THR H 248 24.81 -17.71 -6.86
N VAL H 249 24.33 -18.58 -5.97
CA VAL H 249 25.23 -19.28 -5.04
C VAL H 249 26.25 -20.13 -5.82
N ALA H 250 25.78 -20.86 -6.83
CA ALA H 250 26.69 -21.63 -7.68
C ALA H 250 27.80 -20.75 -8.29
N PHE H 251 27.42 -19.62 -8.88
CA PHE H 251 28.38 -18.67 -9.43
C PHE H 251 29.41 -18.26 -8.38
N LEU H 252 28.95 -17.95 -7.17
CA LEU H 252 29.86 -17.45 -6.11
C LEU H 252 30.80 -18.53 -5.54
N CYS H 253 30.66 -19.77 -6.01
CA CYS H 253 31.60 -20.85 -5.64
C CYS H 253 32.44 -21.26 -6.84
N SER H 254 32.39 -20.46 -7.91
CA SER H 254 33.13 -20.79 -9.12
C SER H 254 34.41 -19.97 -9.23
N ASP H 255 35.31 -20.39 -10.11
CA ASP H 255 36.53 -19.65 -10.38
C ASP H 255 36.26 -18.31 -11.06
N MET H 256 35.07 -18.15 -11.63
CA MET H 256 34.70 -16.89 -12.26
C MET H 256 34.53 -15.79 -11.20
N ALA H 257 34.29 -16.19 -9.96
CA ALA H 257 33.95 -15.23 -8.91
C ALA H 257 35.12 -14.92 -8.01
N THR H 258 36.34 -15.26 -8.45
CA THR H 258 37.51 -15.14 -7.58
C THR H 258 37.90 -13.73 -7.19
N GLY H 259 37.31 -12.72 -7.83
CA GLY H 259 37.55 -11.34 -7.40
C GLY H 259 36.54 -10.83 -6.38
N ILE H 260 35.59 -11.69 -5.98
CA ILE H 260 34.48 -11.25 -5.12
C ILE H 260 34.58 -11.84 -3.71
N THR H 261 34.68 -10.98 -2.69
CA THR H 261 34.63 -11.46 -1.30
C THR H 261 34.05 -10.40 -0.38
N GLY H 262 33.41 -10.84 0.69
CA GLY H 262 32.82 -9.97 1.68
C GLY H 262 31.57 -9.25 1.15
N GLU H 263 30.99 -9.78 0.08
CA GLU H 263 29.90 -9.11 -0.63
C GLU H 263 28.56 -9.75 -0.28
N VAL H 264 27.49 -8.95 -0.33
CA VAL H 264 26.12 -9.45 -0.20
C VAL H 264 25.46 -9.15 -1.54
N VAL H 265 25.04 -10.20 -2.24
CA VAL H 265 24.42 -10.04 -3.56
C VAL H 265 22.92 -10.24 -3.38
N HIS H 266 22.10 -9.24 -3.73
CA HIS H 266 20.65 -9.38 -3.60
C HIS H 266 20.04 -10.10 -4.75
N VAL H 267 19.32 -11.19 -4.45
CA VAL H 267 18.59 -11.94 -5.46
C VAL H 267 17.12 -11.86 -5.05
N ASP H 268 16.49 -10.78 -5.47
CA ASP H 268 15.23 -10.35 -4.85
C ASP H 268 14.38 -9.57 -5.84
N ALA H 269 14.66 -9.74 -7.13
CA ALA H 269 13.94 -9.03 -8.21
C ALA H 269 14.06 -7.50 -8.12
N GLY H 270 15.06 -7.02 -7.39
CA GLY H 270 15.29 -5.57 -7.30
C GLY H 270 14.66 -4.91 -6.09
N TYR H 271 14.03 -5.72 -5.23
CA TYR H 271 13.35 -5.17 -4.06
C TYR H 271 14.24 -4.20 -3.29
N HIS H 272 15.51 -4.58 -3.10
CA HIS H 272 16.43 -3.79 -2.28
C HIS H 272 16.66 -2.37 -2.76
N CYS H 273 16.46 -2.10 -4.05
CA CYS H 273 16.90 -0.81 -4.61
C CYS H 273 15.80 0.26 -4.69
N VAL H 274 14.57 -0.11 -4.35
CA VAL H 274 13.42 0.82 -4.50
C VAL H 274 12.93 1.34 -3.15
N SER H 275 12.18 2.44 -3.21
CA SER H 275 11.45 2.92 -2.04
C SER H 275 10.07 3.43 -2.49
N MET H 276 9.04 3.05 -1.75
CA MET H 276 7.65 3.53 -1.89
C MET H 276 6.89 2.93 -3.08
N GLY H 277 7.40 3.18 -4.29
CA GLY H 277 6.69 2.83 -5.52
C GLY H 277 5.41 3.64 -5.75
N ASN H 278 4.65 3.28 -6.79
CA ASN H 278 3.50 4.08 -7.21
C ASN H 278 2.20 3.65 -6.54
N VAL H 279 2.20 2.46 -5.93
CA VAL H 279 0.98 1.96 -5.30
C VAL H 279 1.22 2.01 -3.80
N LEU H 280 0.64 3.00 -3.14
CA LEU H 280 0.90 3.28 -1.75
C LEU H 280 0.05 2.43 -0.83
C1 1JT I . -12.17 5.19 -21.63
C2 1JT I . -10.80 5.26 -21.29
C3 1JT I . -13.00 4.25 -21.00
C4 1JT I . -10.27 4.36 -20.37
C5 1JT I . -11.11 3.41 -19.77
C6 1JT I . -12.46 3.35 -20.08
N7 1JT I . -13.07 2.31 -19.36
C8 1JT I . -12.08 1.78 -18.68
N9 1JT I . -10.88 2.38 -18.87
C10 1JT I . -9.60 2.03 -18.26
C11 1JT I . -9.34 2.78 -16.96
C12 1JT I . -8.93 4.12 -16.97
C13 1JT I . -8.70 4.83 -15.79
C14 1JT I . -8.89 4.18 -14.58
C15 1JT I . -9.29 2.84 -14.54
C16 1JT I . -9.50 2.16 -15.73
C17 1JT I . -9.90 6.31 -21.89
C18 1JT I . -10.38 6.84 -23.22
C19 1JT I . -11.85 7.22 -23.18
C20 1JT I . -12.75 6.05 -22.73
O21 1JT I . -8.71 4.94 -13.46
C22 1JT I . -9.08 4.37 -12.20
C23 1JT I . -8.20 6.26 -15.84
PA NAD J . -10.96 -0.25 -26.99
O1A NAD J . -10.32 1.07 -27.20
O2A NAD J . -10.45 -1.45 -27.68
O5B NAD J . -12.50 -0.18 -27.39
C5B NAD J . -13.29 1.01 -27.13
C4B NAD J . -14.23 1.01 -28.34
O4B NAD J . -15.13 2.15 -28.21
C3B NAD J . -13.45 1.17 -29.69
O3B NAD J . -13.73 0.16 -30.66
C2B NAD J . -13.94 2.54 -30.16
O2B NAD J . -13.84 2.56 -31.58
C1B NAD J . -15.34 2.54 -29.55
N9A NAD J . -15.84 3.90 -29.75
C8A NAD J . -15.37 5.10 -29.28
N7A NAD J . -16.13 6.11 -29.73
C5A NAD J . -17.07 5.50 -30.50
C6A NAD J . -18.16 6.07 -31.23
N6A NAD J . -18.38 7.36 -31.25
N1A NAD J . -19.00 5.23 -31.94
C2A NAD J . -18.80 3.87 -31.96
N3A NAD J . -17.79 3.31 -31.25
C4A NAD J . -16.91 4.11 -30.52
O3 NAD J . -11.03 -0.44 -25.39
PN NAD J . -11.75 -1.50 -24.45
O1N NAD J . -10.96 -1.42 -23.24
O2N NAD J . -11.90 -2.82 -25.14
O5D NAD J . -13.17 -0.81 -24.19
C5D NAD J . -14.37 -1.53 -24.43
C4D NAD J . -15.38 -1.21 -23.37
O4D NAD J . -14.93 -1.80 -22.14
C3D NAD J . -15.62 0.24 -22.95
O3D NAD J . -17.01 0.44 -22.57
C2D NAD J . -14.75 0.43 -21.69
O2D NAD J . -15.15 1.51 -20.85
C1D NAD J . -14.98 -0.87 -21.03
N1N NAD J . -14.02 -1.27 -19.99
C2N NAD J . -12.61 -1.35 -20.26
C3N NAD J . -11.75 -1.74 -19.18
C7N NAD J . -10.26 -1.57 -19.36
O7N NAD J . -9.56 -1.43 -18.37
N7N NAD J . -9.76 -1.59 -20.62
C4N NAD J . -12.29 -2.04 -17.88
C5N NAD J . -13.68 -1.95 -17.65
C6N NAD J . -14.51 -1.58 -18.69
C1 GOL K . -11.44 -0.42 -2.61
O1 GOL K . -12.41 -0.76 -3.61
C2 GOL K . -10.03 -0.83 -3.05
O2 GOL K . -9.19 0.33 -3.19
C3 GOL K . -9.50 -1.67 -1.90
O3 GOL K . -9.84 -1.02 -0.66
C ACT L . -10.15 15.00 -27.47
O ACT L . -11.21 14.75 -28.06
OXT ACT L . -9.49 14.10 -26.92
CH3 ACT L . -9.69 16.41 -27.42
NA NA M . -16.77 -20.53 -39.52
C1 1JT N . -35.81 -21.59 4.31
C2 1JT N . -37.20 -21.58 4.08
C3 1JT N . -34.95 -20.90 3.45
C4 1JT N . -37.70 -20.89 2.97
C5 1JT N . -36.84 -20.23 2.12
C6 1JT N . -35.46 -20.22 2.35
N7 1JT N . -34.81 -19.52 1.33
C8 1JT N . -35.78 -19.14 0.53
N9 1JT N . -37.02 -19.53 0.94
C10 1JT N . -38.30 -19.24 0.29
C11 1JT N . -38.90 -17.92 0.75
C12 1JT N . -39.59 -17.83 1.95
C13 1JT N . -40.15 -16.64 2.41
C14 1JT N . -39.97 -15.50 1.61
C15 1JT N . -39.28 -15.57 0.41
C16 1JT N . -38.76 -16.78 -0.02
C17 1JT N . -38.15 -22.28 5.01
C18 1JT N . -37.52 -23.37 5.84
C19 1JT N . -36.22 -22.93 6.47
C20 1JT N . -35.21 -22.41 5.44
O21 1JT N . -40.49 -14.34 2.12
C22 1JT N . -40.31 -13.14 1.37
C23 1JT N . -40.92 -16.58 3.70
PA NAD O . -35.02 -27.71 -0.33
O1A NAD O . -35.88 -27.89 0.88
O2A NAD O . -35.18 -28.59 -1.47
O5B NAD O . -33.44 -27.78 0.00
C5B NAD O . -32.90 -27.22 1.24
C4B NAD O . -31.81 -28.23 1.69
O4B NAD O . -31.24 -27.79 2.97
C3B NAD O . -32.40 -29.65 1.93
O3B NAD O . -31.77 -30.68 1.15
C2B NAD O . -32.18 -29.87 3.42
O2B NAD O . -32.06 -31.29 3.63
C1B NAD O . -30.91 -29.03 3.60
N9A NAD O . -30.65 -28.91 5.02
C8A NAD O . -31.39 -28.36 6.02
N7A NAD O . -30.76 -28.50 7.19
C5A NAD O . -29.63 -29.16 6.88
C6A NAD O . -28.56 -29.56 7.74
N6A NAD O . -28.60 -29.34 9.04
N1A NAD O . -27.49 -30.22 7.17
C2A NAD O . -27.41 -30.48 5.83
N3A NAD O . -28.42 -30.09 5.02
C4A NAD O . -29.53 -29.42 5.53
O3 NAD O . -35.14 -26.16 -0.76
PN NAD O . -34.39 -25.24 -1.83
O1N NAD O . -35.40 -24.21 -2.08
O2N NAD O . -33.89 -26.05 -2.99
O5D NAD O . -33.24 -24.57 -0.95
C5D NAD O . -31.89 -24.71 -1.31
C4D NAD O . -31.19 -23.43 -1.00
O4D NAD O . -31.70 -22.45 -1.89
C3D NAD O . -31.32 -22.75 0.37
O3D NAD O . -30.06 -22.09 0.76
C2D NAD O . -32.39 -21.68 0.18
O2D NAD O . -32.30 -20.60 1.15
C1D NAD O . -32.02 -21.22 -1.17
N1N NAD O . -33.01 -20.41 -1.87
C2N NAD O . -34.33 -20.93 -2.16
C3N NAD O . -35.25 -20.09 -2.83
C7N NAD O . -36.71 -20.59 -2.93
O7N NAD O . -37.62 -19.80 -3.14
N7N NAD O . -36.95 -21.91 -2.78
C4N NAD O . -34.90 -18.76 -3.21
C5N NAD O . -33.60 -18.27 -2.93
C6N NAD O . -32.68 -19.07 -2.27
C1 GOL P . -38.48 -3.39 -4.34
O1 GOL P . -37.68 -4.57 -4.10
C2 GOL P . -39.60 -3.66 -5.34
O2 GOL P . -40.57 -2.59 -5.29
C3 GOL P . -40.27 -5.00 -5.01
O3 GOL P . -40.97 -4.89 -3.77
C1 GOL Q . -39.63 -14.35 -10.79
O1 GOL Q . -39.65 -12.92 -10.80
C2 GOL Q . -38.39 -14.86 -10.07
O2 GOL Q . -37.98 -13.83 -9.15
C3 GOL Q . -38.69 -16.21 -9.39
O3 GOL Q . -40.04 -16.35 -8.93
C1 GOL R . -24.39 -8.33 1.07
O1 GOL R . -24.30 -9.24 -0.03
C2 GOL R . -25.75 -8.49 1.71
O2 GOL R . -26.42 -7.23 1.43
C3 GOL R . -25.57 -8.83 3.20
O3 GOL R . -24.24 -9.31 3.55
C ACT S . -38.73 -26.47 14.49
O ACT S . -39.14 -26.10 13.36
OXT ACT S . -37.51 -26.60 14.75
CH3 ACT S . -39.72 -26.78 15.58
C1 1JT T . -38.38 16.12 -12.12
C2 1JT T . -39.76 15.84 -12.09
C3 1JT T . -37.53 15.58 -11.14
C4 1JT T . -40.29 15.05 -11.07
C5 1JT T . -39.44 14.53 -10.10
C6 1JT T . -38.06 14.78 -10.13
N7 1JT T . -37.45 14.18 -9.03
C8 1JT T . -38.42 13.60 -8.38
N9 1JT T . -39.65 13.76 -8.96
C10 1JT T . -40.93 13.23 -8.50
C11 1JT T . -41.18 11.84 -9.04
C12 1JT T . -41.62 11.66 -10.35
C13 1JT T . -41.86 10.39 -10.88
C14 1JT T . -41.67 9.29 -10.05
C15 1JT T . -41.26 9.45 -8.74
C16 1JT T . -41.01 10.72 -8.24
C17 1JT T . -40.68 16.35 -13.18
C18 1JT T . -40.17 17.61 -13.83
C19 1JT T . -38.74 17.41 -14.33
C20 1JT T . -37.79 17.05 -13.16
O21 1JT T . -41.88 8.07 -10.65
C22 1JT T . -41.55 6.92 -9.89
C23 1JT T . -42.24 10.24 -12.34
PA NAD U . -39.48 22.19 -7.52
O1A NAD U . -40.03 22.31 -8.88
O2A NAD U . -39.97 23.01 -6.42
O5B NAD U . -37.92 22.59 -7.57
C5B NAD U . -37.12 22.17 -8.72
C4B NAD U . -36.20 23.37 -8.95
O4B NAD U . -35.34 23.09 -10.09
C3B NAD U . -37.02 24.63 -9.35
O3B NAD U . -36.74 25.75 -8.51
C2B NAD U . -36.55 24.92 -10.76
O2B NAD U . -36.69 26.33 -10.96
C1B NAD U . -35.12 24.35 -10.68
N9A NAD U . -34.65 24.30 -12.04
C8A NAD U . -35.12 23.63 -13.11
N7A NAD U . -34.36 23.91 -14.19
C5A NAD U . -33.43 24.76 -13.73
C6A NAD U . -32.34 25.41 -14.42
N6A NAD U . -32.08 25.26 -15.71
N1A NAD U . -31.55 26.26 -13.69
C2A NAD U . -31.76 26.47 -12.36
N3A NAD U . -32.76 25.88 -11.70
C4A NAD U . -33.60 25.02 -12.38
O3 NAD U . -39.33 20.63 -7.14
PN NAD U . -38.72 19.85 -5.92
O1N NAD U . -39.48 18.65 -5.77
O2N NAD U . -38.54 20.75 -4.75
O5D NAD U . -37.32 19.39 -6.53
C5D NAD U . -36.09 19.85 -5.99
C4D NAD U . -35.10 18.72 -6.10
O4D NAD U . -35.56 17.61 -5.29
C3D NAD U . -34.88 18.06 -7.47
O3D NAD U . -33.47 17.70 -7.70
C2D NAD U . -35.71 16.80 -7.43
O2D NAD U . -35.32 15.81 -8.42
C1D NAD U . -35.49 16.36 -6.04
N1N NAD U . -36.43 15.34 -5.54
C2N NAD U . -37.84 15.60 -5.51
C3N NAD U . -38.71 14.58 -5.02
C7N NAD U . -40.21 14.81 -5.17
O7N NAD U . -40.94 13.84 -5.06
N7N NAD U . -40.70 16.04 -5.40
C4N NAD U . -38.18 13.33 -4.56
C5N NAD U . -36.78 13.10 -4.59
C6N NAD U . -35.93 14.10 -5.07
C ACT V . -40.39 20.42 -22.73
O ACT V . -39.25 20.94 -22.63
OXT ACT V . -41.00 19.95 -21.75
CH3 ACT V . -41.01 20.37 -24.09
NA NA W . -23.20 30.78 -21.63
C1 1JT X . -14.50 -5.74 17.97
C2 1JT X . -13.11 -5.46 17.93
C3 1JT X . -15.37 -5.00 17.15
C4 1JT X . -12.63 -4.43 17.11
C5 1JT X . -13.52 -3.70 16.35
C6 1JT X . -14.88 -3.97 16.36
N7 1JT X . -15.56 -3.09 15.50
C8 1JT X . -14.60 -2.34 15.00
N9 1JT X . -13.36 -2.64 15.46
C10 1JT X . -12.08 -2.03 15.06
C11 1JT X . -11.48 -2.68 13.84
C12 1JT X . -10.83 -3.91 13.92
C13 1JT X . -10.27 -4.53 12.81
C14 1JT X . -10.37 -3.88 11.58
C15 1JT X . -11.01 -2.65 11.47
C16 1JT X . -11.56 -2.06 12.60
C17 1JT X . -12.13 -6.30 18.72
C18 1JT X . -12.75 -6.92 19.96
C19 1JT X . -14.05 -7.65 19.63
C20 1JT X . -15.08 -6.74 18.95
O21 1JT X . -9.74 -4.51 10.54
C22 1JT X . -9.76 -3.86 9.25
C23 1JT X . -9.59 -5.88 12.94
PA NAD Y . -15.39 -0.20 23.34
O1A NAD Y . -14.58 -1.37 23.75
O2A NAD Y . -15.33 1.08 24.06
O5B NAD Y . -16.95 -0.60 23.46
C5B NAD Y . -17.44 -1.91 23.06
C4B NAD Y . -18.50 -2.19 24.14
O4B NAD Y . -19.08 -3.51 23.91
C3B NAD Y . -17.93 -2.22 25.59
O3B NAD Y . -18.56 -1.24 26.40
C2B NAD Y . -18.25 -3.63 26.04
O2B NAD Y . -18.37 -3.64 27.47
C1B NAD Y . -19.49 -3.93 25.19
N9A NAD Y . -19.69 -5.36 25.29
C8A NAD Y . -18.89 -6.40 24.93
N7A NAD Y . -19.49 -7.55 25.25
C5A NAD Y . -20.67 -7.19 25.83
C6A NAD Y . -21.71 -8.01 26.36
N6A NAD Y . -21.67 -9.33 26.37
N1A NAD Y . -22.82 -7.37 26.92
C2A NAD Y . -22.91 -6.00 26.93
N3A NAD Y . -21.93 -5.21 26.41
C4A NAD Y . -20.80 -5.80 25.86
O3 NAD Y . -15.26 -0.05 21.76
PN NAD Y . -15.96 0.86 20.68
O1N NAD Y . -14.95 0.99 19.64
O2N NAD Y . -16.52 2.11 21.30
O5D NAD Y . -17.09 -0.13 20.17
C5D NAD Y . -18.46 0.28 20.27
C4D NAD Y . -19.20 -0.16 19.03
O4D NAD Y . -18.62 0.57 17.92
C3D NAD Y . -19.06 -1.62 18.58
O3D NAD Y . -20.28 -2.14 17.96
C2D NAD Y . -17.96 -1.60 17.52
O2D NAD Y . -17.99 -2.73 16.64
C1D NAD Y . -18.31 -0.35 16.82
N1N NAD Y . -17.31 0.20 15.92
C2N NAD Y . -16.02 0.57 16.43
C3N NAD Y . -15.09 1.11 15.49
C7N NAD Y . -13.65 1.31 15.95
O7N NAD Y . -12.81 1.39 15.07
N7N NAD Y . -13.39 1.40 17.27
C4N NAD Y . -15.40 1.28 14.10
C5N NAD Y . -16.69 0.90 13.63
C6N NAD Y . -17.61 0.37 14.53
C1 1JT Z . 35.29 -3.33 23.82
C2 1JT Z . 36.69 -3.18 23.79
C3 1JT Z . 34.48 -2.54 23.01
C4 1JT Z . 37.25 -2.20 22.97
C5 1JT Z . 36.43 -1.39 22.19
C6 1JT Z . 35.05 -1.56 22.20
N7 1JT Z . 34.45 -0.61 21.36
C8 1JT Z . 35.45 0.08 20.89
N9 1JT Z . 36.66 -0.33 21.33
C10 1JT Z . 37.98 0.22 20.97
C11 1JT Z . 38.56 -0.44 19.73
C12 1JT Z . 39.22 -1.66 19.82
C13 1JT Z . 39.76 -2.30 18.71
C14 1JT Z . 39.62 -1.67 17.47
C15 1JT Z . 38.97 -0.44 17.35
C16 1JT Z . 38.45 0.17 18.49
C17 1JT Z . 37.61 -4.08 24.58
C18 1JT Z . 36.94 -4.72 25.77
C19 1JT Z . 35.58 -5.30 25.44
C20 1JT Z . 34.64 -4.27 24.82
O21 1JT Z . 40.16 -2.34 16.41
C22 1JT Z . 39.91 -1.82 15.09
C23 1JT Z . 40.48 -3.62 18.85
PA NAD AA . 34.59 2.17 29.25
O1A NAD AA . 35.36 0.96 29.69
O2A NAD AA . 34.77 3.44 29.93
O5B NAD AA . 32.99 1.90 29.29
C5B NAD AA . 32.51 0.56 28.98
C4B NAD AA . 31.38 0.35 30.00
O4B NAD AA . 30.76 -0.94 29.73
C3B NAD AA . 31.93 0.29 31.46
O3B NAD AA . 31.35 1.27 32.29
C2B NAD AA . 31.55 -1.12 31.88
O2B NAD AA . 31.36 -1.11 33.30
C1B NAD AA . 30.32 -1.38 31.00
N9A NAD AA . 30.03 -2.81 31.12
C8A NAD AA . 30.75 -3.91 30.77
N7A NAD AA . 30.08 -5.05 31.07
C5A NAD AA . 28.93 -4.58 31.62
C6A NAD AA . 27.82 -5.33 32.14
N6A NAD AA . 27.80 -6.64 32.14
N1A NAD AA . 26.76 -4.63 32.64
C2A NAD AA . 26.73 -3.26 32.66
N3A NAD AA . 27.78 -2.53 32.17
C4A NAD AA . 28.88 -3.19 31.65
O3 NAD AA . 34.85 2.36 27.67
PN NAD AA . 34.14 3.33 26.59
O1N NAD AA . 35.08 3.49 25.51
O2N NAD AA . 33.63 4.55 27.28
O5D NAD AA . 32.95 2.41 26.05
C5D NAD AA . 31.61 2.89 26.10
C4D NAD AA . 30.92 2.44 24.86
O4D NAD AA . 31.49 3.13 23.74
C3D NAD AA . 31.01 0.97 24.40
O3D NAD AA . 29.73 0.59 23.76
C2D NAD AA . 32.07 0.94 23.32
O2D NAD AA . 31.96 -0.22 22.47
C1D NAD AA . 31.77 2.22 22.64
N1N NAD AA . 32.84 2.75 21.78
C2N NAD AA . 34.13 3.07 22.31
C3N NAD AA . 35.10 3.58 21.39
C7N NAD AA . 36.53 3.70 21.89
O7N NAD AA . 37.43 3.72 21.04
N7N NAD AA . 36.76 3.79 23.20
C4N NAD AA . 34.82 3.77 19.99
C5N NAD AA . 33.52 3.44 19.51
C6N NAD AA . 32.57 2.94 20.40
C1 GOL BA . 40.40 4.14 4.74
O1 GOL BA . 40.63 3.36 3.55
C2 GOL BA . 39.82 3.22 5.80
O2 GOL BA . 40.81 2.25 6.21
C3 GOL BA . 38.62 2.54 5.13
O3 GOL BA . 37.45 2.72 5.93
C ACT CA . 37.90 -12.71 30.09
O ACT CA . 36.75 -12.73 30.57
OXT ACT CA . 38.32 -11.71 29.50
CH3 ACT CA . 38.78 -13.91 30.25
C1 1JT DA . 12.77 19.60 -6.49
C2 1JT DA . 11.38 19.34 -6.52
C3 1JT DA . 13.56 19.05 -5.47
C4 1JT DA . 10.81 18.58 -5.50
C5 1JT DA . 11.60 18.07 -4.49
C6 1JT DA . 12.98 18.29 -4.48
N7 1JT DA . 13.54 17.65 -3.37
C8 1JT DA . 12.53 17.12 -2.74
N9 1JT DA . 11.33 17.33 -3.35
C10 1JT DA . 10.02 16.84 -2.92
C11 1JT DA . 9.71 15.46 -3.45
C12 1JT DA . 9.32 15.29 -4.77
C13 1JT DA . 9.06 14.04 -5.31
C14 1JT DA . 9.17 12.93 -4.48
C15 1JT DA . 9.54 13.07 -3.15
C16 1JT DA . 9.81 14.33 -2.64
C17 1JT DA . 10.52 19.83 -7.65
C18 1JT DA . 11.07 21.07 -8.30
C19 1JT DA . 12.52 20.88 -8.70
C20 1JT DA . 13.41 20.53 -7.50
O21 1JT DA . 8.87 11.73 -5.06
C22 1JT DA . 9.16 10.53 -4.33
C23 1JT DA . 8.72 13.90 -6.77
PA NAD EA . 11.76 25.68 -1.83
O1A NAD EA . 11.16 25.79 -3.17
O2A NAD EA . 11.29 26.49 -0.71
O5B NAD EA . 13.35 25.97 -1.92
C5B NAD EA . 14.07 25.58 -3.10
C4B NAD EA . 15.05 26.74 -3.26
O4B NAD EA . 16.00 26.43 -4.33
C3B NAD EA . 14.32 28.06 -3.65
O3B NAD EA . 14.66 29.15 -2.79
C2B NAD EA . 14.83 28.33 -5.05
O2B NAD EA . 14.81 29.73 -5.23
C1B NAD EA . 16.22 27.70 -4.94
N9A NAD EA . 16.72 27.64 -6.30
C8A NAD EA . 16.22 27.01 -7.39
N7A NAD EA . 17.01 27.26 -8.46
C5A NAD EA . 17.98 28.07 -7.98
C6A NAD EA . 19.10 28.67 -8.65
N6A NAD EA . 19.34 28.48 -9.93
N1A NAD EA . 19.94 29.46 -7.90
C2A NAD EA . 19.74 29.68 -6.56
N3A NAD EA . 18.69 29.13 -5.91
C4A NAD EA . 17.81 28.32 -6.62
O3 NAD EA . 11.82 24.10 -1.47
PN NAD EA . 12.42 23.31 -0.24
O1N NAD EA . 11.59 22.12 -0.15
O2N NAD EA . 12.59 24.24 0.92
O5D NAD EA . 13.83 22.81 -0.84
C5D NAD EA . 15.04 23.19 -0.20
C4D NAD EA . 16.01 22.07 -0.38
O4D NAD EA . 15.48 20.98 0.40
C3D NAD EA . 16.23 21.45 -1.76
O3D NAD EA . 17.62 20.99 -1.93
C2D NAD EA . 15.34 20.22 -1.78
O2D NAD EA . 15.73 19.20 -2.73
C1D NAD EA . 15.52 19.76 -0.40
N1N NAD EA . 14.55 18.78 0.09
C2N NAD EA . 13.15 19.09 0.13
C3N NAD EA . 12.27 18.09 0.63
C7N NAD EA . 10.77 18.32 0.46
O7N NAD EA . 10.05 17.34 0.51
N7N NAD EA . 10.32 19.58 0.28
C4N NAD EA . 12.74 16.80 1.09
C5N NAD EA . 14.14 16.55 1.05
C6N NAD EA . 15.00 17.52 0.55
C1 GOL FA . 10.89 0.52 0.02
O1 GOL FA . 9.60 1.14 0.18
C2 GOL FA . 11.10 -0.43 1.17
O2 GOL FA . 12.43 -1.01 1.27
C3 GOL FA . 10.04 -1.48 0.89
O3 GOL FA . 9.02 -1.20 1.83
C ACT GA . 10.79 24.05 -16.92
O ACT GA . 12.00 24.27 -17.07
OXT ACT GA . 10.34 23.47 -15.91
CH3 ACT GA . 9.81 24.52 -17.97
NA NA HA . 29.02 33.59 -15.53
C1 1JT IA . 38.66 7.67 -15.65
C2 1JT IA . 40.03 7.66 -15.29
C3 1JT IA . 37.78 6.77 -15.04
C4 1JT IA . 40.49 6.73 -14.35
C5 1JT IA . 39.60 5.83 -13.78
C6 1JT IA . 38.25 5.83 -14.11
N7 1JT IA . 37.59 4.83 -13.42
C8 1JT IA . 38.51 4.24 -12.71
N9 1JT IA . 39.75 4.79 -12.87
C10 1JT IA . 41.00 4.34 -12.25
C11 1JT IA . 41.28 5.06 -10.95
C12 1JT IA . 41.71 6.38 -10.97
C13 1JT IA . 41.98 7.09 -9.80
C14 1JT IA . 41.80 6.44 -8.59
C15 1JT IA . 41.38 5.12 -8.55
C16 1JT IA . 41.13 4.44 -9.74
C17 1JT IA . 40.99 8.67 -15.87
C18 1JT IA . 40.56 9.17 -17.24
C19 1JT IA . 39.10 9.61 -17.26
C20 1JT IA . 38.13 8.57 -16.74
O21 1JT IA . 42.08 7.18 -7.47
C22 1JT IA . 41.89 6.54 -6.19
C23 1JT IA . 42.41 8.54 -9.87
PA NAD JA . 39.69 2.17 -21.01
O1A NAD JA . 40.37 3.45 -21.30
O2A NAD JA . 40.12 0.94 -21.67
O5B NAD JA . 38.11 2.30 -21.36
C5B NAD JA . 37.44 3.57 -21.18
C4B NAD JA . 36.52 3.64 -22.41
O4B NAD JA . 35.69 4.84 -22.28
C3B NAD JA . 37.32 3.77 -23.73
O3B NAD JA . 37.01 2.76 -24.68
C2B NAD JA . 36.87 5.15 -24.22
O2B NAD JA . 36.97 5.15 -25.64
C1B NAD JA . 35.46 5.20 -23.63
N9A NAD JA . 35.06 6.58 -23.81
C8A NAD JA . 35.57 7.73 -23.30
N7A NAD JA . 34.88 8.80 -23.74
C5A NAD JA . 33.92 8.23 -24.54
C6A NAD JA . 32.88 8.87 -25.29
N6A NAD JA . 32.72 10.17 -25.31
N1A NAD JA . 32.04 8.08 -26.03
C2A NAD JA . 32.18 6.72 -26.05
N3A NAD JA . 33.16 6.09 -25.34
C4A NAD JA . 34.03 6.84 -24.58
O3 NAD JA . 39.64 1.99 -19.42
PN NAD JA . 38.86 0.98 -18.47
O1N NAD JA . 39.58 1.02 -17.23
O2N NAD JA . 38.59 -0.30 -19.19
O5D NAD JA . 37.46 1.75 -18.23
C5D NAD JA . 36.25 1.04 -18.48
C4D NAD JA . 35.20 1.40 -17.48
O4D NAD JA . 35.63 0.78 -16.24
C3D NAD JA . 35.05 2.87 -17.07
O3D NAD JA . 33.66 3.19 -16.73
C2D NAD JA . 35.87 3.01 -15.79
O2D NAD JA . 35.52 4.15 -14.98
C1D NAD JA . 35.58 1.73 -15.14
N1N NAD JA . 36.48 1.33 -14.06
C2N NAD JA . 37.91 1.20 -14.29
C3N NAD JA . 38.72 0.79 -13.19
C7N NAD JA . 40.25 0.86 -13.37
O7N NAD JA . 40.94 0.88 -12.35
N7N NAD JA . 40.77 0.88 -14.59
C4N NAD JA . 38.16 0.54 -11.91
C5N NAD JA . 36.74 0.66 -11.71
C6N NAD JA . 35.94 1.05 -12.77
C ACT KA . 41.48 17.23 -21.54
O ACT KA . 40.30 17.49 -21.79
OXT ACT KA . 41.80 16.37 -20.70
CH3 ACT KA . 42.51 17.98 -22.31
NA NA LA . 32.92 -17.66 -33.74
C1 1JT MA . 13.57 -18.22 9.81
C2 1JT MA . 12.18 -18.17 9.54
C3 1JT MA . 14.45 -17.51 8.98
C4 1JT MA . 11.70 -17.44 8.44
C5 1JT MA . 12.59 -16.78 7.63
C6 1JT MA . 13.96 -16.79 7.89
N7 1JT MA . 14.64 -16.07 6.90
C8 1JT MA . 13.69 -15.65 6.10
N9 1JT MA . 12.44 -16.04 6.47
C10 1JT MA . 11.18 -15.74 5.79
C11 1JT MA . 10.58 -14.41 6.21
C12 1JT MA . 9.80 -14.31 7.36
C13 1JT MA . 9.33 -13.09 7.83
C14 1JT MA . 9.64 -11.94 7.09
C15 1JT MA . 10.39 -12.03 5.92
C16 1JT MA . 10.85 -13.25 5.49
C17 1JT MA . 11.18 -18.86 10.45
C18 1JT MA . 11.81 -20.02 11.21
C19 1JT MA . 13.08 -19.60 11.91
C20 1JT MA . 14.13 -19.07 10.92
O21 1JT MA . 9.19 -10.77 7.63
C22 1JT MA . 9.56 -9.56 6.95
C23 1JT MA . 8.58 -13.01 9.13
PA NAD NA . 14.22 -24.37 5.18
O1A NAD NA . 13.40 -24.52 6.42
O2A NAD NA . 14.05 -25.29 4.04
O5B NAD NA . 15.79 -24.47 5.50
C5B NAD NA . 16.28 -23.99 6.80
C4B NAD NA . 17.37 -25.00 7.18
O4B NAD NA . 17.95 -24.57 8.47
C3B NAD NA . 16.77 -26.43 7.41
O3B NAD NA . 17.45 -27.44 6.65
C2B NAD NA . 16.97 -26.64 8.90
O2B NAD NA . 17.09 -28.05 9.12
C1B NAD NA . 18.23 -25.80 9.11
N9A NAD NA . 18.45 -25.71 10.55
C8A NAD NA . 17.69 -25.15 11.52
N7A NAD NA . 18.28 -25.33 12.71
C5A NAD NA . 19.42 -26.01 12.42
C6A NAD NA . 20.46 -26.49 13.30
N6A NAD NA . 20.42 -26.29 14.60
N1A NAD NA . 21.52 -27.16 12.74
C2A NAD NA . 21.60 -27.38 11.39
N3A NAD NA . 20.63 -26.95 10.56
C4A NAD NA . 19.53 -26.25 11.07
O3 NAD NA . 14.10 -22.82 4.76
PN NAD NA . 14.87 -21.90 3.69
O1N NAD NA . 13.90 -20.87 3.37
O2N NAD NA . 15.42 -22.76 2.60
O5D NAD NA . 16.06 -21.23 4.53
C5D NAD NA . 17.43 -21.48 4.22
C4D NAD NA . 18.20 -20.22 4.52
O4D NAD NA . 17.70 -19.21 3.62
C3D NAD NA . 18.06 -19.53 5.88
O3D NAD NA . 19.35 -18.94 6.30
C2D NAD NA . 17.04 -18.43 5.66
O2D NAD NA . 17.09 -17.40 6.66
C1D NAD NA . 17.44 -17.95 4.34
N1N NAD NA . 16.46 -17.08 3.64
C2N NAD NA . 15.14 -17.55 3.33
C3N NAD NA . 14.23 -16.68 2.65
C7N NAD NA . 12.77 -17.14 2.57
O7N NAD NA . 11.90 -16.29 2.42
N7N NAD NA . 12.51 -18.45 2.67
C4N NAD NA . 14.63 -15.35 2.29
C5N NAD NA . 15.94 -14.91 2.61
C6N NAD NA . 16.83 -15.75 3.27
C ACT OA . 10.11 -23.15 19.58
O ACT OA . 9.78 -22.61 18.49
OXT ACT OA . 11.18 -22.90 20.17
CH3 ACT OA . 9.21 -24.17 20.23
NA NA PA . 28.96 -30.21 22.15
#